data_6EXF
#
_entry.id   6EXF
#
_cell.length_a   91.721
_cell.length_b   99.618
_cell.length_c   165.819
_cell.angle_alpha   90.00
_cell.angle_beta   90.00
_cell.angle_gamma   90.00
#
_symmetry.space_group_name_H-M   'P 21 21 21'
#
loop_
_entity.id
_entity.type
_entity.pdbx_description
1 polymer 'L-lysine 4-hydroxylase'
2 non-polymer 'FE (III) ION'
3 non-polymer LYSINE
4 non-polymer GLYCEROL
5 water water
#
_entity_poly.entity_id   1
_entity_poly.type   'polypeptide(L)'
_entity_poly.pdbx_seq_one_letter_code
;MKSQSIMSVERSAETSLTLEIPTSPLIIKITQQERNILSNVGNLLVKAFGNYENPDYIASLHLHAFQLLPERITRILSQF
GSDFSAEQYGAIVFQGLIEVDQDDLGPTPPNWQGADYGKLNKYGFICSLLHGAVPSKPVQYYAQRKGGGLLHAVIPDEKM
AATQTGSGSKTDLFVHTEDAFLSNQADFLSFLYLRNEERVPSTLYSIRSHGKMNPVMKKLFEPIYQCPKDANYNDEDVAN
SGPTASVLYGNRELPFIRFDAAEQIFNENAGQTSEALGNLMDFWDEAKTLINSDYIPNSGDLIFVNNHLCAHGRSAFIAG
QRIENGEIIKCERRQMLRMMSKTSLIHIRSVTRTDDPYFIMEEHLGKIFDLD
;
_entity_poly.pdbx_strand_id   A,B,C,D
#
loop_
_chem_comp.id
_chem_comp.type
_chem_comp.name
_chem_comp.formula
FE non-polymer 'FE (III) ION' 'Fe 3'
GOL non-polymer GLYCEROL 'C3 H8 O3'
#
# COMPACT_ATOMS: atom_id res chain seq x y z
N LEU A 19 35.65 -12.54 -10.04
CA LEU A 19 34.45 -12.65 -10.88
C LEU A 19 34.01 -14.10 -11.05
N GLU A 20 32.70 -14.34 -10.79
CA GLU A 20 32.07 -15.64 -11.03
C GLU A 20 31.48 -15.56 -12.44
N ILE A 21 32.21 -16.08 -13.45
CA ILE A 21 31.79 -16.14 -14.86
C ILE A 21 30.57 -17.07 -14.95
N PRO A 22 29.40 -16.60 -15.46
CA PRO A 22 28.24 -17.50 -15.56
C PRO A 22 28.39 -18.48 -16.72
N THR A 23 28.19 -19.78 -16.44
CA THR A 23 28.31 -20.85 -17.44
C THR A 23 26.98 -21.54 -17.70
N SER A 24 25.97 -21.24 -16.87
N SER A 24 25.98 -21.25 -16.86
CA SER A 24 24.65 -21.83 -16.98
CA SER A 24 24.66 -21.86 -16.93
C SER A 24 23.55 -20.82 -16.61
C SER A 24 23.54 -20.85 -16.58
N PRO A 25 22.28 -21.02 -17.08
CA PRO A 25 21.21 -20.09 -16.70
C PRO A 25 20.75 -20.26 -15.24
N LEU A 26 20.06 -19.25 -14.71
CA LEU A 26 19.46 -19.33 -13.39
C LEU A 26 18.24 -20.29 -13.49
N ILE A 27 18.15 -21.26 -12.57
CA ILE A 27 17.04 -22.22 -12.55
C ILE A 27 16.13 -21.85 -11.40
N ILE A 28 14.86 -21.56 -11.72
CA ILE A 28 13.83 -21.26 -10.71
C ILE A 28 12.84 -22.43 -10.71
N LYS A 29 12.69 -23.06 -9.55
CA LYS A 29 11.73 -24.15 -9.41
C LYS A 29 10.41 -23.53 -8.98
N ILE A 30 9.44 -23.48 -9.90
CA ILE A 30 8.10 -22.92 -9.60
C ILE A 30 7.38 -23.85 -8.64
N THR A 31 6.73 -23.28 -7.59
CA THR A 31 5.99 -24.07 -6.59
C THR A 31 4.56 -24.33 -7.08
N GLN A 32 3.86 -25.28 -6.44
CA GLN A 32 2.47 -25.59 -6.71
C GLN A 32 1.56 -24.37 -6.45
N GLN A 33 1.80 -23.62 -5.34
CA GLN A 33 1.01 -22.41 -5.05
C GLN A 33 1.14 -21.38 -6.17
N GLU A 34 2.39 -21.13 -6.65
CA GLU A 34 2.66 -20.24 -7.79
C GLU A 34 1.95 -20.70 -9.07
N ARG A 35 2.01 -22.03 -9.40
CA ARG A 35 1.32 -22.60 -10.55
C ARG A 35 -0.16 -22.36 -10.47
N ASN A 36 -0.76 -22.59 -9.28
CA ASN A 36 -2.20 -22.38 -9.05
C ASN A 36 -2.60 -20.90 -9.25
N ILE A 37 -1.77 -19.94 -8.78
CA ILE A 37 -1.98 -18.50 -8.98
C ILE A 37 -1.96 -18.18 -10.47
N LEU A 38 -0.90 -18.63 -11.18
CA LEU A 38 -0.79 -18.37 -12.61
C LEU A 38 -1.99 -18.88 -13.39
N SER A 39 -2.45 -20.07 -13.03
CA SER A 39 -3.62 -20.71 -13.65
C SER A 39 -4.92 -19.91 -13.42
N ASN A 40 -5.18 -19.52 -12.16
CA ASN A 40 -6.37 -18.74 -11.78
C ASN A 40 -6.39 -17.36 -12.44
N VAL A 41 -5.23 -16.68 -12.44
CA VAL A 41 -5.00 -15.36 -13.06
C VAL A 41 -5.21 -15.44 -14.58
N GLY A 42 -4.64 -16.49 -15.18
CA GLY A 42 -4.81 -16.75 -16.60
C GLY A 42 -6.27 -16.89 -16.97
N ASN A 43 -7.04 -17.70 -16.19
CA ASN A 43 -8.49 -17.90 -16.37
C ASN A 43 -9.29 -16.60 -16.23
N LEU A 44 -9.00 -15.76 -15.19
N LEU A 44 -8.97 -15.77 -15.20
CA LEU A 44 -9.73 -14.52 -15.00
CA LEU A 44 -9.62 -14.49 -14.95
C LEU A 44 -9.45 -13.49 -16.11
C LEU A 44 -9.42 -13.50 -16.08
N LEU A 45 -8.19 -13.45 -16.65
CA LEU A 45 -7.82 -12.56 -17.77
C LEU A 45 -8.53 -12.95 -19.06
N VAL A 46 -8.70 -14.27 -19.30
CA VAL A 46 -9.43 -14.82 -20.45
C VAL A 46 -10.90 -14.33 -20.36
N LYS A 47 -11.54 -14.46 -19.18
CA LYS A 47 -12.92 -13.99 -18.93
C LYS A 47 -13.04 -12.48 -19.08
N ALA A 48 -12.11 -11.72 -18.49
CA ALA A 48 -12.09 -10.25 -18.52
C ALA A 48 -11.81 -9.62 -19.88
N PHE A 49 -10.85 -10.17 -20.66
CA PHE A 49 -10.40 -9.54 -21.91
C PHE A 49 -10.58 -10.37 -23.18
N GLY A 50 -11.06 -11.60 -23.06
CA GLY A 50 -11.26 -12.44 -24.22
C GLY A 50 -9.99 -13.09 -24.70
N ASN A 51 -8.99 -12.27 -25.16
CA ASN A 51 -7.69 -12.75 -25.63
C ASN A 51 -6.56 -11.76 -25.29
N TYR A 52 -5.29 -12.26 -25.24
CA TYR A 52 -4.08 -11.51 -24.88
C TYR A 52 -3.69 -10.43 -25.89
N GLU A 53 -4.39 -10.35 -27.03
CA GLU A 53 -4.12 -9.30 -28.04
C GLU A 53 -5.13 -8.16 -27.95
N ASN A 54 -6.05 -8.21 -26.95
CA ASN A 54 -7.04 -7.16 -26.69
C ASN A 54 -6.27 -5.85 -26.40
N PRO A 55 -6.56 -4.75 -27.15
CA PRO A 55 -5.81 -3.49 -26.95
C PRO A 55 -5.95 -2.89 -25.55
N ASP A 56 -7.08 -3.14 -24.85
CA ASP A 56 -7.30 -2.67 -23.46
C ASP A 56 -6.38 -3.42 -22.50
N TYR A 57 -6.14 -4.71 -22.76
CA TYR A 57 -5.24 -5.53 -21.96
C TYR A 57 -3.79 -5.10 -22.21
N ILE A 58 -3.39 -4.97 -23.49
CA ILE A 58 -2.04 -4.57 -23.90
C ILE A 58 -1.67 -3.19 -23.33
N ALA A 59 -2.62 -2.23 -23.34
CA ALA A 59 -2.43 -0.87 -22.81
C ALA A 59 -2.20 -0.85 -21.28
N SER A 60 -2.71 -1.87 -20.56
CA SER A 60 -2.56 -1.94 -19.11
C SER A 60 -1.73 -3.17 -18.67
N LEU A 61 -0.90 -3.73 -19.58
CA LEU A 61 -0.11 -4.95 -19.37
C LEU A 61 0.75 -4.94 -18.10
N HIS A 62 1.56 -3.90 -17.90
CA HIS A 62 2.46 -3.81 -16.75
C HIS A 62 1.70 -3.76 -15.43
N LEU A 63 0.56 -3.06 -15.41
CA LEU A 63 -0.29 -3.02 -14.25
C LEU A 63 -0.82 -4.44 -13.89
N HIS A 64 -1.25 -5.26 -14.88
CA HIS A 64 -1.70 -6.64 -14.61
C HIS A 64 -0.54 -7.53 -14.23
N ALA A 65 0.65 -7.32 -14.85
CA ALA A 65 1.82 -8.12 -14.54
C ALA A 65 2.27 -7.93 -13.06
N PHE A 66 2.45 -6.67 -12.62
CA PHE A 66 2.90 -6.40 -11.26
C PHE A 66 1.80 -6.68 -10.22
N GLN A 67 0.51 -6.71 -10.64
CA GLN A 67 -0.51 -6.97 -9.63
C GLN A 67 -1.12 -8.40 -9.67
N LEU A 68 -0.88 -9.15 -10.71
CA LEU A 68 -1.45 -10.48 -10.76
C LEU A 68 -0.41 -11.60 -10.71
N LEU A 69 0.88 -11.31 -10.99
CA LEU A 69 1.85 -12.40 -10.95
C LEU A 69 2.26 -12.78 -9.52
N PRO A 70 2.61 -14.07 -9.25
CA PRO A 70 3.22 -14.41 -7.94
C PRO A 70 4.43 -13.52 -7.71
N GLU A 71 4.47 -12.84 -6.55
CA GLU A 71 5.47 -11.82 -6.20
C GLU A 71 6.92 -12.23 -6.47
N ARG A 72 7.29 -13.50 -6.22
CA ARG A 72 8.65 -13.99 -6.46
C ARG A 72 9.04 -13.88 -7.95
N ILE A 73 8.11 -14.22 -8.86
CA ILE A 73 8.34 -14.12 -10.32
C ILE A 73 8.56 -12.64 -10.73
N THR A 74 7.69 -11.76 -10.22
CA THR A 74 7.75 -10.33 -10.43
C THR A 74 9.17 -9.79 -10.05
N ARG A 75 9.66 -10.19 -8.86
CA ARG A 75 10.93 -9.84 -8.26
C ARG A 75 12.12 -10.28 -9.15
N ILE A 76 12.13 -11.54 -9.59
CA ILE A 76 13.12 -12.17 -10.45
C ILE A 76 13.21 -11.46 -11.82
N LEU A 77 12.05 -11.22 -12.48
CA LEU A 77 11.97 -10.61 -13.80
C LEU A 77 12.35 -9.12 -13.80
N SER A 78 11.97 -8.37 -12.75
CA SER A 78 12.30 -6.95 -12.54
C SER A 78 13.81 -6.78 -12.37
N GLN A 79 14.45 -7.66 -11.58
CA GLN A 79 15.89 -7.65 -11.36
C GLN A 79 16.62 -8.00 -12.68
N PHE A 80 16.10 -9.03 -13.40
CA PHE A 80 16.63 -9.50 -14.68
C PHE A 80 16.60 -8.45 -15.78
N GLY A 81 15.52 -7.69 -15.87
CA GLY A 81 15.36 -6.69 -16.93
C GLY A 81 16.42 -5.61 -17.03
N SER A 82 17.00 -5.19 -15.89
N SER A 82 17.02 -5.19 -15.92
CA SER A 82 18.01 -4.14 -15.79
CA SER A 82 18.06 -4.16 -15.99
C SER A 82 19.42 -4.67 -15.52
C SER A 82 19.46 -4.66 -15.59
N ASP A 83 19.59 -6.00 -15.46
CA ASP A 83 20.86 -6.66 -15.11
C ASP A 83 21.69 -7.04 -16.33
N PHE A 84 22.75 -6.25 -16.58
CA PHE A 84 23.67 -6.52 -17.71
C PHE A 84 25.09 -6.70 -17.20
N SER A 85 25.21 -7.06 -15.92
CA SER A 85 26.49 -7.23 -15.20
C SER A 85 27.27 -8.46 -15.67
N ALA A 86 28.53 -8.55 -15.24
CA ALA A 86 29.45 -9.66 -15.55
C ALA A 86 28.90 -11.02 -15.08
N GLU A 87 28.11 -11.03 -14.00
CA GLU A 87 27.55 -12.24 -13.39
C GLU A 87 26.26 -12.72 -14.04
N GLN A 88 25.62 -11.89 -14.86
CA GLN A 88 24.36 -12.23 -15.49
C GLN A 88 24.51 -13.10 -16.76
N TYR A 89 23.97 -14.36 -16.70
CA TYR A 89 23.98 -15.26 -17.85
C TYR A 89 23.08 -14.72 -19.01
N GLY A 90 21.93 -14.13 -18.66
CA GLY A 90 21.00 -13.61 -19.67
C GLY A 90 19.88 -14.57 -20.00
N ALA A 91 19.68 -15.59 -19.20
CA ALA A 91 18.61 -16.57 -19.40
C ALA A 91 18.21 -17.15 -18.04
N ILE A 92 16.92 -17.43 -17.89
CA ILE A 92 16.29 -18.00 -16.71
C ILE A 92 15.43 -19.15 -17.16
N VAL A 93 15.55 -20.30 -16.48
CA VAL A 93 14.69 -21.45 -16.69
C VAL A 93 13.66 -21.45 -15.56
N PHE A 94 12.39 -21.28 -15.88
CA PHE A 94 11.29 -21.40 -14.92
C PHE A 94 10.76 -22.83 -15.02
N GLN A 95 11.23 -23.73 -14.14
CA GLN A 95 10.82 -25.14 -14.12
C GLN A 95 9.41 -25.26 -13.58
N GLY A 96 8.56 -25.96 -14.33
CA GLY A 96 7.18 -26.19 -13.94
C GLY A 96 6.37 -24.93 -13.75
N LEU A 97 6.46 -23.98 -14.69
CA LEU A 97 5.69 -22.73 -14.63
C LEU A 97 4.19 -23.03 -14.76
N ILE A 98 3.86 -23.97 -15.65
CA ILE A 98 2.47 -24.41 -15.89
C ILE A 98 2.37 -25.91 -15.88
N GLU A 99 1.16 -26.41 -15.59
CA GLU A 99 0.88 -27.84 -15.66
C GLU A 99 0.17 -28.04 -17.01
N VAL A 100 0.78 -28.82 -17.91
CA VAL A 100 0.13 -29.05 -19.19
C VAL A 100 -0.64 -30.39 -19.11
N ASP A 101 -1.96 -30.35 -19.34
CA ASP A 101 -2.76 -31.57 -19.42
C ASP A 101 -2.59 -32.04 -20.87
N GLN A 102 -1.78 -33.10 -21.06
CA GLN A 102 -1.44 -33.65 -22.36
C GLN A 102 -2.62 -34.18 -23.18
N ASP A 103 -3.61 -34.81 -22.52
CA ASP A 103 -4.81 -35.33 -23.20
C ASP A 103 -5.71 -34.20 -23.72
N ASP A 104 -5.85 -33.11 -22.94
CA ASP A 104 -6.63 -31.93 -23.33
C ASP A 104 -5.92 -31.22 -24.50
N LEU A 105 -4.56 -31.12 -24.45
CA LEU A 105 -3.75 -30.52 -25.52
C LEU A 105 -3.90 -31.32 -26.81
N GLY A 106 -4.09 -32.64 -26.66
CA GLY A 106 -4.29 -33.59 -27.75
C GLY A 106 -3.12 -33.70 -28.68
N PRO A 107 -3.30 -34.27 -29.91
CA PRO A 107 -2.17 -34.41 -30.84
C PRO A 107 -1.60 -33.08 -31.36
N THR A 108 -0.27 -33.05 -31.57
CA THR A 108 0.45 -31.91 -32.14
C THR A 108 -0.02 -31.77 -33.61
N PRO A 109 -0.44 -30.55 -34.04
CA PRO A 109 -0.86 -30.36 -35.46
C PRO A 109 0.31 -30.61 -36.45
N PRO A 110 0.07 -30.88 -37.75
CA PRO A 110 1.19 -31.13 -38.69
C PRO A 110 2.20 -29.98 -38.81
N ASN A 111 1.73 -28.72 -38.69
CA ASN A 111 2.54 -27.51 -38.77
C ASN A 111 1.98 -26.41 -37.84
N TRP A 112 2.65 -25.22 -37.75
CA TRP A 112 2.21 -24.09 -36.90
C TRP A 112 0.85 -23.51 -37.32
N GLN A 113 0.47 -23.66 -38.61
CA GLN A 113 -0.81 -23.16 -39.15
C GLN A 113 -2.03 -23.89 -38.54
N GLY A 114 -1.80 -25.12 -38.08
CA GLY A 114 -2.80 -25.99 -37.48
C GLY A 114 -3.05 -25.82 -36.00
N ALA A 115 -2.28 -24.92 -35.34
CA ALA A 115 -2.39 -24.67 -33.91
C ALA A 115 -3.71 -23.97 -33.52
N ASP A 116 -4.41 -24.49 -32.49
CA ASP A 116 -5.67 -23.92 -32.03
C ASP A 116 -5.38 -22.86 -30.98
N TYR A 117 -5.58 -21.60 -31.37
CA TYR A 117 -5.30 -20.45 -30.54
C TYR A 117 -6.32 -20.18 -29.45
N GLY A 118 -7.49 -20.81 -29.55
CA GLY A 118 -8.48 -20.76 -28.49
C GLY A 118 -7.92 -21.52 -27.31
N LYS A 119 -7.18 -22.60 -27.59
CA LYS A 119 -6.54 -23.46 -26.59
C LYS A 119 -5.22 -22.91 -26.03
N LEU A 120 -4.54 -21.97 -26.74
CA LEU A 120 -3.26 -21.42 -26.27
C LEU A 120 -3.44 -20.03 -25.64
N ASN A 121 -4.69 -19.52 -25.67
CA ASN A 121 -5.08 -18.19 -25.19
C ASN A 121 -4.64 -17.90 -23.73
N LYS A 122 -4.91 -18.82 -22.81
CA LYS A 122 -4.51 -18.71 -21.41
C LYS A 122 -2.95 -18.65 -21.31
N TYR A 123 -2.25 -19.47 -22.12
CA TYR A 123 -0.80 -19.48 -22.15
C TYR A 123 -0.23 -18.15 -22.67
N GLY A 124 -0.90 -17.53 -23.63
CA GLY A 124 -0.53 -16.23 -24.16
C GLY A 124 -0.64 -15.13 -23.12
N PHE A 125 -1.66 -15.22 -22.23
CA PHE A 125 -1.84 -14.28 -21.13
C PHE A 125 -0.70 -14.42 -20.14
N ILE A 126 -0.36 -15.65 -19.73
CA ILE A 126 0.72 -15.95 -18.79
C ILE A 126 2.06 -15.44 -19.31
N CYS A 127 2.40 -15.78 -20.57
CA CYS A 127 3.64 -15.34 -21.21
C CYS A 127 3.73 -13.82 -21.30
N SER A 128 2.64 -13.16 -21.71
CA SER A 128 2.63 -11.71 -21.83
C SER A 128 2.81 -10.99 -20.47
N LEU A 129 2.32 -11.60 -19.37
CA LEU A 129 2.51 -11.08 -18.01
C LEU A 129 3.98 -11.16 -17.62
N LEU A 130 4.67 -12.28 -17.97
CA LEU A 130 6.11 -12.41 -17.71
C LEU A 130 6.92 -11.29 -18.39
N HIS A 131 6.67 -11.05 -19.69
CA HIS A 131 7.30 -9.95 -20.42
C HIS A 131 6.95 -8.58 -19.75
N GLY A 132 5.68 -8.39 -19.41
CA GLY A 132 5.18 -7.18 -18.75
C GLY A 132 5.88 -6.84 -17.44
N ALA A 133 6.40 -7.85 -16.70
CA ALA A 133 7.08 -7.64 -15.41
C ALA A 133 8.55 -7.27 -15.53
N VAL A 134 9.14 -7.39 -16.75
CA VAL A 134 10.54 -7.09 -17.02
C VAL A 134 10.88 -5.60 -16.64
N PRO A 135 10.13 -4.51 -17.03
CA PRO A 135 8.96 -4.45 -17.94
C PRO A 135 9.36 -4.45 -19.44
N SER A 136 8.57 -5.12 -20.27
CA SER A 136 8.84 -5.25 -21.70
C SER A 136 7.52 -5.44 -22.41
N LYS A 137 7.41 -4.95 -23.65
CA LYS A 137 6.13 -4.99 -24.40
C LYS A 137 6.14 -6.01 -25.51
N PRO A 138 5.25 -7.02 -25.46
CA PRO A 138 5.16 -7.99 -26.58
C PRO A 138 4.95 -7.31 -27.94
N VAL A 139 5.73 -7.74 -28.92
CA VAL A 139 5.70 -7.20 -30.29
C VAL A 139 5.59 -8.36 -31.27
N GLN A 140 5.29 -8.03 -32.53
CA GLN A 140 5.33 -9.00 -33.62
C GLN A 140 6.11 -8.38 -34.79
N TYR A 141 6.72 -9.24 -35.61
CA TYR A 141 7.59 -8.88 -36.74
C TYR A 141 7.04 -9.38 -38.05
N TYR A 142 6.93 -8.50 -39.06
CA TYR A 142 6.53 -8.89 -40.40
C TYR A 142 7.56 -9.92 -40.95
N ALA A 143 8.83 -9.80 -40.54
CA ALA A 143 9.94 -10.70 -40.89
C ALA A 143 9.70 -12.17 -40.47
N GLN A 144 8.83 -12.39 -39.45
CA GLN A 144 8.50 -13.71 -38.93
C GLN A 144 7.00 -13.98 -39.16
N ARG A 145 6.65 -14.81 -40.17
CA ARG A 145 5.25 -15.21 -40.47
C ARG A 145 4.33 -14.03 -40.80
N LYS A 146 4.89 -12.92 -41.34
CA LYS A 146 4.12 -11.71 -41.66
C LYS A 146 3.43 -11.19 -40.39
N GLY A 147 4.11 -11.36 -39.27
CA GLY A 147 3.64 -11.00 -37.93
C GLY A 147 3.25 -12.25 -37.17
N GLY A 148 2.18 -12.90 -37.61
CA GLY A 148 1.65 -14.13 -37.03
C GLY A 148 1.15 -14.08 -35.59
N GLY A 149 0.92 -12.89 -35.07
CA GLY A 149 0.47 -12.68 -33.70
C GLY A 149 1.58 -12.58 -32.67
N LEU A 150 1.21 -12.18 -31.43
CA LEU A 150 2.13 -12.03 -30.30
C LEU A 150 2.68 -13.36 -29.77
N LEU A 151 1.98 -14.45 -30.02
CA LEU A 151 2.37 -15.78 -29.55
C LEU A 151 2.50 -16.74 -30.73
N HIS A 152 3.67 -17.36 -30.90
CA HIS A 152 3.91 -18.27 -32.02
C HIS A 152 4.06 -19.69 -31.55
N ALA A 153 3.30 -20.60 -32.17
CA ALA A 153 3.42 -22.04 -31.92
C ALA A 153 4.59 -22.48 -32.82
N VAL A 154 5.59 -23.14 -32.24
CA VAL A 154 6.78 -23.65 -32.91
C VAL A 154 6.65 -25.16 -32.90
N ILE A 155 6.33 -25.71 -34.07
CA ILE A 155 6.03 -27.13 -34.28
C ILE A 155 6.90 -27.76 -35.39
N PRO A 156 7.55 -28.94 -35.16
CA PRO A 156 8.34 -29.56 -36.26
C PRO A 156 7.44 -30.10 -37.36
N ASP A 157 7.64 -29.57 -38.57
CA ASP A 157 6.93 -29.93 -39.79
C ASP A 157 7.83 -30.91 -40.56
N GLU A 158 7.28 -32.04 -41.00
CA GLU A 158 7.97 -33.08 -41.77
C GLU A 158 8.46 -32.56 -43.14
N LYS A 159 7.71 -31.60 -43.74
CA LYS A 159 8.00 -30.91 -45.00
C LYS A 159 9.31 -30.11 -44.89
N MET A 160 9.58 -29.57 -43.68
CA MET A 160 10.76 -28.77 -43.39
C MET A 160 11.64 -29.42 -42.30
N ALA A 161 11.71 -30.78 -42.33
CA ALA A 161 12.44 -31.63 -41.36
C ALA A 161 13.90 -31.24 -41.13
N ALA A 162 14.70 -31.10 -42.19
CA ALA A 162 16.10 -30.72 -41.99
C ALA A 162 16.39 -29.26 -42.38
N THR A 163 15.41 -28.35 -42.21
CA THR A 163 15.63 -26.93 -42.48
C THR A 163 16.19 -26.22 -41.23
N GLN A 164 16.95 -25.11 -41.45
CA GLN A 164 17.53 -24.30 -40.38
C GLN A 164 16.51 -23.23 -39.90
N THR A 165 15.33 -23.70 -39.46
CA THR A 165 14.21 -22.89 -38.94
C THR A 165 13.63 -23.55 -37.68
N GLY A 166 12.57 -22.93 -37.15
CA GLY A 166 11.83 -23.44 -36.00
C GLY A 166 10.91 -24.59 -36.36
N SER A 167 10.56 -24.71 -37.66
CA SER A 167 9.74 -25.80 -38.19
C SER A 167 10.64 -27.03 -38.48
N GLY A 168 11.93 -26.88 -38.14
CA GLY A 168 12.96 -27.90 -38.32
C GLY A 168 13.03 -28.92 -37.21
N SER A 169 13.77 -30.02 -37.48
CA SER A 169 13.96 -31.15 -36.57
C SER A 169 15.44 -31.52 -36.46
N LYS A 170 16.11 -31.81 -37.59
CA LYS A 170 17.53 -32.20 -37.60
C LYS A 170 18.49 -30.99 -37.80
N THR A 171 18.75 -30.26 -36.71
CA THR A 171 19.66 -29.09 -36.65
C THR A 171 20.60 -29.33 -35.49
N ASP A 172 21.94 -29.23 -35.67
CA ASP A 172 22.85 -29.51 -34.57
C ASP A 172 24.09 -28.59 -34.47
N LEU A 173 24.56 -28.38 -33.20
CA LEU A 173 25.75 -27.66 -32.68
C LEU A 173 25.76 -26.10 -32.84
N PHE A 174 24.77 -25.48 -33.54
CA PHE A 174 24.67 -24.03 -33.73
C PHE A 174 23.78 -23.30 -32.73
N VAL A 175 24.02 -21.99 -32.56
CA VAL A 175 23.31 -21.04 -31.67
C VAL A 175 23.10 -19.71 -32.40
N HIS A 176 22.04 -18.98 -32.03
CA HIS A 176 21.76 -17.67 -32.60
C HIS A 176 20.92 -16.85 -31.62
N THR A 177 21.10 -15.51 -31.70
CA THR A 177 20.22 -14.57 -31.03
C THR A 177 19.07 -14.43 -32.05
N GLU A 178 17.88 -14.08 -31.60
CA GLU A 178 16.71 -13.95 -32.48
C GLU A 178 16.82 -12.72 -33.36
N ASP A 179 16.53 -12.90 -34.66
CA ASP A 179 16.50 -11.88 -35.72
C ASP A 179 17.76 -10.98 -35.73
N ALA A 180 18.93 -11.63 -35.85
CA ALA A 180 20.23 -10.97 -35.91
C ALA A 180 20.35 -9.99 -37.12
N PHE A 181 19.53 -10.20 -38.16
CA PHE A 181 19.46 -9.38 -39.36
C PHE A 181 18.64 -8.07 -39.17
N LEU A 182 18.04 -7.86 -37.98
CA LEU A 182 17.24 -6.67 -37.66
C LEU A 182 17.90 -5.76 -36.65
N SER A 183 17.95 -4.45 -36.96
CA SER A 183 18.50 -3.45 -36.04
C SER A 183 17.63 -3.35 -34.79
N ASN A 184 16.34 -3.73 -34.92
CA ASN A 184 15.33 -3.67 -33.86
C ASN A 184 14.84 -5.04 -33.44
N GLN A 185 15.75 -6.03 -33.33
CA GLN A 185 15.48 -7.39 -32.90
C GLN A 185 14.89 -7.40 -31.49
N ALA A 186 14.24 -8.51 -31.08
CA ALA A 186 13.61 -8.61 -29.77
C ALA A 186 14.60 -8.30 -28.61
N ASP A 187 14.12 -7.67 -27.55
CA ASP A 187 14.94 -7.44 -26.37
C ASP A 187 14.86 -8.67 -25.48
N PHE A 188 13.65 -9.25 -25.34
CA PHE A 188 13.41 -10.42 -24.51
C PHE A 188 12.60 -11.45 -25.24
N LEU A 189 12.89 -12.72 -24.95
CA LEU A 189 12.23 -13.88 -25.56
C LEU A 189 11.74 -14.82 -24.49
N SER A 190 10.58 -15.45 -24.69
CA SER A 190 10.14 -16.54 -23.81
C SER A 190 9.86 -17.75 -24.69
N PHE A 191 10.27 -18.94 -24.21
CA PHE A 191 10.02 -20.22 -24.88
C PHE A 191 9.27 -21.11 -23.88
N LEU A 192 7.94 -21.23 -24.05
CA LEU A 192 7.11 -22.09 -23.22
C LEU A 192 7.00 -23.49 -23.88
N TYR A 193 7.51 -24.54 -23.22
CA TYR A 193 7.48 -25.92 -23.74
C TYR A 193 6.22 -26.63 -23.30
N LEU A 194 5.34 -26.92 -24.27
CA LEU A 194 4.10 -27.66 -24.01
C LEU A 194 4.39 -29.15 -23.99
N ARG A 195 5.36 -29.60 -24.83
CA ARG A 195 5.80 -31.01 -24.89
C ARG A 195 7.14 -31.15 -25.58
N ASN A 196 7.98 -32.01 -25.00
CA ASN A 196 9.34 -32.32 -25.42
C ASN A 196 9.58 -33.79 -25.06
N GLU A 197 8.71 -34.66 -25.59
CA GLU A 197 8.76 -36.11 -25.39
C GLU A 197 9.97 -36.72 -26.10
N GLU A 198 10.53 -36.00 -27.12
CA GLU A 198 11.74 -36.41 -27.84
C GLU A 198 12.98 -36.16 -26.95
N ARG A 199 12.82 -35.38 -25.86
N ARG A 199 12.81 -35.35 -25.89
CA ARG A 199 13.87 -35.04 -24.90
CA ARG A 199 13.81 -34.98 -24.89
C ARG A 199 15.02 -34.30 -25.58
C ARG A 199 14.99 -34.28 -25.54
N VAL A 200 14.68 -33.32 -26.41
CA VAL A 200 15.65 -32.51 -27.13
C VAL A 200 16.25 -31.50 -26.13
N PRO A 201 17.59 -31.41 -26.01
CA PRO A 201 18.19 -30.39 -25.12
C PRO A 201 17.98 -28.98 -25.67
N SER A 202 17.82 -28.02 -24.77
CA SER A 202 17.71 -26.62 -25.18
C SER A 202 19.06 -26.02 -25.01
N THR A 203 19.69 -25.65 -26.11
CA THR A 203 21.04 -25.12 -26.03
C THR A 203 21.04 -23.59 -25.85
N LEU A 204 21.91 -23.14 -24.94
CA LEU A 204 22.08 -21.72 -24.65
C LEU A 204 23.53 -21.33 -24.71
N TYR A 205 23.78 -20.09 -25.11
CA TYR A 205 25.13 -19.54 -25.17
C TYR A 205 25.11 -18.08 -24.71
N SER A 206 25.91 -17.75 -23.70
CA SER A 206 25.98 -16.38 -23.20
C SER A 206 27.31 -15.71 -23.54
N ILE A 207 27.25 -14.44 -23.97
CA ILE A 207 28.45 -13.64 -24.22
C ILE A 207 29.21 -13.42 -22.86
N ARG A 208 28.47 -13.49 -21.74
CA ARG A 208 29.07 -13.34 -20.41
C ARG A 208 29.92 -14.56 -19.98
N SER A 209 29.76 -15.72 -20.66
CA SER A 209 30.53 -16.94 -20.40
C SER A 209 32.00 -16.77 -20.81
N HIS A 210 32.33 -15.75 -21.63
CA HIS A 210 33.71 -15.46 -22.05
C HIS A 210 34.52 -14.77 -20.94
N GLY A 211 33.81 -14.19 -19.96
CA GLY A 211 34.44 -13.40 -18.92
C GLY A 211 34.88 -12.06 -19.48
N LYS A 212 36.06 -11.65 -19.09
CA LYS A 212 36.71 -10.40 -19.43
C LYS A 212 36.92 -10.21 -20.95
N MET A 213 36.75 -8.96 -21.42
N MET A 213 36.85 -8.94 -21.39
CA MET A 213 36.98 -8.52 -22.81
CA MET A 213 37.11 -8.54 -22.78
C MET A 213 38.42 -8.98 -23.24
C MET A 213 38.48 -9.03 -23.22
N ASN A 214 38.52 -9.68 -24.38
CA ASN A 214 39.77 -10.22 -24.90
C ASN A 214 39.95 -9.81 -26.37
N PRO A 215 41.14 -10.04 -27.00
CA PRO A 215 41.34 -9.55 -28.38
C PRO A 215 40.44 -10.16 -29.46
N VAL A 216 39.99 -11.39 -29.25
CA VAL A 216 39.12 -12.09 -30.19
C VAL A 216 37.75 -11.39 -30.22
N MET A 217 37.21 -11.12 -29.03
CA MET A 217 35.94 -10.42 -28.85
C MET A 217 36.00 -8.97 -29.34
N LYS A 218 37.11 -8.25 -29.07
CA LYS A 218 37.26 -6.84 -29.44
C LYS A 218 37.02 -6.52 -30.92
N LYS A 219 37.42 -7.44 -31.81
CA LYS A 219 37.26 -7.32 -33.27
C LYS A 219 35.80 -7.30 -33.71
N LEU A 220 34.91 -7.89 -32.90
CA LEU A 220 33.48 -7.97 -33.18
C LEU A 220 32.71 -6.66 -33.01
N PHE A 221 33.35 -5.62 -32.41
CA PHE A 221 32.76 -4.29 -32.28
C PHE A 221 32.78 -3.54 -33.61
N GLU A 222 33.64 -3.96 -34.56
CA GLU A 222 33.78 -3.36 -35.90
C GLU A 222 32.51 -3.59 -36.72
N PRO A 223 31.91 -2.56 -37.34
CA PRO A 223 30.66 -2.79 -38.11
C PRO A 223 30.91 -3.34 -39.52
N ILE A 224 31.61 -4.47 -39.61
CA ILE A 224 32.07 -5.09 -40.86
C ILE A 224 31.43 -6.45 -41.17
N TYR A 225 30.48 -6.90 -40.37
CA TYR A 225 29.88 -8.22 -40.52
C TYR A 225 28.54 -8.25 -41.22
N GLN A 226 28.36 -9.22 -42.11
CA GLN A 226 27.07 -9.45 -42.75
C GLN A 226 26.16 -10.15 -41.72
N CYS A 227 24.89 -9.79 -41.74
CA CYS A 227 23.87 -10.40 -40.89
C CYS A 227 22.76 -10.80 -41.88
N PRO A 228 22.91 -11.90 -42.66
CA PRO A 228 21.89 -12.23 -43.67
C PRO A 228 20.50 -12.54 -43.13
N LYS A 229 19.47 -12.12 -43.93
CA LYS A 229 18.03 -12.32 -43.74
C LYS A 229 17.74 -13.82 -43.60
N ASP A 230 16.86 -14.22 -42.64
CA ASP A 230 16.42 -15.59 -42.28
C ASP A 230 16.51 -16.62 -43.42
N SER A 241 26.80 -7.43 -50.96
CA SER A 241 25.90 -6.33 -51.33
C SER A 241 25.04 -5.78 -50.17
N GLY A 242 24.80 -6.62 -49.16
CA GLY A 242 23.99 -6.27 -48.00
C GLY A 242 24.66 -5.33 -47.00
N PRO A 243 23.87 -4.63 -46.14
CA PRO A 243 24.50 -3.76 -45.12
C PRO A 243 25.20 -4.57 -44.03
N THR A 244 26.27 -4.01 -43.49
CA THR A 244 27.04 -4.66 -42.43
C THR A 244 26.66 -4.10 -41.06
N ALA A 245 27.01 -4.83 -39.99
CA ALA A 245 26.77 -4.42 -38.60
C ALA A 245 27.85 -5.03 -37.70
N SER A 246 27.91 -4.55 -36.45
CA SER A 246 28.81 -5.07 -35.43
C SER A 246 28.18 -6.29 -34.77
N VAL A 247 28.99 -7.29 -34.41
CA VAL A 247 28.50 -8.48 -33.70
C VAL A 247 28.37 -8.08 -32.22
N LEU A 248 29.34 -7.32 -31.70
CA LEU A 248 29.32 -6.82 -30.34
C LEU A 248 28.99 -5.33 -30.32
N TYR A 249 28.17 -4.90 -29.38
CA TYR A 249 27.77 -3.49 -29.27
C TYR A 249 27.41 -3.19 -27.79
N GLY A 250 26.95 -1.97 -27.52
CA GLY A 250 26.64 -1.53 -26.16
C GLY A 250 27.91 -1.17 -25.43
N ASN A 251 28.01 -1.59 -24.17
CA ASN A 251 29.17 -1.30 -23.35
C ASN A 251 30.40 -2.10 -23.84
N ARG A 252 31.56 -1.41 -23.90
CA ARG A 252 32.84 -1.93 -24.38
C ARG A 252 33.40 -3.06 -23.53
N GLU A 253 33.16 -3.02 -22.22
CA GLU A 253 33.64 -4.04 -21.28
C GLU A 253 32.68 -5.21 -21.14
N LEU A 254 31.36 -4.92 -21.06
CA LEU A 254 30.26 -5.87 -20.86
C LEU A 254 29.28 -5.70 -22.02
N PRO A 255 29.61 -6.27 -23.21
CA PRO A 255 28.79 -6.01 -24.38
C PRO A 255 27.51 -6.78 -24.52
N PHE A 256 26.75 -6.36 -25.53
CA PHE A 256 25.56 -7.03 -26.06
C PHE A 256 25.99 -7.71 -27.36
N ILE A 257 25.24 -8.72 -27.78
CA ILE A 257 25.57 -9.51 -28.96
C ILE A 257 24.40 -9.70 -29.92
N ARG A 258 24.71 -9.67 -31.22
CA ARG A 258 23.85 -10.09 -32.34
C ARG A 258 24.68 -11.11 -33.10
N PHE A 259 24.23 -12.37 -33.11
CA PHE A 259 25.02 -13.43 -33.70
C PHE A 259 24.18 -14.59 -34.21
N ASP A 260 24.55 -15.12 -35.36
CA ASP A 260 23.91 -16.28 -35.98
C ASP A 260 25.00 -17.11 -36.63
N ALA A 261 25.48 -18.16 -35.92
CA ALA A 261 26.54 -19.04 -36.43
C ALA A 261 26.22 -19.64 -37.82
N ALA A 262 25.02 -20.19 -38.00
CA ALA A 262 24.59 -20.81 -39.27
C ALA A 262 24.52 -19.80 -40.42
N GLU A 263 23.94 -18.62 -40.18
CA GLU A 263 23.74 -17.59 -41.21
C GLU A 263 24.97 -16.72 -41.51
N GLN A 264 25.81 -16.42 -40.50
CA GLN A 264 26.98 -15.55 -40.74
C GLN A 264 28.24 -16.32 -41.04
N ILE A 265 28.35 -17.55 -40.54
CA ILE A 265 29.59 -18.31 -40.72
C ILE A 265 29.44 -19.48 -41.70
N PHE A 266 28.54 -20.41 -41.39
CA PHE A 266 28.44 -21.66 -42.14
C PHE A 266 27.49 -21.60 -43.35
N ASN A 267 27.21 -20.40 -43.82
CA ASN A 267 26.42 -20.10 -44.99
C ASN A 267 27.42 -19.71 -46.09
N GLU A 268 27.46 -20.47 -47.20
CA GLU A 268 28.37 -20.20 -48.33
C GLU A 268 28.07 -18.86 -48.98
N ASN A 269 26.80 -18.43 -48.98
CA ASN A 269 26.34 -17.17 -49.56
C ASN A 269 26.25 -16.00 -48.57
N ALA A 270 26.88 -16.14 -47.37
CA ALA A 270 26.85 -15.07 -46.36
C ALA A 270 27.52 -13.77 -46.88
N GLY A 271 28.51 -13.92 -47.77
CA GLY A 271 29.23 -12.82 -48.40
C GLY A 271 30.12 -12.03 -47.46
N GLN A 272 30.71 -12.69 -46.45
CA GLN A 272 31.63 -12.03 -45.51
C GLN A 272 32.95 -11.74 -46.19
N THR A 273 33.66 -10.68 -45.75
CA THR A 273 35.02 -10.42 -46.25
C THR A 273 35.92 -11.47 -45.57
N SER A 274 37.13 -11.70 -46.10
CA SER A 274 38.05 -12.68 -45.50
C SER A 274 38.44 -12.25 -44.08
N GLU A 275 38.57 -10.94 -43.85
CA GLU A 275 38.87 -10.36 -42.56
C GLU A 275 37.71 -10.64 -41.56
N ALA A 276 36.46 -10.34 -41.96
CA ALA A 276 35.25 -10.56 -41.16
C ALA A 276 35.01 -12.05 -40.86
N LEU A 277 35.16 -12.91 -41.88
CA LEU A 277 34.98 -14.36 -41.71
C LEU A 277 36.02 -14.92 -40.75
N GLY A 278 37.27 -14.46 -40.87
CA GLY A 278 38.36 -14.86 -39.99
C GLY A 278 38.04 -14.51 -38.54
N ASN A 279 37.56 -13.27 -38.32
CA ASN A 279 37.17 -12.79 -36.98
C ASN A 279 36.04 -13.62 -36.38
N LEU A 280 35.03 -13.97 -37.20
CA LEU A 280 33.87 -14.77 -36.78
C LEU A 280 34.27 -16.21 -36.45
N MET A 281 35.23 -16.78 -37.21
CA MET A 281 35.75 -18.14 -37.02
C MET A 281 36.55 -18.22 -35.73
N ASP A 282 37.39 -17.21 -35.46
CA ASP A 282 38.16 -17.12 -34.22
C ASP A 282 37.22 -17.01 -33.03
N PHE A 283 36.12 -16.23 -33.20
CA PHE A 283 35.10 -16.05 -32.17
C PHE A 283 34.34 -17.36 -31.93
N TRP A 284 33.90 -18.01 -33.03
CA TRP A 284 33.17 -19.28 -32.97
C TRP A 284 33.99 -20.37 -32.29
N ASP A 285 35.31 -20.42 -32.54
CA ASP A 285 36.21 -21.39 -31.89
C ASP A 285 36.19 -21.27 -30.37
N GLU A 286 36.14 -20.02 -29.87
CA GLU A 286 36.11 -19.69 -28.45
C GLU A 286 34.68 -19.93 -27.92
N ALA A 287 33.65 -19.43 -28.65
CA ALA A 287 32.24 -19.52 -28.26
C ALA A 287 31.69 -20.94 -28.15
N LYS A 288 32.00 -21.83 -29.14
CA LYS A 288 31.46 -23.21 -29.19
C LYS A 288 31.76 -24.04 -27.90
N THR A 289 32.88 -23.79 -27.21
CA THR A 289 33.25 -24.51 -25.99
C THR A 289 32.44 -24.04 -24.78
N LEU A 290 31.78 -22.88 -24.90
CA LEU A 290 30.99 -22.26 -23.84
C LEU A 290 29.49 -22.55 -23.94
N ILE A 291 29.04 -23.21 -25.03
CA ILE A 291 27.64 -23.57 -25.27
C ILE A 291 27.18 -24.56 -24.18
N ASN A 292 26.01 -24.28 -23.60
CA ASN A 292 25.43 -25.12 -22.56
C ASN A 292 24.19 -25.86 -23.09
N SER A 293 24.32 -27.20 -23.20
CA SER A 293 23.26 -28.10 -23.67
C SER A 293 22.80 -29.05 -22.57
N ASP A 294 23.10 -28.71 -21.29
CA ASP A 294 22.74 -29.53 -20.13
C ASP A 294 21.24 -29.59 -19.85
N TYR A 295 20.50 -28.49 -20.11
CA TYR A 295 19.08 -28.46 -19.82
C TYR A 295 18.19 -29.09 -20.89
N ILE A 296 17.41 -30.09 -20.46
CA ILE A 296 16.41 -30.77 -21.29
C ILE A 296 15.03 -30.35 -20.75
N PRO A 297 14.33 -29.43 -21.42
CA PRO A 297 13.05 -28.96 -20.88
C PRO A 297 11.94 -30.00 -20.80
N ASN A 298 11.16 -29.91 -19.73
CA ASN A 298 9.98 -30.75 -19.54
C ASN A 298 8.77 -29.93 -19.91
N SER A 299 7.65 -30.59 -20.12
CA SER A 299 6.36 -29.97 -20.39
C SER A 299 6.04 -29.00 -19.21
N GLY A 300 5.74 -27.75 -19.55
CA GLY A 300 5.45 -26.73 -18.57
C GLY A 300 6.61 -25.84 -18.18
N ASP A 301 7.82 -26.14 -18.68
CA ASP A 301 8.99 -25.29 -18.42
C ASP A 301 9.00 -24.11 -19.38
N LEU A 302 9.46 -22.95 -18.88
CA LEU A 302 9.58 -21.76 -19.70
C LEU A 302 11.00 -21.20 -19.58
N ILE A 303 11.66 -20.97 -20.72
CA ILE A 303 12.97 -20.33 -20.74
C ILE A 303 12.79 -18.86 -21.15
N PHE A 304 13.27 -17.95 -20.31
CA PHE A 304 13.17 -16.49 -20.51
C PHE A 304 14.58 -15.98 -20.80
N VAL A 305 14.75 -15.32 -21.93
CA VAL A 305 16.05 -14.89 -22.45
C VAL A 305 16.14 -13.40 -22.71
N ASN A 306 17.29 -12.82 -22.34
CA ASN A 306 17.71 -11.49 -22.72
C ASN A 306 18.38 -11.75 -24.07
N ASN A 307 17.68 -11.39 -25.18
CA ASN A 307 18.12 -11.59 -26.55
C ASN A 307 19.39 -10.78 -26.93
N HIS A 308 19.84 -9.87 -26.05
CA HIS A 308 21.07 -9.09 -26.23
C HIS A 308 22.28 -9.75 -25.53
N LEU A 309 22.03 -10.77 -24.69
CA LEU A 309 23.09 -11.46 -23.96
C LEU A 309 23.27 -12.91 -24.32
N CYS A 310 22.16 -13.59 -24.57
CA CYS A 310 22.14 -15.03 -24.68
C CYS A 310 21.54 -15.52 -25.98
N ALA A 311 22.32 -16.34 -26.72
CA ALA A 311 21.91 -16.99 -27.94
C ALA A 311 21.25 -18.34 -27.57
N HIS A 312 20.44 -18.88 -28.44
CA HIS A 312 19.74 -20.14 -28.21
C HIS A 312 19.86 -21.04 -29.44
N GLY A 313 19.69 -22.34 -29.22
CA GLY A 313 19.70 -23.33 -30.27
C GLY A 313 18.96 -24.59 -29.87
N ARG A 314 19.02 -25.59 -30.73
CA ARG A 314 18.36 -26.88 -30.46
C ARG A 314 19.17 -27.97 -31.16
N SER A 315 19.43 -29.08 -30.43
CA SER A 315 20.15 -30.26 -30.96
C SER A 315 19.31 -30.96 -32.03
N ALA A 316 19.93 -31.86 -32.81
CA ALA A 316 19.24 -32.63 -33.86
C ALA A 316 18.31 -33.63 -33.19
N PHE A 317 17.15 -33.91 -33.84
CA PHE A 317 16.16 -34.89 -33.36
C PHE A 317 15.23 -35.34 -34.46
N ILE A 318 14.64 -36.53 -34.28
CA ILE A 318 13.62 -37.05 -35.17
C ILE A 318 12.32 -36.74 -34.42
N ALA A 319 11.47 -35.90 -35.02
CA ALA A 319 10.21 -35.48 -34.43
C ALA A 319 9.28 -36.68 -34.18
N GLY A 320 8.73 -36.76 -32.98
CA GLY A 320 7.82 -37.84 -32.61
C GLY A 320 8.45 -39.14 -32.12
N GLN A 321 9.72 -39.09 -31.70
CA GLN A 321 10.39 -40.27 -31.16
C GLN A 321 11.60 -39.98 -30.27
N ARG A 322 11.91 -40.94 -29.37
N ARG A 322 11.93 -40.95 -29.39
CA ARG A 322 13.08 -40.95 -28.49
CA ARG A 322 13.11 -40.93 -28.53
C ARG A 322 13.64 -42.38 -28.44
C ARG A 322 13.66 -42.38 -28.48
N ILE A 323 14.96 -42.52 -28.21
CA ILE A 323 15.61 -43.83 -28.12
C ILE A 323 16.02 -44.12 -26.68
N GLU A 324 15.50 -45.21 -26.12
CA GLU A 324 15.80 -45.64 -24.76
C GLU A 324 16.10 -47.13 -24.74
N ASN A 325 17.28 -47.49 -24.19
CA ASN A 325 17.78 -48.85 -24.06
C ASN A 325 17.84 -49.59 -25.41
N GLY A 326 18.25 -48.86 -26.45
CA GLY A 326 18.37 -49.35 -27.82
C GLY A 326 17.06 -49.60 -28.55
N GLU A 327 15.94 -49.00 -28.06
CA GLU A 327 14.61 -49.14 -28.66
C GLU A 327 13.96 -47.78 -28.94
N ILE A 328 13.18 -47.70 -30.04
CA ILE A 328 12.47 -46.50 -30.47
C ILE A 328 11.15 -46.39 -29.72
N ILE A 329 10.93 -45.30 -29.02
CA ILE A 329 9.69 -45.01 -28.31
C ILE A 329 8.97 -43.89 -29.07
N LYS A 330 7.83 -44.21 -29.70
CA LYS A 330 7.03 -43.24 -30.44
C LYS A 330 6.33 -42.33 -29.45
N CYS A 331 6.19 -41.05 -29.81
CA CYS A 331 5.58 -40.06 -28.93
C CYS A 331 4.95 -38.91 -29.75
N GLU A 332 4.22 -38.01 -29.09
CA GLU A 332 3.64 -36.84 -29.74
C GLU A 332 4.77 -35.83 -30.05
N ARG A 333 4.69 -35.12 -31.20
CA ARG A 333 5.75 -34.21 -31.62
C ARG A 333 5.88 -32.95 -30.76
N ARG A 334 7.13 -32.44 -30.70
CA ARG A 334 7.57 -31.26 -29.98
C ARG A 334 6.64 -30.07 -30.22
N GLN A 335 6.39 -29.30 -29.15
CA GLN A 335 5.48 -28.15 -29.19
C GLN A 335 5.91 -27.09 -28.19
N MET A 336 6.28 -25.96 -28.72
CA MET A 336 6.81 -24.83 -27.97
C MET A 336 6.10 -23.55 -28.39
N LEU A 337 5.90 -22.61 -27.45
CA LEU A 337 5.28 -21.31 -27.72
C LEU A 337 6.30 -20.20 -27.49
N ARG A 338 6.48 -19.34 -28.51
CA ARG A 338 7.42 -18.23 -28.48
C ARG A 338 6.73 -16.85 -28.41
N MET A 339 7.21 -15.99 -27.51
CA MET A 339 6.78 -14.62 -27.40
C MET A 339 8.04 -13.72 -27.34
N MET A 340 7.99 -12.59 -28.05
CA MET A 340 9.09 -11.61 -28.17
C MET A 340 8.60 -10.25 -27.70
N SER A 341 9.48 -9.50 -27.08
CA SER A 341 9.13 -8.18 -26.57
C SER A 341 10.23 -7.13 -26.71
N LYS A 342 9.81 -5.84 -26.74
CA LYS A 342 10.68 -4.67 -26.79
C LYS A 342 10.43 -3.79 -25.56
N THR A 343 11.50 -3.27 -24.94
CA THR A 343 11.40 -2.43 -23.73
C THR A 343 10.96 -1.00 -24.06
N SER A 344 11.12 -0.58 -25.32
CA SER A 344 10.71 0.75 -25.74
C SER A 344 9.99 0.77 -27.10
N LEU A 345 8.76 1.30 -27.12
CA LEU A 345 7.98 1.51 -28.33
C LEU A 345 8.44 2.78 -29.05
N ILE A 346 9.07 3.71 -28.32
CA ILE A 346 9.54 4.98 -28.85
C ILE A 346 10.68 4.79 -29.87
N HIS A 347 11.71 4.06 -29.46
N HIS A 347 11.71 4.05 -29.50
CA HIS A 347 12.92 3.78 -30.23
CA HIS A 347 12.91 3.89 -30.31
C HIS A 347 12.65 3.06 -31.57
C HIS A 347 12.70 3.01 -31.56
N ILE A 348 11.62 2.20 -31.62
CA ILE A 348 11.25 1.40 -32.80
C ILE A 348 10.16 2.07 -33.65
N ARG A 349 9.70 3.27 -33.26
CA ARG A 349 8.58 3.94 -33.91
C ARG A 349 8.76 4.22 -35.41
N SER A 350 9.99 4.52 -35.89
CA SER A 350 10.21 4.73 -37.32
C SER A 350 10.05 3.41 -38.17
N VAL A 351 10.03 2.21 -37.51
CA VAL A 351 9.88 0.93 -38.24
C VAL A 351 8.53 0.21 -37.94
N THR A 352 7.65 0.82 -37.16
CA THR A 352 6.37 0.14 -36.86
C THR A 352 5.24 0.66 -37.71
N ARG A 353 4.13 -0.10 -37.78
CA ARG A 353 2.93 0.29 -38.51
C ARG A 353 2.33 1.54 -37.89
N THR A 354 1.85 2.47 -38.73
CA THR A 354 1.26 3.74 -38.28
C THR A 354 0.16 3.50 -37.22
N ASP A 355 -0.76 2.56 -37.50
CA ASP A 355 -1.89 2.22 -36.64
C ASP A 355 -1.58 1.11 -35.61
N ASP A 356 -0.33 0.58 -35.59
CA ASP A 356 0.07 -0.44 -34.62
C ASP A 356 1.55 -0.29 -34.19
N PRO A 357 1.81 0.43 -33.07
CA PRO A 357 3.20 0.64 -32.62
C PRO A 357 3.90 -0.61 -32.07
N TYR A 358 3.20 -1.77 -32.04
CA TYR A 358 3.71 -3.07 -31.57
C TYR A 358 4.06 -3.99 -32.77
N PHE A 359 3.86 -3.50 -34.01
CA PHE A 359 4.07 -4.30 -35.21
C PHE A 359 5.27 -3.78 -36.01
N ILE A 360 6.40 -4.50 -35.92
CA ILE A 360 7.64 -4.13 -36.59
C ILE A 360 7.67 -4.60 -38.06
N MET A 361 7.83 -3.60 -38.93
CA MET A 361 7.86 -3.71 -40.39
C MET A 361 9.28 -3.72 -40.95
N GLU A 362 10.30 -3.76 -40.10
CA GLU A 362 11.69 -3.81 -40.54
C GLU A 362 11.99 -5.14 -41.24
N GLU A 363 12.74 -5.05 -42.34
CA GLU A 363 13.17 -6.16 -43.17
C GLU A 363 14.62 -6.57 -42.93
N HIS A 364 15.55 -5.63 -42.98
CA HIS A 364 16.98 -5.94 -42.87
C HIS A 364 17.79 -4.71 -42.47
N LEU A 365 18.42 -4.75 -41.30
CA LEU A 365 19.31 -3.72 -40.72
C LEU A 365 18.94 -2.26 -41.09
N GLY A 366 17.72 -1.86 -40.74
CA GLY A 366 17.22 -0.52 -40.98
C GLY A 366 16.21 -0.40 -42.10
N LYS A 367 16.37 -1.24 -43.14
CA LYS A 367 15.50 -1.25 -44.32
C LYS A 367 14.15 -1.85 -43.92
N ILE A 368 13.07 -1.20 -44.34
CA ILE A 368 11.68 -1.57 -44.06
C ILE A 368 11.10 -2.35 -45.25
N PHE A 369 10.20 -3.31 -45.00
CA PHE A 369 9.57 -4.06 -46.10
C PHE A 369 8.86 -3.12 -47.05
N ASP A 370 9.06 -3.32 -48.36
CA ASP A 370 8.39 -2.50 -49.38
C ASP A 370 7.18 -3.27 -49.90
N LEU A 371 6.02 -3.04 -49.30
CA LEU A 371 4.80 -3.76 -49.69
C LEU A 371 4.02 -3.10 -50.85
N LEU B 19 -12.90 17.86 -30.85
CA LEU B 19 -11.59 18.05 -30.22
C LEU B 19 -10.63 16.85 -30.46
N GLU B 20 -10.56 16.35 -31.72
CA GLU B 20 -9.64 15.28 -32.08
C GLU B 20 -8.20 15.80 -32.10
N ILE B 21 -7.95 17.01 -32.70
CA ILE B 21 -6.63 17.65 -32.66
C ILE B 21 -6.43 18.19 -31.22
N PRO B 22 -5.44 17.68 -30.46
CA PRO B 22 -5.25 18.18 -29.09
C PRO B 22 -4.59 19.55 -29.08
N THR B 23 -5.17 20.48 -28.32
CA THR B 23 -4.67 21.86 -28.22
C THR B 23 -4.21 22.17 -26.79
N SER B 24 -4.51 21.26 -25.85
CA SER B 24 -4.17 21.44 -24.44
C SER B 24 -3.85 20.11 -23.75
N PRO B 25 -3.06 20.13 -22.65
CA PRO B 25 -2.75 18.85 -21.95
C PRO B 25 -3.94 18.29 -21.18
N LEU B 26 -3.86 17.02 -20.82
CA LEU B 26 -4.88 16.38 -19.99
C LEU B 26 -4.66 16.89 -18.55
N ILE B 27 -5.74 17.34 -17.89
CA ILE B 27 -5.69 17.85 -16.52
C ILE B 27 -6.29 16.80 -15.60
N ILE B 28 -5.51 16.35 -14.62
CA ILE B 28 -5.93 15.39 -13.62
C ILE B 28 -5.96 16.11 -12.29
N LYS B 29 -7.13 16.15 -11.66
CA LYS B 29 -7.27 16.76 -10.34
C LYS B 29 -7.02 15.66 -9.31
N ILE B 30 -5.85 15.69 -8.64
CA ILE B 30 -5.53 14.70 -7.60
C ILE B 30 -6.46 14.91 -6.37
N THR B 31 -7.03 13.83 -5.82
CA THR B 31 -7.92 13.91 -4.66
C THR B 31 -7.10 13.96 -3.36
N GLN B 32 -7.73 14.34 -2.25
CA GLN B 32 -7.11 14.39 -0.92
C GLN B 32 -6.63 13.02 -0.50
N GLN B 33 -7.44 11.97 -0.76
N GLN B 33 -7.44 11.98 -0.79
CA GLN B 33 -7.08 10.60 -0.38
CA GLN B 33 -7.14 10.57 -0.51
C GLN B 33 -5.85 10.11 -1.19
C GLN B 33 -5.83 10.18 -1.18
N GLU B 34 -5.71 10.48 -2.49
CA GLU B 34 -4.52 10.15 -3.32
C GLU B 34 -3.28 10.90 -2.81
N ARG B 35 -3.43 12.20 -2.50
CA ARG B 35 -2.39 13.07 -1.97
C ARG B 35 -1.86 12.55 -0.61
N ASN B 36 -2.76 12.07 0.26
CA ASN B 36 -2.40 11.52 1.57
C ASN B 36 -1.68 10.18 1.46
N ILE B 37 -2.16 9.26 0.59
CA ILE B 37 -1.52 7.95 0.34
C ILE B 37 -0.09 8.18 -0.19
N LEU B 38 0.06 9.01 -1.25
CA LEU B 38 1.34 9.39 -1.85
C LEU B 38 2.34 9.93 -0.82
N SER B 39 1.89 10.86 0.07
CA SER B 39 2.68 11.44 1.16
C SER B 39 3.17 10.35 2.14
N ASN B 40 2.28 9.45 2.58
CA ASN B 40 2.68 8.39 3.49
C ASN B 40 3.68 7.44 2.81
N VAL B 41 3.37 7.00 1.56
CA VAL B 41 4.23 6.13 0.72
C VAL B 41 5.63 6.78 0.60
N GLY B 42 5.66 8.09 0.36
CA GLY B 42 6.88 8.88 0.26
C GLY B 42 7.70 8.86 1.52
N ASN B 43 7.02 9.02 2.69
CA ASN B 43 7.65 8.94 4.02
C ASN B 43 8.22 7.55 4.29
N LEU B 44 7.46 6.50 3.95
CA LEU B 44 7.87 5.12 4.16
C LEU B 44 9.09 4.75 3.31
N LEU B 45 9.13 5.20 2.04
CA LEU B 45 10.25 4.98 1.12
C LEU B 45 11.53 5.67 1.59
N VAL B 46 11.42 6.89 2.17
CA VAL B 46 12.53 7.63 2.78
C VAL B 46 13.12 6.78 3.91
N LYS B 47 12.27 6.26 4.83
CA LYS B 47 12.67 5.41 5.95
C LYS B 47 13.28 4.11 5.47
N ALA B 48 12.66 3.45 4.47
CA ALA B 48 13.09 2.17 3.92
C ALA B 48 14.39 2.20 3.12
N PHE B 49 14.58 3.24 2.27
CA PHE B 49 15.73 3.30 1.36
C PHE B 49 16.67 4.49 1.53
N GLY B 50 16.37 5.40 2.44
CA GLY B 50 17.22 6.54 2.67
C GLY B 50 17.03 7.64 1.66
N ASN B 51 17.31 7.36 0.38
CA ASN B 51 17.15 8.32 -0.72
C ASN B 51 16.75 7.62 -2.02
N TYR B 52 16.11 8.37 -2.94
CA TYR B 52 15.58 7.89 -4.21
C TYR B 52 16.64 7.41 -5.20
N GLU B 53 17.95 7.60 -4.87
CA GLU B 53 19.08 7.17 -5.71
C GLU B 53 19.69 5.86 -5.24
N ASN B 54 19.12 5.26 -4.16
CA ASN B 54 19.52 3.98 -3.62
C ASN B 54 19.40 2.91 -4.73
N PRO B 55 20.51 2.18 -5.05
CA PRO B 55 20.45 1.17 -6.12
C PRO B 55 19.42 0.05 -5.91
N ASP B 56 19.11 -0.30 -4.65
CA ASP B 56 18.10 -1.32 -4.30
C ASP B 56 16.70 -0.80 -4.64
N TYR B 57 16.47 0.50 -4.43
CA TYR B 57 15.18 1.12 -4.76
C TYR B 57 15.02 1.22 -6.27
N ILE B 58 16.07 1.73 -6.97
CA ILE B 58 16.07 1.91 -8.41
C ILE B 58 15.85 0.56 -9.13
N ALA B 59 16.49 -0.52 -8.65
CA ALA B 59 16.36 -1.86 -9.23
C ALA B 59 14.93 -2.40 -9.12
N SER B 60 14.18 -1.97 -8.08
CA SER B 60 12.80 -2.44 -7.89
C SER B 60 11.75 -1.32 -8.08
N LEU B 61 12.11 -0.25 -8.81
CA LEU B 61 11.26 0.92 -9.07
C LEU B 61 9.88 0.60 -9.61
N HIS B 62 9.79 -0.21 -10.68
CA HIS B 62 8.51 -0.54 -11.31
C HIS B 62 7.59 -1.31 -10.37
N LEU B 63 8.17 -2.18 -9.54
CA LEU B 63 7.44 -2.92 -8.54
C LEU B 63 6.78 -1.96 -7.53
N HIS B 64 7.55 -0.98 -7.01
CA HIS B 64 7.03 0.01 -6.05
C HIS B 64 6.03 0.92 -6.72
N ALA B 65 6.27 1.32 -7.97
CA ALA B 65 5.37 2.22 -8.71
C ALA B 65 3.98 1.57 -8.93
N PHE B 66 3.96 0.34 -9.50
CA PHE B 66 2.67 -0.33 -9.77
C PHE B 66 1.94 -0.80 -8.52
N GLN B 67 2.66 -1.07 -7.42
CA GLN B 67 1.98 -1.51 -6.19
C GLN B 67 1.63 -0.38 -5.23
N LEU B 68 2.48 0.67 -5.12
CA LEU B 68 2.28 1.73 -4.13
C LEU B 68 1.56 2.96 -4.62
N LEU B 69 1.54 3.24 -5.92
CA LEU B 69 0.82 4.42 -6.41
C LEU B 69 -0.70 4.23 -6.41
N PRO B 70 -1.49 5.29 -6.13
CA PRO B 70 -2.95 5.18 -6.29
C PRO B 70 -3.24 4.71 -7.73
N GLU B 71 -4.00 3.59 -7.86
CA GLU B 71 -4.31 2.91 -9.12
C GLU B 71 -4.74 3.84 -10.28
N ARG B 72 -5.48 4.93 -10.00
CA ARG B 72 -5.91 5.88 -11.03
C ARG B 72 -4.68 6.54 -11.71
N ILE B 73 -3.66 6.95 -10.94
CA ILE B 73 -2.43 7.57 -11.44
C ILE B 73 -1.65 6.56 -12.30
N THR B 74 -1.56 5.31 -11.84
CA THR B 74 -0.88 4.21 -12.53
C THR B 74 -1.52 3.95 -13.91
N ARG B 75 -2.87 3.88 -13.98
CA ARG B 75 -3.59 3.66 -15.24
C ARG B 75 -3.38 4.80 -16.24
N ILE B 76 -3.44 6.06 -15.76
CA ILE B 76 -3.19 7.24 -16.57
C ILE B 76 -1.77 7.21 -17.17
N LEU B 77 -0.75 6.99 -16.33
CA LEU B 77 0.67 6.97 -16.76
C LEU B 77 1.03 5.82 -17.69
N SER B 78 0.47 4.61 -17.42
CA SER B 78 0.64 3.39 -18.24
C SER B 78 0.06 3.58 -19.64
N GLN B 79 -1.15 4.18 -19.74
CA GLN B 79 -1.83 4.48 -21.00
C GLN B 79 -0.99 5.50 -21.79
N PHE B 80 -0.52 6.55 -21.08
CA PHE B 80 0.28 7.65 -21.62
C PHE B 80 1.61 7.21 -22.23
N GLY B 81 2.31 6.30 -21.56
CA GLY B 81 3.62 5.83 -22.01
C GLY B 81 3.70 5.24 -23.40
N SER B 82 2.63 4.54 -23.81
CA SER B 82 2.55 3.91 -25.12
C SER B 82 1.60 4.60 -26.11
N ASP B 83 1.13 5.81 -25.78
CA ASP B 83 0.18 6.54 -26.61
C ASP B 83 0.87 7.61 -27.47
N PHE B 84 0.97 7.33 -28.78
CA PHE B 84 1.58 8.25 -29.74
C PHE B 84 0.57 8.59 -30.84
N SER B 85 -0.72 8.36 -30.56
CA SER B 85 -1.82 8.60 -31.49
C SER B 85 -2.06 10.10 -31.79
N ALA B 86 -2.90 10.37 -32.78
CA ALA B 86 -3.27 11.71 -33.24
C ALA B 86 -3.93 12.54 -32.12
N GLU B 87 -4.62 11.87 -31.19
CA GLU B 87 -5.37 12.51 -30.10
C GLU B 87 -4.49 12.84 -28.87
N GLN B 88 -3.28 12.28 -28.79
CA GLN B 88 -2.39 12.48 -27.65
C GLN B 88 -1.59 13.80 -27.72
N TYR B 89 -1.82 14.69 -26.73
CA TYR B 89 -1.10 15.96 -26.61
C TYR B 89 0.40 15.73 -26.24
N GLY B 90 0.67 14.76 -25.37
CA GLY B 90 2.03 14.45 -24.92
C GLY B 90 2.38 15.12 -23.60
N ALA B 91 1.36 15.69 -22.90
CA ALA B 91 1.55 16.26 -21.57
C ALA B 91 0.33 16.01 -20.71
N ILE B 92 0.55 15.85 -19.40
CA ILE B 92 -0.47 15.68 -18.36
C ILE B 92 -0.13 16.63 -17.21
N VAL B 93 -1.13 17.32 -16.69
CA VAL B 93 -0.98 18.13 -15.49
C VAL B 93 -1.66 17.36 -14.33
N PHE B 94 -0.90 17.06 -13.31
CA PHE B 94 -1.42 16.48 -12.08
C PHE B 94 -1.52 17.66 -11.10
N GLN B 95 -2.75 18.20 -10.93
CA GLN B 95 -3.08 19.33 -10.03
C GLN B 95 -3.12 18.83 -8.60
N GLY B 96 -2.36 19.49 -7.72
CA GLY B 96 -2.28 19.16 -6.30
C GLY B 96 -1.78 17.74 -6.04
N LEU B 97 -0.69 17.32 -6.70
CA LEU B 97 -0.14 15.99 -6.46
C LEU B 97 0.44 15.89 -5.03
N ILE B 98 1.08 16.99 -4.59
CA ILE B 98 1.68 17.06 -3.27
C ILE B 98 1.27 18.32 -2.54
N GLU B 99 1.37 18.29 -1.21
CA GLU B 99 1.12 19.45 -0.37
C GLU B 99 2.49 19.95 0.01
N VAL B 100 2.84 21.16 -0.40
CA VAL B 100 4.17 21.69 -0.12
C VAL B 100 4.16 22.43 1.21
N ASP B 101 5.00 21.94 2.14
CA ASP B 101 5.23 22.53 3.47
C ASP B 101 6.24 23.65 3.18
N GLN B 102 5.70 24.86 2.95
CA GLN B 102 6.47 26.05 2.57
C GLN B 102 7.41 26.53 3.69
N ASP B 103 7.03 26.30 4.98
CA ASP B 103 7.83 26.67 6.14
C ASP B 103 9.05 25.76 6.28
N ASP B 104 8.85 24.42 6.12
CA ASP B 104 9.93 23.43 6.20
C ASP B 104 10.91 23.58 5.04
N LEU B 105 10.39 23.87 3.82
CA LEU B 105 11.19 24.10 2.60
C LEU B 105 12.15 25.28 2.79
N GLY B 106 11.71 26.29 3.54
CA GLY B 106 12.49 27.49 3.85
C GLY B 106 12.69 28.40 2.65
N PRO B 107 13.53 29.45 2.76
CA PRO B 107 13.72 30.36 1.61
C PRO B 107 14.33 29.69 0.38
N THR B 108 13.99 30.19 -0.82
CA THR B 108 14.51 29.69 -2.08
C THR B 108 16.00 30.06 -2.17
N PRO B 109 16.90 29.08 -2.45
CA PRO B 109 18.33 29.41 -2.54
C PRO B 109 18.65 30.37 -3.70
N PRO B 110 19.81 31.09 -3.70
CA PRO B 110 20.10 32.02 -4.83
C PRO B 110 20.19 31.33 -6.20
N ASN B 111 20.65 30.07 -6.23
CA ASN B 111 20.80 29.26 -7.44
C ASN B 111 20.51 27.79 -7.14
N TRP B 112 20.64 26.89 -8.14
CA TRP B 112 20.38 25.46 -7.94
C TRP B 112 21.38 24.79 -6.98
N GLN B 113 22.56 25.42 -6.80
CA GLN B 113 23.60 25.00 -5.86
C GLN B 113 23.24 25.56 -4.45
N GLY B 114 22.06 25.17 -3.96
CA GLY B 114 21.51 25.56 -2.66
C GLY B 114 21.19 24.36 -1.80
N ALA B 115 20.33 23.46 -2.33
CA ALA B 115 19.89 22.16 -1.79
C ALA B 115 19.33 22.14 -0.34
N ASP B 116 18.07 21.67 -0.21
CA ASP B 116 17.35 21.50 1.06
C ASP B 116 16.57 20.17 1.02
N TYR B 117 17.28 19.05 1.30
CA TYR B 117 16.76 17.68 1.24
C TYR B 117 15.79 17.34 2.39
N GLY B 118 15.53 16.05 2.59
CA GLY B 118 14.55 15.57 3.55
C GLY B 118 13.21 15.61 2.86
N LYS B 119 12.70 16.85 2.60
CA LYS B 119 11.48 17.08 1.84
C LYS B 119 11.78 16.79 0.37
N LEU B 120 12.91 17.35 -0.16
CA LEU B 120 13.38 17.15 -1.54
C LEU B 120 13.58 15.67 -1.83
N ASN B 121 14.10 14.95 -0.84
CA ASN B 121 14.30 13.51 -0.84
C ASN B 121 12.96 12.77 -1.04
N LYS B 122 11.92 13.17 -0.27
CA LYS B 122 10.57 12.63 -0.38
C LYS B 122 9.96 12.94 -1.76
N TYR B 123 10.20 14.15 -2.27
CA TYR B 123 9.73 14.59 -3.59
C TYR B 123 10.35 13.76 -4.71
N GLY B 124 11.61 13.41 -4.56
CA GLY B 124 12.34 12.56 -5.51
C GLY B 124 11.77 11.18 -5.58
N PHE B 125 11.29 10.64 -4.43
CA PHE B 125 10.64 9.33 -4.38
C PHE B 125 9.33 9.37 -5.13
N ILE B 126 8.50 10.39 -4.86
CA ILE B 126 7.20 10.54 -5.49
C ILE B 126 7.35 10.68 -7.00
N CYS B 127 8.24 11.58 -7.47
CA CYS B 127 8.51 11.76 -8.90
C CYS B 127 9.02 10.50 -9.58
N SER B 128 9.92 9.73 -8.91
CA SER B 128 10.47 8.49 -9.48
C SER B 128 9.40 7.39 -9.63
N LEU B 129 8.42 7.37 -8.71
CA LEU B 129 7.30 6.43 -8.81
C LEU B 129 6.46 6.75 -10.04
N LEU B 130 6.22 8.05 -10.34
CA LEU B 130 5.48 8.44 -11.53
C LEU B 130 6.19 7.98 -12.81
N HIS B 131 7.53 8.21 -12.91
CA HIS B 131 8.31 7.72 -14.06
C HIS B 131 8.27 6.18 -14.14
N GLY B 132 8.34 5.54 -12.96
CA GLY B 132 8.28 4.09 -12.84
C GLY B 132 7.01 3.47 -13.37
N ALA B 133 5.87 4.23 -13.34
CA ALA B 133 4.58 3.69 -13.81
C ALA B 133 4.33 3.91 -15.33
N VAL B 134 5.22 4.61 -16.02
CA VAL B 134 5.10 4.84 -17.46
C VAL B 134 5.10 3.50 -18.26
N PRO B 135 5.98 2.48 -18.06
CA PRO B 135 7.17 2.42 -17.19
C PRO B 135 8.36 3.10 -17.86
N SER B 136 9.17 3.78 -17.06
CA SER B 136 10.34 4.49 -17.55
C SER B 136 11.30 4.59 -16.39
N LYS B 137 12.58 4.66 -16.71
CA LYS B 137 13.66 4.66 -15.75
C LYS B 137 14.34 6.03 -15.60
N PRO B 138 14.35 6.61 -14.38
CA PRO B 138 15.06 7.89 -14.16
C PRO B 138 16.54 7.78 -14.47
N VAL B 139 17.05 8.77 -15.20
CA VAL B 139 18.44 8.82 -15.63
C VAL B 139 19.02 10.21 -15.32
N GLN B 140 20.34 10.32 -15.41
CA GLN B 140 21.01 11.61 -15.31
C GLN B 140 21.99 11.76 -16.47
N TYR B 141 22.27 13.02 -16.80
CA TYR B 141 23.11 13.37 -17.94
C TYR B 141 24.30 14.13 -17.51
N TYR B 142 25.47 13.76 -18.03
CA TYR B 142 26.68 14.52 -17.79
C TYR B 142 26.50 15.90 -18.44
N ALA B 143 25.73 15.96 -19.57
CA ALA B 143 25.41 17.17 -20.34
C ALA B 143 24.67 18.23 -19.51
N GLN B 144 23.97 17.79 -18.45
CA GLN B 144 23.22 18.66 -17.54
C GLN B 144 23.83 18.59 -16.14
N ARG B 145 24.62 19.62 -15.80
CA ARG B 145 25.29 19.83 -14.51
C ARG B 145 26.23 18.67 -14.12
N LYS B 146 26.88 18.03 -15.14
CA LYS B 146 27.80 16.88 -14.97
C LYS B 146 27.12 15.74 -14.18
N GLY B 147 25.83 15.58 -14.46
CA GLY B 147 24.93 14.64 -13.82
C GLY B 147 23.90 15.38 -13.00
N GLY B 148 24.35 15.93 -11.85
CA GLY B 148 23.54 16.69 -10.89
C GLY B 148 22.54 15.89 -10.05
N GLY B 149 22.45 14.59 -10.31
CA GLY B 149 21.49 13.72 -9.62
C GLY B 149 20.23 13.50 -10.43
N LEU B 150 19.37 12.56 -9.97
CA LEU B 150 18.11 12.20 -10.65
C LEU B 150 17.04 13.28 -10.53
N LEU B 151 17.10 14.14 -9.48
CA LEU B 151 16.15 15.23 -9.26
C LEU B 151 16.90 16.55 -9.21
N HIS B 152 16.58 17.46 -10.15
CA HIS B 152 17.29 18.74 -10.31
C HIS B 152 16.41 19.87 -9.94
N ALA B 153 16.91 20.76 -9.07
CA ALA B 153 16.21 21.97 -8.65
C ALA B 153 16.44 23.04 -9.71
N VAL B 154 15.37 23.71 -10.14
CA VAL B 154 15.38 24.78 -11.14
C VAL B 154 14.92 26.09 -10.47
N GLY B 168 11.92 32.26 -12.61
CA GLY B 168 11.00 32.73 -13.62
C GLY B 168 10.17 33.92 -13.17
N SER B 169 9.99 34.90 -14.08
CA SER B 169 9.23 36.14 -13.82
C SER B 169 8.30 36.55 -14.99
N LYS B 170 8.42 35.90 -16.18
CA LYS B 170 7.58 36.22 -17.34
C LYS B 170 7.24 35.00 -18.24
N THR B 171 6.08 35.10 -18.93
CA THR B 171 5.54 34.12 -19.90
C THR B 171 6.53 33.92 -21.07
N ASP B 172 6.72 32.65 -21.47
CA ASP B 172 7.67 32.23 -22.50
C ASP B 172 7.22 32.50 -23.93
N LEU B 173 8.18 32.94 -24.75
CA LEU B 173 7.98 33.22 -26.16
C LEU B 173 8.51 32.03 -26.96
N PHE B 174 9.47 31.28 -26.37
CA PHE B 174 10.13 30.11 -26.95
C PHE B 174 9.82 28.82 -26.18
N VAL B 175 9.77 27.72 -26.92
CA VAL B 175 9.52 26.37 -26.43
C VAL B 175 10.64 25.48 -26.95
N HIS B 176 10.97 24.45 -26.20
CA HIS B 176 11.97 23.49 -26.61
C HIS B 176 11.71 22.12 -25.98
N THR B 177 12.11 21.05 -26.67
CA THR B 177 12.09 19.71 -26.10
C THR B 177 13.43 19.68 -25.35
N GLU B 178 13.54 18.86 -24.32
CA GLU B 178 14.75 18.78 -23.50
C GLU B 178 15.88 18.07 -24.26
N ASP B 179 17.08 18.66 -24.17
CA ASP B 179 18.35 18.18 -24.76
C ASP B 179 18.22 17.78 -26.22
N ALA B 180 17.73 18.73 -27.05
CA ALA B 180 17.55 18.57 -28.49
C ALA B 180 18.89 18.26 -29.22
N PHE B 181 20.02 18.56 -28.58
CA PHE B 181 21.38 18.33 -29.10
C PHE B 181 21.88 16.89 -28.82
N LEU B 182 21.10 16.10 -28.08
CA LEU B 182 21.45 14.70 -27.75
C LEU B 182 20.61 13.72 -28.54
N SER B 183 21.20 12.64 -29.06
N SER B 183 21.20 12.65 -29.09
CA SER B 183 20.50 11.56 -29.78
CA SER B 183 20.47 11.62 -29.80
C SER B 183 19.72 10.71 -28.78
C SER B 183 19.75 10.67 -28.80
N ASN B 184 20.17 10.69 -27.52
CA ASN B 184 19.56 9.93 -26.41
C ASN B 184 18.94 10.85 -25.37
N GLN B 185 18.23 11.89 -25.84
CA GLN B 185 17.52 12.86 -24.99
C GLN B 185 16.43 12.11 -24.19
N ALA B 186 15.96 12.72 -23.08
CA ALA B 186 14.96 12.12 -22.21
C ALA B 186 13.73 11.68 -22.98
N ASP B 187 13.13 10.55 -22.58
CA ASP B 187 11.88 10.11 -23.18
C ASP B 187 10.73 10.81 -22.47
N PHE B 188 10.84 10.95 -21.12
CA PHE B 188 9.81 11.55 -20.27
C PHE B 188 10.41 12.52 -19.29
N LEU B 189 9.67 13.58 -19.00
CA LEU B 189 10.07 14.64 -18.08
C LEU B 189 8.97 14.87 -17.07
N SER B 190 9.35 15.22 -15.85
CA SER B 190 8.39 15.66 -14.87
C SER B 190 8.89 17.01 -14.34
N PHE B 191 7.95 17.97 -14.16
CA PHE B 191 8.23 19.28 -13.58
C PHE B 191 7.33 19.45 -12.37
N LEU B 192 7.91 19.38 -11.17
CA LEU B 192 7.25 19.56 -9.90
C LEU B 192 7.41 21.00 -9.42
N TYR B 193 6.30 21.72 -9.38
CA TYR B 193 6.30 23.12 -8.97
C TYR B 193 6.18 23.19 -7.47
N LEU B 194 7.22 23.77 -6.83
CA LEU B 194 7.25 23.95 -5.38
C LEU B 194 6.73 25.32 -5.00
N ARG B 195 7.04 26.35 -5.83
CA ARG B 195 6.66 27.76 -5.67
C ARG B 195 6.49 28.42 -7.05
N ASN B 196 5.42 29.24 -7.20
CA ASN B 196 5.12 30.01 -8.41
C ASN B 196 4.21 31.18 -8.01
N GLU B 197 4.73 31.99 -7.05
CA GLU B 197 4.11 33.17 -6.46
C GLU B 197 3.95 34.26 -7.50
N GLU B 198 4.91 34.33 -8.44
CA GLU B 198 4.92 35.31 -9.54
C GLU B 198 3.87 34.94 -10.59
N ARG B 199 3.19 33.76 -10.43
CA ARG B 199 2.12 33.26 -11.30
C ARG B 199 2.57 33.15 -12.76
N VAL B 200 3.80 32.62 -12.96
CA VAL B 200 4.42 32.40 -14.27
C VAL B 200 3.71 31.24 -14.96
N PRO B 201 3.18 31.43 -16.18
CA PRO B 201 2.54 30.31 -16.90
C PRO B 201 3.57 29.28 -17.37
N SER B 202 3.17 28.02 -17.43
CA SER B 202 4.05 26.97 -17.97
C SER B 202 3.61 26.73 -19.40
N THR B 203 4.42 27.15 -20.35
CA THR B 203 4.05 27.06 -21.76
C THR B 203 4.37 25.68 -22.33
N LEU B 204 3.44 25.15 -23.11
CA LEU B 204 3.55 23.85 -23.74
C LEU B 204 3.25 23.93 -25.21
N TYR B 205 3.90 23.06 -25.99
CA TYR B 205 3.68 22.99 -27.42
C TYR B 205 3.74 21.55 -27.90
N SER B 206 2.68 21.06 -28.54
CA SER B 206 2.64 19.69 -29.03
C SER B 206 2.70 19.64 -30.56
N ILE B 207 3.51 18.71 -31.10
CA ILE B 207 3.58 18.46 -32.53
C ILE B 207 2.21 17.92 -33.03
N ARG B 208 1.42 17.31 -32.13
CA ARG B 208 0.07 16.82 -32.45
C ARG B 208 -0.96 17.93 -32.63
N SER B 209 -0.66 19.17 -32.16
CA SER B 209 -1.54 20.35 -32.34
C SER B 209 -1.63 20.80 -33.81
N HIS B 210 -0.69 20.36 -34.66
CA HIS B 210 -0.68 20.67 -36.10
C HIS B 210 -1.70 19.82 -36.86
N GLY B 211 -2.13 18.71 -36.28
CA GLY B 211 -3.01 17.76 -36.93
C GLY B 211 -2.24 16.98 -37.98
N LYS B 212 -2.88 16.80 -39.14
CA LYS B 212 -2.38 16.09 -40.31
C LYS B 212 -1.06 16.64 -40.87
N MET B 213 -0.17 15.72 -41.29
N MET B 213 -0.21 15.72 -41.38
CA MET B 213 1.12 15.99 -41.93
CA MET B 213 1.06 16.04 -42.04
C MET B 213 0.90 16.93 -43.15
C MET B 213 0.83 17.00 -43.20
N ASN B 214 1.64 18.05 -43.18
N ASN B 214 1.61 18.08 -43.24
CA ASN B 214 1.57 19.07 -44.23
CA ASN B 214 1.54 19.10 -44.29
C ASN B 214 2.96 19.34 -44.90
C ASN B 214 2.94 19.37 -44.89
N PRO B 215 3.07 20.06 -46.06
CA PRO B 215 4.41 20.25 -46.68
C PRO B 215 5.46 21.02 -45.87
N VAL B 216 5.02 21.90 -44.96
CA VAL B 216 5.92 22.67 -44.09
C VAL B 216 6.61 21.70 -43.11
N MET B 217 5.81 20.82 -42.49
CA MET B 217 6.27 19.80 -41.54
C MET B 217 7.14 18.75 -42.22
N LYS B 218 6.77 18.30 -43.43
CA LYS B 218 7.50 17.26 -44.19
C LYS B 218 9.00 17.54 -44.38
N LYS B 219 9.36 18.82 -44.57
CA LYS B 219 10.74 19.26 -44.77
C LYS B 219 11.62 19.02 -43.54
N LEU B 220 11.00 18.95 -42.34
CA LEU B 220 11.70 18.74 -41.06
C LEU B 220 12.21 17.32 -40.83
N PHE B 221 11.78 16.35 -41.68
CA PHE B 221 12.26 14.97 -41.65
C PHE B 221 13.67 14.86 -42.24
N GLU B 222 14.11 15.87 -43.03
CA GLU B 222 15.43 15.94 -43.66
C GLU B 222 16.52 16.10 -42.58
N PRO B 223 17.61 15.28 -42.57
CA PRO B 223 18.63 15.44 -41.52
C PRO B 223 19.62 16.55 -41.82
N ILE B 224 19.12 17.78 -42.02
CA ILE B 224 19.90 18.96 -42.46
C ILE B 224 19.99 20.09 -41.43
N TYR B 225 19.46 19.89 -40.22
CA TYR B 225 19.39 20.92 -39.20
C TYR B 225 20.47 20.83 -38.13
N GLN B 226 21.02 21.98 -37.73
CA GLN B 226 21.97 22.06 -36.62
C GLN B 226 21.16 21.96 -35.32
N CYS B 227 21.67 21.21 -34.32
CA CYS B 227 21.05 21.10 -32.99
C CYS B 227 22.14 21.53 -32.00
N PRO B 228 22.38 22.85 -31.82
CA PRO B 228 23.48 23.27 -30.93
C PRO B 228 23.25 22.96 -29.45
N LYS B 229 24.36 22.85 -28.68
CA LYS B 229 24.32 22.63 -27.22
C LYS B 229 23.81 23.91 -26.53
N ASP B 230 22.94 23.75 -25.51
CA ASP B 230 22.29 24.84 -24.75
C ASP B 230 23.24 25.77 -23.95
N GLY B 242 29.87 20.70 -37.02
CA GLY B 242 28.88 20.06 -36.14
C GLY B 242 27.95 19.11 -36.87
N PRO B 243 27.52 17.98 -36.23
CA PRO B 243 26.62 17.04 -36.92
C PRO B 243 25.20 17.60 -37.05
N THR B 244 24.52 17.22 -38.14
CA THR B 244 23.15 17.65 -38.39
C THR B 244 22.16 16.54 -38.03
N ALA B 245 20.90 16.90 -37.83
CA ALA B 245 19.85 15.95 -37.49
C ALA B 245 18.51 16.43 -38.06
N SER B 246 17.51 15.55 -38.04
CA SER B 246 16.13 15.83 -38.43
C SER B 246 15.41 16.45 -37.23
N VAL B 247 14.50 17.38 -37.50
CA VAL B 247 13.66 17.96 -36.46
C VAL B 247 12.49 16.97 -36.20
N LEU B 248 11.95 16.37 -37.28
CA LEU B 248 10.89 15.38 -37.17
C LEU B 248 11.44 14.01 -37.47
N TYR B 249 10.98 12.99 -36.71
CA TYR B 249 11.44 11.61 -36.87
C TYR B 249 10.34 10.66 -36.40
N GLY B 250 10.64 9.36 -36.37
CA GLY B 250 9.67 8.33 -35.98
C GLY B 250 8.71 8.05 -37.10
N ASN B 251 7.41 7.91 -36.77
CA ASN B 251 6.38 7.66 -37.77
C ASN B 251 6.16 8.89 -38.66
N ARG B 252 6.09 8.67 -39.97
CA ARG B 252 5.93 9.70 -41.01
C ARG B 252 4.60 10.50 -40.92
N GLU B 253 3.52 9.87 -40.49
CA GLU B 253 2.21 10.50 -40.36
C GLU B 253 2.03 11.17 -39.00
N LEU B 254 2.49 10.49 -37.91
CA LEU B 254 2.39 10.92 -36.49
C LEU B 254 3.79 10.97 -35.90
N PRO B 255 4.55 12.04 -36.21
CA PRO B 255 5.96 12.06 -35.83
C PRO B 255 6.28 12.46 -34.40
N PHE B 256 7.56 12.26 -34.08
CA PHE B 256 8.20 12.71 -32.85
C PHE B 256 9.01 13.97 -33.24
N ILE B 257 9.33 14.80 -32.25
CA ILE B 257 10.04 16.05 -32.48
C ILE B 257 11.23 16.26 -31.53
N ARG B 258 12.28 16.90 -32.07
CA ARG B 258 13.44 17.43 -31.34
C ARG B 258 13.55 18.85 -31.86
N PHE B 259 13.31 19.82 -30.98
CA PHE B 259 13.26 21.21 -31.41
C PHE B 259 13.62 22.17 -30.28
N ASP B 260 14.34 23.24 -30.63
CA ASP B 260 14.71 24.32 -29.71
C ASP B 260 14.66 25.61 -30.53
N ALA B 261 13.56 26.37 -30.41
CA ALA B 261 13.38 27.63 -31.15
C ALA B 261 14.53 28.62 -30.91
N ALA B 262 14.89 28.84 -29.63
CA ALA B 262 15.95 29.77 -29.25
C ALA B 262 17.33 29.35 -29.78
N GLU B 263 17.72 28.06 -29.62
CA GLU B 263 19.01 27.54 -30.07
C GLU B 263 19.11 27.25 -31.55
N GLN B 264 18.00 26.84 -32.21
CA GLN B 264 18.05 26.46 -33.63
C GLN B 264 17.69 27.58 -34.60
N ILE B 265 16.86 28.55 -34.17
CA ILE B 265 16.40 29.65 -35.02
C ILE B 265 16.96 31.01 -34.60
N PHE B 266 16.68 31.44 -33.38
CA PHE B 266 17.02 32.79 -32.92
C PHE B 266 18.40 32.92 -32.28
N ASN B 267 19.30 31.98 -32.61
CA ASN B 267 20.70 31.96 -32.18
C ASN B 267 21.51 32.35 -33.41
N GLU B 268 22.28 33.45 -33.30
CA GLU B 268 23.14 33.94 -34.38
C GLU B 268 24.23 32.94 -34.77
N ASN B 269 24.73 32.16 -33.78
CA ASN B 269 25.77 31.16 -33.96
C ASN B 269 25.25 29.74 -34.19
N ALA B 270 23.94 29.58 -34.52
CA ALA B 270 23.34 28.26 -34.80
C ALA B 270 24.00 27.59 -36.02
N GLY B 271 24.43 28.40 -36.99
CA GLY B 271 25.12 27.96 -38.20
C GLY B 271 24.28 27.16 -39.18
N GLN B 272 22.98 27.50 -39.28
CA GLN B 272 22.06 26.81 -40.19
C GLN B 272 22.33 27.23 -41.62
N THR B 273 22.05 26.35 -42.59
CA THR B 273 22.12 26.70 -44.01
C THR B 273 20.88 27.58 -44.28
N SER B 274 20.87 28.36 -45.37
CA SER B 274 19.73 29.22 -45.73
C SER B 274 18.47 28.39 -45.95
N GLU B 275 18.63 27.19 -46.56
CA GLU B 275 17.57 26.22 -46.80
C GLU B 275 16.99 25.75 -45.46
N ALA B 276 17.86 25.30 -44.52
CA ALA B 276 17.45 24.80 -43.20
C ALA B 276 16.78 25.90 -42.39
N LEU B 277 17.38 27.10 -42.33
CA LEU B 277 16.83 28.25 -41.60
C LEU B 277 15.45 28.64 -42.11
N GLY B 278 15.28 28.66 -43.43
CA GLY B 278 14.00 28.94 -44.07
C GLY B 278 12.93 27.93 -43.67
N ASN B 279 13.30 26.63 -43.68
CA ASN B 279 12.45 25.53 -43.28
C ASN B 279 12.01 25.66 -41.82
N LEU B 280 12.96 25.99 -40.93
CA LEU B 280 12.75 26.18 -39.49
C LEU B 280 11.80 27.34 -39.20
N MET B 281 11.93 28.44 -39.99
CA MET B 281 11.13 29.68 -39.89
C MET B 281 9.70 29.45 -40.34
N ASP B 282 9.52 28.69 -41.44
CA ASP B 282 8.19 28.36 -41.95
C ASP B 282 7.44 27.51 -40.92
N PHE B 283 8.18 26.58 -40.27
CA PHE B 283 7.65 25.71 -39.22
C PHE B 283 7.29 26.53 -37.98
N TRP B 284 8.20 27.41 -37.54
CA TRP B 284 7.99 28.27 -36.37
C TRP B 284 6.76 29.16 -36.54
N ASP B 285 6.51 29.67 -37.77
CA ASP B 285 5.34 30.50 -38.08
C ASP B 285 4.03 29.78 -37.80
N GLU B 286 3.98 28.48 -38.14
CA GLU B 286 2.85 27.59 -37.93
C GLU B 286 2.78 27.18 -36.45
N ALA B 287 3.93 26.76 -35.86
CA ALA B 287 4.04 26.26 -34.49
C ALA B 287 3.77 27.29 -33.37
N LYS B 288 4.18 28.57 -33.54
CA LYS B 288 4.00 29.60 -32.54
C LYS B 288 2.53 29.90 -32.20
N THR B 289 1.59 29.73 -33.16
CA THR B 289 0.15 29.98 -32.95
C THR B 289 -0.49 28.84 -32.15
N LEU B 290 0.20 27.70 -32.05
CA LEU B 290 -0.26 26.50 -31.36
C LEU B 290 0.24 26.35 -29.92
N ILE B 291 1.16 27.24 -29.49
CA ILE B 291 1.71 27.26 -28.12
C ILE B 291 0.59 27.55 -27.11
N ASN B 292 0.51 26.72 -26.05
CA ASN B 292 -0.50 26.86 -25.02
C ASN B 292 0.14 27.35 -23.71
N SER B 293 -0.24 28.56 -23.29
CA SER B 293 0.25 29.23 -22.09
C SER B 293 -0.86 29.43 -21.05
N ASP B 294 -1.98 28.69 -21.19
CA ASP B 294 -3.15 28.80 -20.30
C ASP B 294 -2.90 28.31 -18.89
N TYR B 295 -2.07 27.26 -18.72
CA TYR B 295 -1.85 26.71 -17.38
C TYR B 295 -0.81 27.44 -16.56
N ILE B 296 -1.24 27.91 -15.37
CA ILE B 296 -0.40 28.59 -14.39
C ILE B 296 -0.27 27.63 -13.19
N PRO B 297 0.88 26.95 -13.04
CA PRO B 297 0.99 26.00 -11.92
C PRO B 297 0.90 26.60 -10.54
N ASN B 298 0.33 25.83 -9.62
CA ASN B 298 0.28 26.13 -8.20
C ASN B 298 1.30 25.24 -7.52
N SER B 299 1.65 25.58 -6.29
CA SER B 299 2.53 24.82 -5.44
C SER B 299 1.95 23.39 -5.29
N GLY B 300 2.75 22.38 -5.63
CA GLY B 300 2.32 20.98 -5.56
C GLY B 300 1.82 20.38 -6.86
N ASP B 301 1.74 21.19 -7.93
CA ASP B 301 1.36 20.68 -9.24
C ASP B 301 2.55 20.02 -9.92
N LEU B 302 2.28 18.99 -10.71
CA LEU B 302 3.31 18.32 -11.47
C LEU B 302 2.88 18.19 -12.92
N ILE B 303 3.76 18.62 -13.85
CA ILE B 303 3.53 18.47 -15.29
C ILE B 303 4.40 17.30 -15.80
N PHE B 304 3.76 16.29 -16.40
CA PHE B 304 4.41 15.09 -16.92
C PHE B 304 4.37 15.16 -18.44
N VAL B 305 5.55 15.09 -19.08
CA VAL B 305 5.73 15.31 -20.52
C VAL B 305 6.39 14.16 -21.24
N ASN B 306 5.85 13.83 -22.42
CA ASN B 306 6.49 12.94 -23.37
C ASN B 306 7.40 13.93 -24.14
N ASN B 307 8.71 13.85 -23.88
CA ASN B 307 9.72 14.70 -24.48
C ASN B 307 9.88 14.52 -26.02
N HIS B 308 9.22 13.50 -26.60
CA HIS B 308 9.24 13.25 -28.05
C HIS B 308 8.02 13.88 -28.73
N LEU B 309 7.04 14.36 -27.96
CA LEU B 309 5.81 14.94 -28.49
C LEU B 309 5.60 16.39 -28.15
N CYS B 310 5.98 16.78 -26.95
CA CYS B 310 5.64 18.07 -26.39
C CYS B 310 6.86 18.86 -25.92
N ALA B 311 7.00 20.07 -26.43
CA ALA B 311 8.03 21.04 -26.04
C ALA B 311 7.49 21.85 -24.86
N HIS B 312 8.38 22.41 -24.04
CA HIS B 312 8.04 23.24 -22.87
C HIS B 312 8.84 24.58 -22.96
N GLY B 313 8.41 25.61 -22.24
CA GLY B 313 9.10 26.91 -22.28
C GLY B 313 10.40 26.97 -21.49
N ARG B 314 11.36 27.84 -21.93
CA ARG B 314 12.69 28.07 -21.29
C ARG B 314 12.75 29.39 -20.45
N SER B 315 12.61 29.27 -19.10
CA SER B 315 12.66 30.37 -18.12
C SER B 315 13.28 29.92 -16.77
N CYS B 331 8.04 38.02 -4.01
CA CYS B 331 8.17 37.41 -2.69
C CYS B 331 9.07 36.17 -2.73
N GLU B 332 8.50 34.96 -2.52
CA GLU B 332 9.24 33.69 -2.58
C GLU B 332 9.60 33.41 -4.04
N ARG B 333 10.91 33.24 -4.33
CA ARG B 333 11.42 32.99 -5.68
C ARG B 333 10.91 31.65 -6.22
N ARG B 334 10.58 31.61 -7.54
CA ARG B 334 10.05 30.46 -8.25
C ARG B 334 10.95 29.21 -8.11
N GLN B 335 10.34 28.07 -7.74
CA GLN B 335 11.05 26.80 -7.51
C GLN B 335 10.39 25.63 -8.24
N MET B 336 11.19 24.84 -8.95
CA MET B 336 10.71 23.71 -9.74
C MET B 336 11.73 22.56 -9.71
N LEU B 337 11.27 21.31 -9.52
CA LEU B 337 12.20 20.18 -9.55
C LEU B 337 11.95 19.33 -10.80
N ARG B 338 13.02 18.97 -11.48
CA ARG B 338 12.96 18.22 -12.71
C ARG B 338 13.52 16.81 -12.59
N MET B 339 12.84 15.88 -13.22
CA MET B 339 13.28 14.50 -13.31
C MET B 339 13.09 14.03 -14.76
N MET B 340 14.08 13.31 -15.28
CA MET B 340 14.11 12.80 -16.65
C MET B 340 14.26 11.29 -16.62
N SER B 341 13.64 10.63 -17.58
CA SER B 341 13.72 9.20 -17.67
C SER B 341 13.82 8.66 -19.10
N LYS B 342 14.33 7.43 -19.22
CA LYS B 342 14.46 6.66 -20.46
C LYS B 342 13.73 5.32 -20.29
N THR B 343 12.98 4.91 -21.31
CA THR B 343 12.18 3.67 -21.27
C THR B 343 13.03 2.42 -21.47
N SER B 344 14.25 2.59 -22.02
CA SER B 344 15.14 1.46 -22.27
C SER B 344 16.59 1.76 -21.91
N LEU B 345 17.15 0.96 -20.98
CA LEU B 345 18.55 1.01 -20.61
C LEU B 345 19.41 0.29 -21.65
N ILE B 346 18.82 -0.63 -22.40
CA ILE B 346 19.53 -1.40 -23.43
C ILE B 346 20.01 -0.49 -24.58
N HIS B 347 19.11 0.32 -25.13
N HIS B 347 19.08 0.30 -25.13
CA HIS B 347 19.41 1.10 -26.32
CA HIS B 347 19.28 1.21 -26.26
C HIS B 347 20.35 2.31 -26.06
C HIS B 347 20.39 2.24 -26.03
N ILE B 348 20.48 2.77 -24.80
CA ILE B 348 21.44 3.83 -24.41
C ILE B 348 22.75 3.23 -23.86
N ARG B 349 22.88 1.91 -23.80
CA ARG B 349 24.02 1.25 -23.15
C ARG B 349 25.40 1.65 -23.71
N SER B 350 25.53 1.96 -25.02
CA SER B 350 26.82 2.40 -25.55
C SER B 350 27.22 3.83 -25.08
N VAL B 351 26.29 4.62 -24.52
CA VAL B 351 26.58 6.00 -24.06
C VAL B 351 26.55 6.14 -22.52
N THR B 352 26.32 5.04 -21.78
CA THR B 352 26.27 5.15 -20.33
C THR B 352 27.56 4.71 -19.67
N ARG B 353 27.77 5.11 -18.41
CA ARG B 353 28.95 4.72 -17.63
C ARG B 353 28.94 3.21 -17.42
N THR B 354 30.11 2.57 -17.52
CA THR B 354 30.25 1.12 -17.34
C THR B 354 29.61 0.64 -16.02
N ASP B 355 29.92 1.35 -14.91
CA ASP B 355 29.42 1.01 -13.57
C ASP B 355 28.07 1.66 -13.24
N ASP B 356 27.48 2.46 -14.17
CA ASP B 356 26.17 3.09 -13.95
C ASP B 356 25.34 3.19 -15.25
N PRO B 357 24.46 2.18 -15.51
CA PRO B 357 23.67 2.21 -16.76
C PRO B 357 22.57 3.27 -16.83
N TYR B 358 22.45 4.10 -15.77
CA TYR B 358 21.49 5.20 -15.65
C TYR B 358 22.17 6.56 -15.87
N PHE B 359 23.49 6.56 -16.11
CA PHE B 359 24.26 7.79 -16.25
C PHE B 359 24.74 7.97 -17.68
N ILE B 360 24.08 8.89 -18.42
CA ILE B 360 24.36 9.18 -19.82
C ILE B 360 25.53 10.16 -19.97
N MET B 361 26.57 9.66 -20.68
CA MET B 361 27.82 10.36 -20.96
C MET B 361 27.86 11.02 -22.34
N GLU B 362 26.73 11.02 -23.06
CA GLU B 362 26.63 11.64 -24.39
C GLU B 362 26.77 13.17 -24.30
N GLU B 363 27.52 13.75 -25.24
CA GLU B 363 27.80 15.18 -25.35
C GLU B 363 27.01 15.87 -26.46
N HIS B 364 27.02 15.33 -27.69
CA HIS B 364 26.36 15.95 -28.83
C HIS B 364 26.12 14.96 -29.95
N LEU B 365 24.84 14.73 -30.28
CA LEU B 365 24.34 13.84 -31.35
C LEU B 365 25.22 12.60 -31.62
N GLY B 366 25.41 11.77 -30.59
CA GLY B 366 26.18 10.53 -30.68
C GLY B 366 27.56 10.58 -30.06
N LYS B 367 28.20 11.76 -30.11
CA LYS B 367 29.53 11.97 -29.56
C LYS B 367 29.43 11.97 -28.03
N ILE B 368 30.32 11.21 -27.39
CA ILE B 368 30.45 11.07 -25.94
C ILE B 368 31.52 12.05 -25.39
N PHE B 369 31.31 12.59 -24.17
CA PHE B 369 32.28 13.47 -23.50
C PHE B 369 33.67 12.83 -23.51
N ASP B 370 34.69 13.59 -23.99
CA ASP B 370 36.06 13.11 -24.11
C ASP B 370 36.64 12.76 -22.73
N LEU B 371 36.49 13.66 -21.73
CA LEU B 371 36.88 13.46 -20.32
C LEU B 371 38.13 12.57 -20.07
N ASP B 372 39.32 13.17 -20.10
CA ASP B 372 40.58 12.48 -19.91
C ASP B 372 40.78 12.02 -18.46
N GLU C 14 -37.17 -25.59 16.48
CA GLU C 14 -37.64 -24.30 15.97
C GLU C 14 -36.51 -23.46 15.35
N THR C 15 -35.30 -23.44 15.97
CA THR C 15 -34.09 -22.70 15.54
C THR C 15 -33.56 -23.13 14.17
N SER C 16 -33.98 -24.32 13.69
CA SER C 16 -33.60 -24.90 12.39
C SER C 16 -34.09 -24.06 11.21
N LEU C 17 -35.14 -23.22 11.43
CA LEU C 17 -35.81 -22.39 10.43
C LEU C 17 -35.21 -20.99 10.26
N THR C 18 -34.81 -20.34 11.38
CA THR C 18 -34.30 -18.96 11.44
C THR C 18 -33.04 -18.82 10.55
N LEU C 19 -33.00 -17.73 9.75
CA LEU C 19 -31.94 -17.43 8.77
C LEU C 19 -30.97 -16.34 9.18
N GLU C 20 -31.32 -15.52 10.20
CA GLU C 20 -30.41 -14.51 10.72
C GLU C 20 -29.35 -15.28 11.46
N ILE C 21 -29.73 -16.49 11.96
CA ILE C 21 -28.85 -17.28 12.80
C ILE C 21 -27.58 -17.73 12.04
N PRO C 22 -26.42 -17.11 12.37
CA PRO C 22 -25.18 -17.53 11.72
C PRO C 22 -24.68 -18.87 12.28
N THR C 23 -24.33 -19.80 11.39
CA THR C 23 -23.86 -21.13 11.77
C THR C 23 -22.42 -21.34 11.29
N SER C 24 -21.90 -20.38 10.50
CA SER C 24 -20.55 -20.46 9.94
C SER C 24 -19.92 -19.08 9.78
N PRO C 25 -18.58 -18.97 9.76
CA PRO C 25 -17.96 -17.64 9.58
C PRO C 25 -18.10 -17.06 8.18
N LEU C 26 -17.89 -15.75 8.03
CA LEU C 26 -17.90 -15.12 6.71
C LEU C 26 -16.58 -15.52 6.01
N ILE C 27 -16.67 -16.00 4.75
CA ILE C 27 -15.50 -16.41 3.96
C ILE C 27 -15.20 -15.33 2.93
N ILE C 28 -14.00 -14.76 2.99
CA ILE C 28 -13.53 -13.75 2.03
C ILE C 28 -12.42 -14.40 1.20
N LYS C 29 -12.63 -14.47 -0.12
CA LYS C 29 -11.59 -15.02 -1.00
C LYS C 29 -10.70 -13.86 -1.42
N ILE C 30 -9.48 -13.79 -0.85
CA ILE C 30 -8.52 -12.72 -1.17
C ILE C 30 -8.05 -12.91 -2.62
N THR C 31 -7.97 -11.82 -3.38
CA THR C 31 -7.52 -11.85 -4.77
C THR C 31 -5.98 -11.74 -4.84
N GLN C 32 -5.38 -12.08 -6.00
CA GLN C 32 -3.94 -11.95 -6.22
C GLN C 32 -3.47 -10.50 -6.10
N GLN C 33 -4.27 -9.54 -6.61
N GLN C 33 -4.23 -9.54 -6.62
CA GLN C 33 -3.98 -8.10 -6.53
CA GLN C 33 -3.86 -8.13 -6.54
C GLN C 33 -3.85 -7.67 -5.07
C GLN C 33 -3.85 -7.63 -5.07
N GLU C 34 -4.79 -8.11 -4.22
CA GLU C 34 -4.81 -7.82 -2.78
C GLU C 34 -3.59 -8.44 -2.11
N ARG C 35 -3.28 -9.72 -2.39
CA ARG C 35 -2.11 -10.43 -1.86
C ARG C 35 -0.81 -9.68 -2.22
N ASN C 36 -0.70 -9.22 -3.48
CA ASN C 36 0.49 -8.48 -3.94
C ASN C 36 0.66 -7.12 -3.24
N ILE C 37 -0.44 -6.40 -2.95
CA ILE C 37 -0.43 -5.14 -2.21
C ILE C 37 0.06 -5.43 -0.79
N LEU C 38 -0.59 -6.39 -0.09
CA LEU C 38 -0.20 -6.77 1.25
C LEU C 38 1.27 -7.15 1.37
N SER C 39 1.77 -7.92 0.39
CA SER C 39 3.15 -8.36 0.32
C SER C 39 4.12 -7.19 0.16
N ASN C 40 3.85 -6.28 -0.78
CA ASN C 40 4.70 -5.12 -1.01
C ASN C 40 4.73 -4.17 0.20
N VAL C 41 3.54 -3.91 0.79
CA VAL C 41 3.34 -3.07 1.96
C VAL C 41 4.11 -3.71 3.16
N GLY C 42 3.96 -5.02 3.35
CA GLY C 42 4.68 -5.78 4.36
C GLY C 42 6.19 -5.62 4.24
N ASN C 43 6.74 -5.78 3.00
CA ASN C 43 8.17 -5.62 2.72
C ASN C 43 8.66 -4.20 3.01
N LEU C 44 7.88 -3.20 2.59
CA LEU C 44 8.20 -1.79 2.78
C LEU C 44 8.28 -1.44 4.29
N LEU C 45 7.32 -1.96 5.09
CA LEU C 45 7.25 -1.74 6.53
C LEU C 45 8.43 -2.37 7.28
N VAL C 46 8.88 -3.56 6.83
CA VAL C 46 10.08 -4.24 7.36
C VAL C 46 11.30 -3.31 7.16
N LYS C 47 11.50 -2.79 5.92
CA LYS C 47 12.60 -1.89 5.58
C LYS C 47 12.49 -0.56 6.34
N ALA C 48 11.29 0.03 6.43
CA ALA C 48 11.03 1.30 7.11
C ALA C 48 11.18 1.27 8.64
N PHE C 49 10.70 0.20 9.31
CA PHE C 49 10.64 0.14 10.76
C PHE C 49 11.44 -0.98 11.42
N GLY C 50 12.03 -1.85 10.62
CA GLY C 50 12.80 -2.98 11.15
C GLY C 50 11.92 -4.11 11.61
N ASN C 51 11.06 -3.88 12.62
CA ASN C 51 10.14 -4.88 13.16
C ASN C 51 8.82 -4.24 13.60
N TYR C 52 7.76 -5.05 13.68
CA TYR C 52 6.40 -4.58 13.99
C TYR C 52 6.21 -4.16 15.46
N GLU C 53 7.24 -4.30 16.28
CA GLU C 53 7.19 -3.87 17.68
C GLU C 53 7.88 -2.52 17.86
N ASN C 54 8.34 -1.92 16.74
CA ASN C 54 8.94 -0.59 16.75
C ASN C 54 7.89 0.41 17.28
N PRO C 55 8.24 1.19 18.34
CA PRO C 55 7.26 2.15 18.93
C PRO C 55 6.73 3.19 17.95
N ASP C 56 7.54 3.61 16.94
CA ASP C 56 7.13 4.58 15.91
C ASP C 56 6.09 3.96 15.00
N TYR C 57 6.21 2.64 14.72
CA TYR C 57 5.24 1.94 13.91
C TYR C 57 3.92 1.76 14.67
N ILE C 58 4.01 1.29 15.94
CA ILE C 58 2.84 1.05 16.81
C ILE C 58 2.03 2.36 17.00
N ALA C 59 2.74 3.49 17.19
CA ALA C 59 2.13 4.82 17.38
C ALA C 59 1.36 5.29 16.13
N SER C 60 1.75 4.82 14.94
CA SER C 60 1.10 5.22 13.70
C SER C 60 0.41 4.03 12.99
N LEU C 61 0.09 2.96 13.73
CA LEU C 61 -0.55 1.74 13.21
C LEU C 61 -1.81 1.97 12.37
N HIS C 62 -2.77 2.72 12.93
CA HIS C 62 -4.05 2.99 12.26
C HIS C 62 -3.89 3.78 10.98
N LEU C 63 -2.90 4.69 10.96
CA LEU C 63 -2.59 5.47 9.77
C LEU C 63 -2.14 4.55 8.62
N HIS C 64 -1.22 3.62 8.93
CA HIS C 64 -0.71 2.68 7.94
C HIS C 64 -1.80 1.71 7.53
N ALA C 65 -2.62 1.24 8.48
CA ALA C 65 -3.71 0.29 8.19
C ALA C 65 -4.75 0.87 7.24
N PHE C 66 -5.31 2.07 7.57
CA PHE C 66 -6.35 2.66 6.73
C PHE C 66 -5.83 3.18 5.40
N GLN C 67 -4.56 3.59 5.33
CA GLN C 67 -4.04 4.09 4.07
C GLN C 67 -3.44 3.02 3.18
N LEU C 68 -2.76 2.01 3.74
CA LEU C 68 -2.01 1.02 2.96
C LEU C 68 -2.71 -0.29 2.68
N LEU C 69 -3.72 -0.69 3.48
CA LEU C 69 -4.41 -1.95 3.21
C LEU C 69 -5.32 -1.87 1.98
N PRO C 70 -5.47 -3.00 1.21
CA PRO C 70 -6.49 -3.02 0.13
C PRO C 70 -7.84 -2.63 0.74
N GLU C 71 -8.50 -1.61 0.15
CA GLU C 71 -9.73 -1.00 0.64
C GLU C 71 -10.85 -1.98 1.01
N ARG C 72 -10.98 -3.11 0.28
CA ARG C 72 -12.01 -4.11 0.58
C ARG C 72 -11.79 -4.73 1.96
N ILE C 73 -10.53 -5.04 2.33
CA ILE C 73 -10.15 -5.60 3.63
C ILE C 73 -10.46 -4.60 4.75
N THR C 74 -10.10 -3.32 4.53
CA THR C 74 -10.34 -2.23 5.47
C THR C 74 -11.84 -2.08 5.77
N ARG C 75 -12.70 -2.10 4.73
CA ARG C 75 -14.15 -1.95 4.89
C ARG C 75 -14.77 -3.13 5.64
N ILE C 76 -14.31 -4.37 5.35
CA ILE C 76 -14.77 -5.59 6.00
C ILE C 76 -14.43 -5.54 7.51
N LEU C 77 -13.17 -5.21 7.85
CA LEU C 77 -12.69 -5.14 9.23
C LEU C 77 -13.32 -4.04 10.05
N SER C 78 -13.53 -2.84 9.43
CA SER C 78 -14.15 -1.67 10.06
C SER C 78 -15.61 -1.95 10.41
N GLN C 79 -16.34 -2.60 9.50
CA GLN C 79 -17.74 -2.99 9.67
C GLN C 79 -17.82 -4.07 10.79
N PHE C 80 -16.88 -5.03 10.77
CA PHE C 80 -16.79 -6.12 11.76
C PHE C 80 -16.53 -5.65 13.19
N GLY C 81 -15.64 -4.66 13.35
CA GLY C 81 -15.28 -4.14 14.67
C GLY C 81 -16.42 -3.62 15.53
N SER C 82 -17.45 -3.06 14.90
CA SER C 82 -18.60 -2.49 15.57
C SER C 82 -19.92 -3.28 15.36
N ASP C 83 -19.82 -4.49 14.80
CA ASP C 83 -20.98 -5.36 14.51
C ASP C 83 -21.17 -6.45 15.57
N PHE C 84 -22.20 -6.26 16.41
CA PHE C 84 -22.54 -7.22 17.48
C PHE C 84 -23.98 -7.69 17.31
N SER C 85 -24.52 -7.53 16.09
CA SER C 85 -25.89 -7.88 15.73
C SER C 85 -26.15 -9.40 15.75
N ALA C 86 -27.43 -9.79 15.65
CA ALA C 86 -27.90 -11.17 15.63
C ALA C 86 -27.32 -11.97 14.47
N GLU C 87 -27.01 -11.31 13.34
CA GLU C 87 -26.48 -11.91 12.11
C GLU C 87 -24.97 -12.13 12.12
N GLN C 88 -24.25 -11.49 13.07
CA GLN C 88 -22.80 -11.56 13.14
C GLN C 88 -22.27 -12.83 13.83
N TYR C 89 -21.56 -13.69 13.09
CA TYR C 89 -20.94 -14.90 13.62
C TYR C 89 -19.79 -14.57 14.58
N GLY C 90 -19.01 -13.54 14.26
CA GLY C 90 -17.89 -13.11 15.10
C GLY C 90 -16.57 -13.67 14.62
N ALA C 91 -16.57 -14.24 13.40
CA ALA C 91 -15.36 -14.79 12.77
C ALA C 91 -15.39 -14.59 11.27
N ILE C 92 -14.23 -14.21 10.70
CA ILE C 92 -14.03 -14.04 9.27
C ILE C 92 -12.85 -14.90 8.87
N VAL C 93 -13.01 -15.67 7.80
CA VAL C 93 -11.92 -16.43 7.21
C VAL C 93 -11.45 -15.61 5.98
N PHE C 94 -10.21 -15.14 6.01
CA PHE C 94 -9.58 -14.51 4.84
C PHE C 94 -8.79 -15.62 4.14
N GLN C 95 -9.38 -16.23 3.10
CA GLN C 95 -8.74 -17.29 2.30
C GLN C 95 -7.67 -16.71 1.40
N GLY C 96 -6.48 -17.27 1.47
CA GLY C 96 -5.33 -16.83 0.69
C GLY C 96 -4.94 -15.39 0.92
N LEU C 97 -4.84 -14.96 2.18
CA LEU C 97 -4.44 -13.59 2.51
C LEU C 97 -3.00 -13.35 2.10
N ILE C 98 -2.13 -14.36 2.31
CA ILE C 98 -0.72 -14.28 1.98
C ILE C 98 -0.27 -15.50 1.19
N GLU C 99 0.83 -15.33 0.43
CA GLU C 99 1.54 -16.37 -0.27
C GLU C 99 2.65 -16.82 0.70
N VAL C 100 2.64 -18.08 1.14
CA VAL C 100 3.71 -18.51 2.05
C VAL C 100 4.86 -19.14 1.26
N ASP C 101 6.06 -18.57 1.39
CA ASP C 101 7.26 -19.12 0.79
C ASP C 101 7.78 -20.17 1.78
N GLN C 102 7.47 -21.45 1.49
CA GLN C 102 7.81 -22.58 2.37
C GLN C 102 9.32 -22.77 2.59
N ASP C 103 10.14 -22.57 1.53
CA ASP C 103 11.60 -22.71 1.58
C ASP C 103 12.23 -21.65 2.50
N ASP C 104 11.77 -20.38 2.39
CA ASP C 104 12.26 -19.28 3.21
C ASP C 104 11.89 -19.49 4.68
N LEU C 105 10.65 -19.99 4.95
CA LEU C 105 10.16 -20.26 6.31
C LEU C 105 11.04 -21.32 7.00
N GLY C 106 11.54 -22.27 6.22
CA GLY C 106 12.40 -23.35 6.71
C GLY C 106 11.64 -24.36 7.56
N PRO C 107 12.30 -25.37 8.15
CA PRO C 107 11.57 -26.35 8.97
C PRO C 107 10.92 -25.73 10.21
N THR C 108 9.80 -26.34 10.67
CA THR C 108 9.10 -25.92 11.87
C THR C 108 9.99 -26.26 13.09
N PRO C 109 10.26 -25.26 13.97
CA PRO C 109 11.09 -25.54 15.16
C PRO C 109 10.45 -26.57 16.11
N PRO C 110 11.20 -27.23 17.04
CA PRO C 110 10.57 -28.21 17.94
C PRO C 110 9.45 -27.63 18.83
N ASN C 111 9.56 -26.35 19.20
CA ASN C 111 8.58 -25.66 20.02
C ASN C 111 8.48 -24.18 19.61
N TRP C 112 7.60 -23.39 20.28
CA TRP C 112 7.44 -21.96 20.00
C TRP C 112 8.68 -21.14 20.34
N GLN C 113 9.46 -21.62 21.31
CA GLN C 113 10.68 -20.99 21.78
C GLN C 113 11.71 -20.89 20.65
N GLY C 114 11.77 -21.90 19.77
CA GLY C 114 12.72 -21.96 18.66
C GLY C 114 12.37 -21.18 17.40
N ALA C 115 11.23 -20.44 17.42
CA ALA C 115 10.72 -19.68 16.27
C ALA C 115 11.64 -18.57 15.78
N ASP C 116 11.87 -18.58 14.44
CA ASP C 116 12.73 -17.65 13.69
C ASP C 116 11.94 -16.38 13.31
N TYR C 117 11.99 -15.36 14.17
CA TYR C 117 11.26 -14.11 13.96
C TYR C 117 11.76 -13.28 12.78
N GLY C 118 12.96 -13.56 12.28
CA GLY C 118 13.49 -12.91 11.08
C GLY C 118 12.67 -13.30 9.87
N LYS C 119 12.20 -14.57 9.86
CA LYS C 119 11.33 -15.14 8.82
C LYS C 119 9.83 -14.83 9.05
N LEU C 120 9.44 -14.31 10.26
CA LEU C 120 8.04 -14.02 10.60
C LEU C 120 7.68 -12.54 10.66
N ASN C 121 8.71 -11.67 10.60
CA ASN C 121 8.65 -10.23 10.71
C ASN C 121 7.61 -9.58 9.79
N LYS C 122 7.61 -9.95 8.52
CA LYS C 122 6.68 -9.44 7.54
C LYS C 122 5.24 -9.85 7.89
N TYR C 123 5.05 -11.08 8.35
CA TYR C 123 3.74 -11.60 8.75
C TYR C 123 3.17 -10.81 9.92
N GLY C 124 4.02 -10.41 10.88
CA GLY C 124 3.65 -9.61 12.03
C GLY C 124 3.15 -8.25 11.63
N PHE C 125 3.77 -7.65 10.59
CA PHE C 125 3.35 -6.37 10.03
C PHE C 125 1.97 -6.49 9.39
N ILE C 126 1.75 -7.53 8.58
CA ILE C 126 0.47 -7.78 7.90
C ILE C 126 -0.66 -7.99 8.91
N CYS C 127 -0.43 -8.86 9.91
CA CYS C 127 -1.41 -9.14 10.96
C CYS C 127 -1.73 -7.89 11.77
N SER C 128 -0.72 -7.07 12.13
CA SER C 128 -0.95 -5.87 12.93
C SER C 128 -1.78 -4.83 12.18
N LEU C 129 -1.61 -4.74 10.82
CA LEU C 129 -2.40 -3.85 9.96
C LEU C 129 -3.87 -4.27 10.00
N LEU C 130 -4.15 -5.59 9.96
CA LEU C 130 -5.54 -6.09 10.06
C LEU C 130 -6.19 -5.67 11.38
N HIS C 131 -5.48 -5.83 12.53
CA HIS C 131 -6.00 -5.38 13.83
C HIS C 131 -6.18 -3.86 13.82
N GLY C 132 -5.22 -3.15 13.21
CA GLY C 132 -5.23 -1.70 13.07
C GLY C 132 -6.45 -1.12 12.35
N ALA C 133 -7.04 -1.90 11.45
CA ALA C 133 -8.19 -1.48 10.64
C ALA C 133 -9.54 -1.75 11.31
N VAL C 134 -9.58 -2.51 12.42
CA VAL C 134 -10.79 -2.81 13.18
C VAL C 134 -11.53 -1.52 13.68
N PRO C 135 -10.89 -0.45 14.28
CA PRO C 135 -9.49 -0.33 14.74
C PRO C 135 -9.26 -1.01 16.09
N SER C 136 -8.11 -1.65 16.25
CA SER C 136 -7.76 -2.33 17.49
C SER C 136 -6.24 -2.26 17.65
N LYS C 137 -5.77 -2.37 18.90
CA LYS C 137 -4.34 -2.24 19.17
C LYS C 137 -3.74 -3.52 19.66
N PRO C 138 -2.74 -4.06 18.92
CA PRO C 138 -2.06 -5.28 19.38
C PRO C 138 -1.47 -5.10 20.78
N VAL C 139 -1.70 -6.13 21.61
CA VAL C 139 -1.25 -6.16 23.00
C VAL C 139 -0.55 -7.47 23.29
N GLN C 140 0.14 -7.54 24.43
CA GLN C 140 0.71 -8.80 24.91
C GLN C 140 0.33 -8.99 26.38
N TYR C 141 0.32 -10.24 26.81
CA TYR C 141 -0.10 -10.64 28.14
C TYR C 141 1.00 -11.35 28.86
N TYR C 142 1.25 -10.96 30.11
CA TYR C 142 2.20 -11.67 30.95
C TYR C 142 1.67 -13.11 31.16
N ALA C 143 0.32 -13.26 31.19
CA ALA C 143 -0.41 -14.54 31.36
C ALA C 143 -0.07 -15.55 30.28
N GLN C 144 0.34 -15.07 29.09
CA GLN C 144 0.72 -15.93 27.96
C GLN C 144 2.21 -15.72 27.63
N ARG C 145 3.05 -16.71 28.05
CA ARG C 145 4.51 -16.76 27.79
C ARG C 145 5.28 -15.55 28.39
N LYS C 146 4.75 -14.97 29.50
CA LYS C 146 5.33 -13.77 30.17
C LYS C 146 5.46 -12.59 29.16
N GLY C 147 4.47 -12.51 28.27
CA GLY C 147 4.40 -11.55 27.19
C GLY C 147 4.64 -12.27 25.88
N GLY C 148 5.90 -12.62 25.62
CA GLY C 148 6.32 -13.35 24.42
C GLY C 148 6.21 -12.58 23.11
N GLY C 149 5.95 -11.27 23.19
CA GLY C 149 5.78 -10.41 22.04
C GLY C 149 4.37 -10.34 21.48
N LEU C 150 4.15 -9.41 20.52
CA LEU C 150 2.86 -9.17 19.86
C LEU C 150 2.43 -10.30 18.92
N LEU C 151 3.37 -11.10 18.45
CA LEU C 151 3.07 -12.20 17.53
C LEU C 151 3.59 -13.51 18.13
N HIS C 152 2.70 -14.49 18.30
CA HIS C 152 3.08 -15.78 18.87
C HIS C 152 3.05 -16.89 17.85
N ALA C 153 4.15 -17.63 17.76
CA ALA C 153 4.19 -18.83 16.92
C ALA C 153 3.54 -19.93 17.76
N VAL C 154 2.54 -20.61 17.18
CA VAL C 154 1.79 -21.70 17.82
C VAL C 154 2.21 -22.96 17.07
N ILE C 155 3.07 -23.74 17.74
CA ILE C 155 3.73 -24.91 17.21
C ILE C 155 3.48 -26.15 18.11
N PRO C 156 3.11 -27.31 17.50
CA PRO C 156 2.92 -28.52 18.32
C PRO C 156 4.24 -29.05 18.88
N ASP C 157 4.29 -29.15 20.21
CA ASP C 157 5.42 -29.61 20.99
C ASP C 157 5.19 -31.07 21.38
N GLU C 158 6.14 -31.98 21.06
CA GLU C 158 6.04 -33.41 21.40
C GLU C 158 6.01 -33.66 22.92
N LYS C 159 6.70 -32.78 23.69
CA LYS C 159 6.79 -32.73 25.17
C LYS C 159 5.39 -32.47 25.75
N MET C 160 4.58 -31.66 25.04
CA MET C 160 3.23 -31.27 25.44
C MET C 160 2.16 -31.77 24.43
N ALA C 161 2.40 -32.96 23.82
CA ALA C 161 1.54 -33.61 22.82
C ALA C 161 0.07 -33.78 23.24
N ALA C 162 -0.18 -34.34 24.44
CA ALA C 162 -1.53 -34.58 24.96
C ALA C 162 -2.05 -33.48 25.92
N THR C 163 -1.42 -32.30 25.94
CA THR C 163 -1.86 -31.21 26.83
C THR C 163 -2.97 -30.37 26.20
N GLN C 164 -3.80 -29.75 27.07
CA GLN C 164 -4.91 -28.89 26.64
C GLN C 164 -4.43 -27.44 26.41
N THR C 165 -3.46 -27.28 25.48
CA THR C 165 -2.87 -25.99 25.11
C THR C 165 -2.54 -25.93 23.58
N GLY C 166 -2.15 -24.73 23.11
CA GLY C 166 -1.75 -24.47 21.73
C GLY C 166 -0.55 -25.25 21.26
N SER C 167 0.28 -25.74 22.24
CA SER C 167 1.46 -26.58 22.02
C SER C 167 1.03 -28.06 21.90
N GLY C 168 -0.24 -28.35 22.23
CA GLY C 168 -0.84 -29.67 22.15
C GLY C 168 -1.08 -30.12 20.71
N SER C 169 -1.46 -31.39 20.53
CA SER C 169 -1.74 -31.97 19.22
C SER C 169 -2.62 -33.22 19.30
N LYS C 170 -2.13 -34.27 20.02
CA LYS C 170 -2.73 -35.60 20.23
C LYS C 170 -4.20 -35.60 20.68
N THR C 171 -4.61 -34.56 21.43
CA THR C 171 -5.96 -34.39 21.96
C THR C 171 -6.72 -33.24 21.28
N ASP C 172 -8.07 -33.31 21.29
CA ASP C 172 -8.97 -32.30 20.74
C ASP C 172 -8.94 -31.06 21.63
N LEU C 173 -8.57 -29.90 21.05
CA LEU C 173 -8.54 -28.63 21.77
C LEU C 173 -9.99 -28.09 21.79
N PHE C 174 -10.72 -28.36 22.89
CA PHE C 174 -12.09 -27.94 23.14
C PHE C 174 -12.28 -26.45 22.86
N VAL C 175 -13.49 -26.05 22.40
CA VAL C 175 -13.80 -24.65 22.10
C VAL C 175 -13.70 -23.78 23.37
N HIS C 176 -13.08 -22.61 23.21
CA HIS C 176 -12.86 -21.65 24.28
C HIS C 176 -12.56 -20.31 23.64
N THR C 177 -12.93 -19.24 24.35
CA THR C 177 -12.58 -17.88 23.99
C THR C 177 -11.18 -17.73 24.61
N GLU C 178 -10.35 -16.87 24.06
CA GLU C 178 -8.98 -16.66 24.55
C GLU C 178 -8.98 -15.96 25.91
N ASP C 179 -8.17 -16.50 26.84
CA ASP C 179 -7.95 -16.02 28.20
C ASP C 179 -9.26 -15.71 28.96
N ALA C 180 -10.13 -16.73 29.05
CA ALA C 180 -11.42 -16.67 29.75
C ALA C 180 -11.26 -16.36 31.25
N PHE C 181 -10.05 -16.59 31.80
CA PHE C 181 -9.68 -16.32 33.21
C PHE C 181 -9.29 -14.86 33.45
N LEU C 182 -9.22 -14.03 32.39
CA LEU C 182 -8.87 -12.61 32.49
C LEU C 182 -10.09 -11.72 32.28
N SER C 183 -10.25 -10.65 33.10
CA SER C 183 -11.32 -9.65 32.94
C SER C 183 -11.04 -8.78 31.71
N ASN C 184 -9.74 -8.69 31.31
CA ASN C 184 -9.27 -7.89 30.18
C ASN C 184 -8.72 -8.73 29.06
N GLN C 185 -9.42 -9.83 28.74
CA GLN C 185 -9.05 -10.76 27.66
C GLN C 185 -9.09 -10.01 26.31
N ALA C 186 -8.40 -10.56 25.29
CA ALA C 186 -8.33 -9.96 23.97
C ALA C 186 -9.71 -9.64 23.40
N ASP C 187 -9.82 -8.51 22.68
CA ASP C 187 -11.08 -8.15 22.01
C ASP C 187 -11.12 -8.86 20.67
N PHE C 188 -9.97 -8.89 19.96
CA PHE C 188 -9.83 -9.48 18.64
C PHE C 188 -8.61 -10.36 18.55
N LEU C 189 -8.73 -11.44 17.78
CA LEU C 189 -7.66 -12.42 17.55
C LEU C 189 -7.48 -12.65 16.09
N SER C 190 -6.25 -12.88 15.65
CA SER C 190 -5.98 -13.32 14.28
C SER C 190 -5.15 -14.59 14.38
N PHE C 191 -5.46 -15.59 13.53
CA PHE C 191 -4.74 -16.85 13.41
C PHE C 191 -4.29 -16.98 11.97
N LEU C 192 -3.00 -16.83 11.73
CA LEU C 192 -2.40 -16.92 10.41
C LEU C 192 -1.79 -18.31 10.24
N TYR C 193 -2.38 -19.13 9.36
CA TYR C 193 -1.88 -20.50 9.13
C TYR C 193 -0.79 -20.50 8.11
N LEU C 194 0.45 -20.79 8.55
CA LEU C 194 1.60 -20.86 7.63
C LEU C 194 1.71 -22.25 7.04
N ARG C 195 1.42 -23.29 7.87
CA ARG C 195 1.44 -24.69 7.49
C ARG C 195 0.31 -25.43 8.20
N ASN C 196 -0.44 -26.24 7.45
CA ASN C 196 -1.51 -27.11 7.95
C ASN C 196 -1.57 -28.37 7.07
N GLU C 197 -0.40 -28.99 6.88
CA GLU C 197 -0.25 -30.20 6.05
C GLU C 197 -0.89 -31.43 6.70
N GLU C 198 -1.07 -31.40 8.04
CA GLU C 198 -1.77 -32.46 8.79
C GLU C 198 -3.30 -32.39 8.51
N ARG C 199 -3.76 -31.27 7.89
CA ARG C 199 -5.14 -30.96 7.48
C ARG C 199 -6.09 -30.93 8.67
N VAL C 200 -5.60 -30.32 9.77
CA VAL C 200 -6.34 -30.14 11.03
C VAL C 200 -7.46 -29.12 10.82
N PRO C 201 -8.73 -29.47 11.12
CA PRO C 201 -9.82 -28.48 11.03
C PRO C 201 -9.71 -27.42 12.13
N SER C 202 -10.07 -26.16 11.84
CA SER C 202 -10.08 -25.10 12.84
C SER C 202 -11.51 -24.99 13.32
N THR C 203 -11.77 -25.40 14.57
CA THR C 203 -13.14 -25.41 15.07
C THR C 203 -13.52 -24.03 15.63
N LEU C 204 -14.75 -23.62 15.31
CA LEU C 204 -15.30 -22.34 15.75
C LEU C 204 -16.66 -22.54 16.39
N TYR C 205 -16.99 -21.69 17.36
CA TYR C 205 -18.27 -21.73 18.04
C TYR C 205 -18.74 -20.31 18.35
N SER C 206 -19.90 -19.92 17.84
CA SER C 206 -20.44 -18.59 18.09
C SER C 206 -21.64 -18.62 19.04
N ILE C 207 -21.67 -17.67 19.98
CA ILE C 207 -22.80 -17.48 20.88
C ILE C 207 -24.05 -17.06 20.04
N ARG C 208 -23.82 -16.46 18.85
CA ARG C 208 -24.90 -16.05 17.95
C ARG C 208 -25.58 -17.23 17.25
N SER C 209 -24.94 -18.43 17.26
CA SER C 209 -25.50 -19.65 16.68
C SER C 209 -26.70 -20.18 17.49
N HIS C 210 -26.88 -19.71 18.73
CA HIS C 210 -28.03 -20.10 19.60
C HIS C 210 -29.30 -19.35 19.21
N GLY C 211 -29.15 -18.22 18.50
CA GLY C 211 -30.26 -17.35 18.17
C GLY C 211 -30.73 -16.59 19.40
N LYS C 212 -32.07 -16.44 19.58
CA LYS C 212 -32.70 -15.76 20.72
C LYS C 212 -32.43 -16.42 22.08
N MET C 213 -32.21 -15.59 23.11
CA MET C 213 -31.93 -16.04 24.48
C MET C 213 -33.09 -16.79 25.08
N ASN C 214 -32.74 -17.94 25.63
CA ASN C 214 -33.60 -18.95 26.26
C ASN C 214 -33.20 -19.12 27.75
N PRO C 215 -33.99 -19.88 28.58
CA PRO C 215 -33.65 -20.01 30.01
C PRO C 215 -32.31 -20.69 30.35
N VAL C 216 -31.78 -21.55 29.46
CA VAL C 216 -30.48 -22.21 29.66
C VAL C 216 -29.38 -21.14 29.62
N MET C 217 -29.43 -20.27 28.59
CA MET C 217 -28.49 -19.18 28.38
C MET C 217 -28.58 -18.10 29.48
N LYS C 218 -29.80 -17.72 29.91
CA LYS C 218 -30.01 -16.65 30.92
C LYS C 218 -29.33 -16.94 32.28
N LYS C 219 -29.13 -18.20 32.64
CA LYS C 219 -28.45 -18.58 33.90
C LYS C 219 -26.96 -18.21 33.86
N LEU C 220 -26.37 -18.11 32.64
CA LEU C 220 -24.96 -17.80 32.43
C LEU C 220 -24.59 -16.33 32.69
N PHE C 221 -25.61 -15.45 32.83
CA PHE C 221 -25.42 -14.03 33.18
C PHE C 221 -25.03 -13.86 34.65
N GLU C 222 -25.32 -14.88 35.49
CA GLU C 222 -25.00 -14.89 36.92
C GLU C 222 -23.47 -14.96 37.14
N PRO C 223 -22.88 -14.09 37.98
CA PRO C 223 -21.41 -14.14 38.18
C PRO C 223 -21.00 -15.22 39.20
N ILE C 224 -21.38 -16.49 38.92
CA ILE C 224 -21.18 -17.64 39.82
C ILE C 224 -20.23 -18.72 39.29
N TYR C 225 -19.60 -18.49 38.14
CA TYR C 225 -18.74 -19.49 37.49
C TYR C 225 -17.25 -19.29 37.74
N GLN C 226 -16.53 -20.40 37.97
CA GLN C 226 -15.08 -20.39 38.09
C GLN C 226 -14.46 -20.36 36.69
N CYS C 227 -13.47 -19.51 36.48
CA CYS C 227 -12.77 -19.38 35.19
C CYS C 227 -11.29 -19.68 35.50
N PRO C 228 -10.88 -20.97 35.59
CA PRO C 228 -9.48 -21.25 35.95
C PRO C 228 -8.46 -20.87 34.87
N LYS C 229 -7.19 -20.68 35.29
CA LYS C 229 -6.06 -20.41 34.38
C LYS C 229 -5.82 -21.62 33.47
N ASP C 230 -5.39 -21.40 32.22
CA ASP C 230 -5.14 -22.45 31.20
C ASP C 230 -4.13 -23.53 31.63
N ALA C 231 -4.13 -24.69 30.92
CA ALA C 231 -3.32 -25.90 31.19
C ALA C 231 -1.78 -25.71 31.19
N ASN C 232 -1.26 -24.55 30.72
CA ASN C 232 0.18 -24.25 30.70
C ASN C 232 0.75 -24.05 32.12
N TYR C 233 -0.14 -23.68 33.08
CA TYR C 233 0.19 -23.43 34.48
C TYR C 233 0.22 -24.71 35.30
N SER C 241 -10.17 -20.00 47.41
CA SER C 241 -11.58 -19.80 47.05
C SER C 241 -11.78 -19.42 45.57
N GLY C 242 -10.95 -18.50 45.05
CA GLY C 242 -10.96 -18.05 43.64
C GLY C 242 -12.10 -17.13 43.27
N PRO C 243 -11.86 -16.04 42.47
CA PRO C 243 -13.00 -15.17 42.09
C PRO C 243 -13.89 -15.80 41.03
N THR C 244 -15.17 -15.49 41.06
CA THR C 244 -16.12 -16.02 40.08
C THR C 244 -16.48 -14.93 39.07
N ALA C 245 -17.00 -15.36 37.91
CA ALA C 245 -17.42 -14.44 36.86
C ALA C 245 -18.61 -15.00 36.09
N SER C 246 -19.27 -14.15 35.30
N SER C 246 -19.21 -14.16 35.28
CA SER C 246 -20.39 -14.52 34.44
CA SER C 246 -20.33 -14.50 34.44
C SER C 246 -19.84 -15.12 33.15
C SER C 246 -19.81 -15.12 33.14
N VAL C 247 -20.56 -16.08 32.55
CA VAL C 247 -20.18 -16.68 31.26
C VAL C 247 -20.74 -15.73 30.16
N LEU C 248 -21.98 -15.23 30.36
CA LEU C 248 -22.58 -14.28 29.41
C LEU C 248 -22.60 -12.89 30.01
N TYR C 249 -22.33 -11.86 29.20
CA TYR C 249 -22.31 -10.46 29.66
C TYR C 249 -22.64 -9.54 28.49
N GLY C 250 -22.56 -8.24 28.71
CA GLY C 250 -22.88 -7.25 27.69
C GLY C 250 -24.37 -7.07 27.54
N ASN C 251 -24.86 -6.97 26.30
CA ASN C 251 -26.28 -6.80 26.03
C ASN C 251 -27.05 -8.09 26.39
N ARG C 252 -28.17 -7.96 27.10
CA ARG C 252 -28.95 -9.12 27.57
C ARG C 252 -29.55 -9.92 26.41
N GLU C 253 -30.05 -9.24 25.36
CA GLU C 253 -30.64 -9.92 24.21
C GLU C 253 -29.60 -10.55 23.28
N LEU C 254 -28.48 -9.83 23.01
CA LEU C 254 -27.38 -10.20 22.12
C LEU C 254 -26.06 -10.16 22.91
N PRO C 255 -25.81 -11.18 23.78
CA PRO C 255 -24.62 -11.12 24.64
C PRO C 255 -23.26 -11.48 24.07
N PHE C 256 -22.24 -11.16 24.89
CA PHE C 256 -20.85 -11.50 24.70
C PHE C 256 -20.59 -12.74 25.59
N ILE C 257 -19.54 -13.51 25.27
CA ILE C 257 -19.22 -14.72 26.00
C ILE C 257 -17.75 -14.82 26.41
N ARG C 258 -17.53 -15.44 27.59
CA ARG C 258 -16.24 -15.89 28.12
C ARG C 258 -16.48 -17.34 28.51
N PHE C 259 -15.84 -18.27 27.79
CA PHE C 259 -16.10 -19.69 28.00
C PHE C 259 -14.91 -20.54 27.64
N ASP C 260 -14.71 -21.62 28.41
CA ASP C 260 -13.64 -22.57 28.18
C ASP C 260 -14.15 -23.93 28.63
N ALA C 261 -14.69 -24.73 27.68
CA ALA C 261 -15.28 -26.05 28.00
C ALA C 261 -14.36 -26.97 28.80
N ALA C 262 -13.11 -27.09 28.33
CA ALA C 262 -12.08 -27.93 28.95
C ALA C 262 -11.76 -27.55 30.41
N GLU C 263 -11.51 -26.25 30.67
CA GLU C 263 -11.14 -25.77 32.00
C GLU C 263 -12.32 -25.52 32.95
N GLN C 264 -13.51 -25.18 32.42
CA GLN C 264 -14.68 -24.89 33.25
C GLN C 264 -15.55 -26.09 33.52
N ILE C 265 -15.63 -27.02 32.57
CA ILE C 265 -16.50 -28.20 32.70
C ILE C 265 -15.72 -29.52 32.89
N PHE C 266 -14.80 -29.85 31.95
CA PHE C 266 -13.99 -31.08 31.87
C PHE C 266 -12.80 -31.16 32.84
N ASN C 267 -12.65 -30.17 33.74
CA ASN C 267 -11.57 -30.13 34.72
C ASN C 267 -12.11 -30.48 36.10
N GLU C 268 -11.60 -31.57 36.70
CA GLU C 268 -11.98 -32.04 38.05
C GLU C 268 -11.68 -31.01 39.14
N ASN C 269 -10.60 -30.23 38.94
CA ASN C 269 -10.16 -29.19 39.87
C ASN C 269 -10.68 -27.79 39.54
N ALA C 270 -11.71 -27.67 38.67
CA ALA C 270 -12.31 -26.38 38.31
C ALA C 270 -12.94 -25.68 39.52
N GLY C 271 -13.43 -26.48 40.48
CA GLY C 271 -14.02 -26.01 41.73
C GLY C 271 -15.35 -25.30 41.60
N GLN C 272 -16.16 -25.70 40.60
CA GLN C 272 -17.49 -25.15 40.37
C GLN C 272 -18.45 -25.63 41.45
N THR C 273 -19.46 -24.81 41.78
CA THR C 273 -20.52 -25.25 42.71
C THR C 273 -21.41 -26.21 41.88
N SER C 274 -22.21 -27.05 42.52
CA SER C 274 -23.10 -27.99 41.81
C SER C 274 -24.10 -27.23 40.93
N GLU C 275 -24.58 -26.06 41.42
CA GLU C 275 -25.49 -25.17 40.71
C GLU C 275 -24.82 -24.66 39.44
N ALA C 276 -23.58 -24.09 39.56
CA ALA C 276 -22.82 -23.54 38.44
C ALA C 276 -22.39 -24.62 37.43
N LEU C 277 -21.98 -25.83 37.90
CA LEU C 277 -21.63 -26.94 37.02
C LEU C 277 -22.86 -27.45 36.24
N GLY C 278 -24.01 -27.54 36.90
CA GLY C 278 -25.27 -27.93 36.27
C GLY C 278 -25.67 -26.98 35.15
N ASN C 279 -25.54 -25.67 35.41
CA ASN C 279 -25.84 -24.62 34.43
C ASN C 279 -24.92 -24.72 33.20
N LEU C 280 -23.61 -24.99 33.43
CA LEU C 280 -22.60 -25.13 32.38
C LEU C 280 -22.84 -26.38 31.53
N MET C 281 -23.28 -27.47 32.16
CA MET C 281 -23.57 -28.75 31.49
C MET C 281 -24.80 -28.60 30.59
N ASP C 282 -25.85 -27.90 31.07
CA ASP C 282 -27.06 -27.63 30.31
C ASP C 282 -26.71 -26.77 29.09
N PHE C 283 -25.80 -25.78 29.29
CA PHE C 283 -25.33 -24.90 28.23
C PHE C 283 -24.50 -25.67 27.22
N TRP C 284 -23.55 -26.50 27.70
CA TRP C 284 -22.68 -27.32 26.84
C TRP C 284 -23.47 -28.26 25.96
N ASP C 285 -24.59 -28.84 26.49
CA ASP C 285 -25.48 -29.72 25.72
C ASP C 285 -26.05 -29.02 24.49
N GLU C 286 -26.41 -27.75 24.65
CA GLU C 286 -26.94 -26.89 23.60
C GLU C 286 -25.81 -26.41 22.67
N ALA C 287 -24.69 -25.92 23.25
CA ALA C 287 -23.53 -25.38 22.51
C ALA C 287 -22.76 -26.40 21.63
N LYS C 288 -22.58 -27.65 22.10
CA LYS C 288 -21.81 -28.66 21.37
C LYS C 288 -22.34 -28.99 19.97
N THR C 289 -23.68 -28.89 19.77
CA THR C 289 -24.34 -29.17 18.48
C THR C 289 -24.11 -28.04 17.48
N LEU C 290 -23.70 -26.87 17.97
CA LEU C 290 -23.50 -25.64 17.20
C LEU C 290 -22.04 -25.40 16.78
N ILE C 291 -21.09 -26.23 17.28
CA ILE C 291 -19.66 -26.14 16.94
C ILE C 291 -19.47 -26.43 15.44
N ASN C 292 -18.72 -25.56 14.74
CA ASN C 292 -18.45 -25.69 13.32
C ASN C 292 -16.98 -26.08 13.09
N SER C 293 -16.78 -27.30 12.55
CA SER C 293 -15.46 -27.87 12.26
C SER C 293 -15.24 -28.07 10.75
N ASP C 294 -16.09 -27.42 9.93
CA ASP C 294 -16.04 -27.54 8.45
C ASP C 294 -14.79 -26.97 7.82
N TYR C 295 -14.27 -25.85 8.35
CA TYR C 295 -13.12 -25.20 7.74
C TYR C 295 -11.76 -25.80 8.09
N ILE C 296 -11.02 -26.23 7.03
CA ILE C 296 -9.67 -26.75 7.15
C ILE C 296 -8.74 -25.69 6.52
N PRO C 297 -8.00 -24.91 7.33
CA PRO C 297 -7.15 -23.86 6.74
C PRO C 297 -6.03 -24.37 5.85
N ASN C 298 -5.74 -23.60 4.82
CA ASN C 298 -4.62 -23.82 3.92
C ASN C 298 -3.54 -22.82 4.29
N SER C 299 -2.32 -23.07 3.82
CA SER C 299 -1.19 -22.17 3.99
C SER C 299 -1.57 -20.77 3.42
N GLY C 300 -1.44 -19.73 4.25
CA GLY C 300 -1.80 -18.37 3.84
C GLY C 300 -3.18 -17.90 4.23
N ASP C 301 -3.99 -18.79 4.83
CA ASP C 301 -5.32 -18.38 5.33
C ASP C 301 -5.18 -17.72 6.69
N LEU C 302 -6.04 -16.72 6.96
CA LEU C 302 -6.09 -16.04 8.22
C LEU C 302 -7.51 -16.03 8.75
N ILE C 303 -7.69 -16.49 9.99
CA ILE C 303 -9.00 -16.44 10.66
C ILE C 303 -8.96 -15.25 11.65
N PHE C 304 -9.91 -14.35 11.50
CA PHE C 304 -10.02 -13.14 12.31
C PHE C 304 -11.28 -13.29 13.17
N VAL C 305 -11.10 -13.19 14.50
CA VAL C 305 -12.13 -13.48 15.50
C VAL C 305 -12.40 -12.33 16.47
N ASN C 306 -13.69 -12.11 16.74
CA ASN C 306 -14.14 -11.22 17.79
C ASN C 306 -14.17 -12.19 18.98
N ASN C 307 -13.20 -12.06 19.89
CA ASN C 307 -13.03 -12.91 21.06
C ASN C 307 -14.19 -12.80 22.08
N HIS C 308 -15.13 -11.86 21.88
CA HIS C 308 -16.31 -11.70 22.74
C HIS C 308 -17.52 -12.44 22.17
N LEU C 309 -17.42 -12.92 20.91
CA LEU C 309 -18.54 -13.61 20.24
C LEU C 309 -18.26 -15.05 19.89
N CYS C 310 -17.03 -15.35 19.50
CA CYS C 310 -16.68 -16.62 18.92
C CYS C 310 -15.53 -17.29 19.63
N ALA C 311 -15.77 -18.54 20.06
CA ALA C 311 -14.78 -19.40 20.71
C ALA C 311 -14.08 -20.21 19.59
N HIS C 312 -12.87 -20.65 19.84
CA HIS C 312 -12.11 -21.41 18.86
C HIS C 312 -11.53 -22.67 19.49
N GLY C 313 -11.19 -23.61 18.63
CA GLY C 313 -10.58 -24.87 19.00
C GLY C 313 -9.86 -25.47 17.79
N ARG C 314 -9.43 -26.71 17.95
CA ARG C 314 -8.68 -27.43 16.93
C ARG C 314 -8.95 -28.88 17.23
N SER C 315 -9.04 -29.75 16.18
CA SER C 315 -9.23 -31.18 16.36
C SER C 315 -7.92 -31.86 16.78
N ALA C 316 -7.99 -33.16 17.16
CA ALA C 316 -6.81 -33.94 17.52
C ALA C 316 -6.04 -34.27 16.23
N PHE C 317 -4.70 -34.36 16.34
CA PHE C 317 -3.80 -34.68 15.24
C PHE C 317 -2.42 -35.12 15.71
N ILE C 318 -1.70 -35.85 14.86
CA ILE C 318 -0.32 -36.23 15.13
C ILE C 318 0.49 -35.25 14.30
N ALA C 319 1.33 -34.45 14.97
CA ALA C 319 2.14 -33.44 14.31
C ALA C 319 3.12 -34.05 13.28
N GLY C 320 3.14 -33.46 12.10
CA GLY C 320 4.01 -33.89 11.01
C GLY C 320 3.51 -35.05 10.19
N GLN C 321 2.20 -35.35 10.23
CA GLN C 321 1.61 -36.45 9.43
C GLN C 321 0.11 -36.28 9.16
N ARG C 322 -0.34 -36.78 8.01
CA ARG C 322 -1.74 -36.81 7.57
C ARG C 322 -2.07 -38.27 7.16
N ILE C 323 -3.35 -38.66 7.22
CA ILE C 323 -3.76 -40.00 6.77
C ILE C 323 -4.58 -39.86 5.47
N GLU C 324 -3.94 -40.16 4.32
CA GLU C 324 -4.59 -40.11 3.02
C GLU C 324 -5.08 -41.51 2.72
N ASN C 325 -6.42 -41.69 2.78
CA ASN C 325 -7.15 -42.96 2.65
C ASN C 325 -6.74 -43.85 3.85
N GLY C 326 -5.71 -44.68 3.65
CA GLY C 326 -5.18 -45.57 4.68
C GLY C 326 -3.72 -45.32 4.99
N GLU C 327 -2.98 -44.66 4.06
CA GLU C 327 -1.54 -44.33 4.08
C GLU C 327 -1.13 -43.18 5.03
N ILE C 328 0.05 -43.31 5.69
CA ILE C 328 0.66 -42.24 6.51
C ILE C 328 1.56 -41.43 5.57
N ILE C 329 1.24 -40.14 5.43
CA ILE C 329 2.04 -39.23 4.63
C ILE C 329 2.75 -38.27 5.59
N LYS C 330 4.09 -38.38 5.67
CA LYS C 330 4.92 -37.51 6.51
C LYS C 330 4.95 -36.12 5.88
N CYS C 331 4.92 -35.08 6.72
CA CYS C 331 4.90 -33.70 6.26
C CYS C 331 5.58 -32.77 7.27
N GLU C 332 5.76 -31.50 6.89
CA GLU C 332 6.31 -30.49 7.80
C GLU C 332 5.21 -30.19 8.86
N ARG C 333 5.65 -29.97 10.10
CA ARG C 333 4.77 -29.75 11.25
C ARG C 333 3.99 -28.43 11.21
N ARG C 334 2.76 -28.45 11.79
CA ARG C 334 1.82 -27.32 11.89
C ARG C 334 2.49 -26.08 12.47
N GLN C 335 2.22 -24.95 11.83
CA GLN C 335 2.72 -23.65 12.24
C GLN C 335 1.63 -22.62 12.00
N MET C 336 1.27 -21.90 13.06
CA MET C 336 0.23 -20.87 13.06
C MET C 336 0.75 -19.66 13.85
N LEU C 337 0.39 -18.44 13.42
CA LEU C 337 0.81 -17.24 14.11
C LEU C 337 -0.40 -16.53 14.70
N ARG C 338 -0.35 -16.26 16.00
CA ARG C 338 -1.43 -15.60 16.75
C ARG C 338 -1.08 -14.18 17.17
N MET C 339 -2.02 -13.26 16.92
CA MET C 339 -1.94 -11.88 17.36
C MET C 339 -3.25 -11.52 18.06
N MET C 340 -3.13 -10.78 19.18
CA MET C 340 -4.25 -10.37 20.03
C MET C 340 -4.27 -8.85 20.14
N SER C 341 -5.47 -8.27 20.21
CA SER C 341 -5.60 -6.84 20.30
C SER C 341 -6.75 -6.38 21.20
N LYS C 342 -6.65 -5.13 21.69
CA LYS C 342 -7.65 -4.45 22.51
C LYS C 342 -8.04 -3.14 21.83
N THR C 343 -9.35 -2.84 21.78
CA THR C 343 -9.90 -1.62 21.16
C THR C 343 -9.66 -0.37 22.00
N SER C 344 -9.38 -0.53 23.30
CA SER C 344 -9.14 0.58 24.18
C SER C 344 -8.00 0.36 25.16
N LEU C 345 -6.99 1.25 25.09
CA LEU C 345 -5.88 1.26 26.04
C LEU C 345 -6.30 1.90 27.38
N ILE C 346 -7.34 2.73 27.34
CA ILE C 346 -7.85 3.44 28.53
C ILE C 346 -8.46 2.48 29.57
N HIS C 347 -9.39 1.62 29.10
N HIS C 347 -9.37 1.60 29.13
CA HIS C 347 -10.12 0.65 29.91
CA HIS C 347 -10.11 0.72 30.04
C HIS C 347 -9.20 -0.35 30.65
C HIS C 347 -9.24 -0.42 30.63
N ILE C 348 -8.08 -0.74 30.02
CA ILE C 348 -7.12 -1.73 30.55
C ILE C 348 -5.97 -1.09 31.34
N ARG C 349 -5.94 0.25 31.44
CA ARG C 349 -4.82 0.98 32.02
C ARG C 349 -4.47 0.59 33.48
N SER C 350 -5.44 0.21 34.31
CA SER C 350 -5.13 -0.21 35.68
C SER C 350 -4.38 -1.59 35.73
N VAL C 351 -4.35 -2.35 34.63
CA VAL C 351 -3.66 -3.65 34.61
C VAL C 351 -2.42 -3.68 33.69
N THR C 352 -2.07 -2.57 33.05
CA THR C 352 -0.90 -2.56 32.18
C THR C 352 0.34 -2.04 32.89
N ARG C 353 1.53 -2.34 32.31
CA ARG C 353 2.81 -1.85 32.84
C ARG C 353 2.81 -0.32 32.76
N THR C 354 3.36 0.35 33.78
CA THR C 354 3.44 1.80 33.86
C THR C 354 4.10 2.39 32.60
N ASP C 355 5.24 1.81 32.18
CA ASP C 355 6.00 2.26 31.01
C ASP C 355 5.55 1.60 29.68
N ASP C 356 4.54 0.70 29.70
CA ASP C 356 4.04 0.04 28.48
C ASP C 356 2.52 -0.21 28.55
N PRO C 357 1.71 0.73 28.00
CA PRO C 357 0.24 0.56 28.07
C PRO C 357 -0.34 -0.54 27.16
N TYR C 358 0.54 -1.27 26.43
CA TYR C 358 0.16 -2.40 25.55
C TYR C 358 0.50 -3.74 26.22
N PHE C 359 1.07 -3.71 27.44
CA PHE C 359 1.51 -4.92 28.14
C PHE C 359 0.65 -5.21 29.36
N ILE C 360 -0.27 -6.19 29.23
CA ILE C 360 -1.22 -6.56 30.27
C ILE C 360 -0.59 -7.51 31.30
N MET C 361 -0.59 -7.04 32.56
CA MET C 361 -0.03 -7.69 33.73
C MET C 361 -1.06 -8.44 34.56
N GLU C 362 -2.30 -8.53 34.07
CA GLU C 362 -3.38 -9.23 34.77
C GLU C 362 -3.11 -10.73 34.83
N GLU C 363 -3.36 -11.32 36.01
CA GLU C 363 -3.16 -12.74 36.28
C GLU C 363 -4.49 -13.54 36.27
N HIS C 364 -5.51 -13.06 36.99
CA HIS C 364 -6.76 -13.78 37.13
C HIS C 364 -7.89 -12.86 37.59
N LEU C 365 -8.91 -12.70 36.75
CA LEU C 365 -10.13 -11.89 36.96
C LEU C 365 -9.94 -10.64 37.86
N GLY C 366 -9.07 -9.74 37.42
CA GLY C 366 -8.81 -8.49 38.14
C GLY C 366 -7.48 -8.46 38.88
N LYS C 367 -7.06 -9.61 39.43
CA LYS C 367 -5.81 -9.75 40.17
C LYS C 367 -4.63 -9.66 39.20
N ILE C 368 -3.63 -8.86 39.56
CA ILE C 368 -2.40 -8.59 38.80
C ILE C 368 -1.27 -9.50 39.31
N PHE C 369 -0.36 -9.95 38.42
CA PHE C 369 0.81 -10.77 38.80
C PHE C 369 1.62 -10.06 39.90
N ASP C 370 2.09 -10.84 40.90
CA ASP C 370 2.87 -10.34 42.03
C ASP C 370 4.30 -9.97 41.62
N LEU C 371 5.11 -10.98 41.22
CA LEU C 371 6.51 -10.86 40.78
C LEU C 371 7.43 -10.17 41.80
N ASP C 372 7.82 -10.90 42.86
CA ASP C 372 8.69 -10.37 43.92
C ASP C 372 10.15 -10.30 43.47
N LEU D 17 16.95 15.92 32.97
CA LEU D 17 16.71 14.65 33.66
C LEU D 17 15.34 14.62 34.35
N THR D 18 15.04 15.65 35.18
CA THR D 18 13.76 15.80 35.91
C THR D 18 12.62 16.11 34.92
N LEU D 19 11.61 15.23 34.90
CA LEU D 19 10.43 15.26 34.02
C LEU D 19 9.67 16.59 34.02
N GLU D 20 9.27 17.05 32.82
CA GLU D 20 8.57 18.32 32.60
C GLU D 20 7.06 18.19 32.81
N ILE D 21 6.58 18.76 33.93
CA ILE D 21 5.19 18.79 34.37
C ILE D 21 4.40 19.70 33.41
N PRO D 22 3.34 19.18 32.73
CA PRO D 22 2.55 20.07 31.85
C PRO D 22 1.62 20.98 32.65
N THR D 23 1.64 22.27 32.34
CA THR D 23 0.83 23.28 33.04
C THR D 23 -0.18 23.94 32.09
N SER D 24 -0.04 23.65 30.80
CA SER D 24 -0.88 24.23 29.76
C SER D 24 -1.10 23.27 28.60
N PRO D 25 -2.22 23.40 27.83
CA PRO D 25 -2.43 22.50 26.69
C PRO D 25 -1.47 22.75 25.54
N LEU D 26 -1.35 21.77 24.64
CA LEU D 26 -0.58 21.92 23.42
C LEU D 26 -1.40 22.86 22.49
N ILE D 27 -0.76 23.91 21.95
CA ILE D 27 -1.39 24.85 21.02
C ILE D 27 -0.89 24.55 19.62
N ILE D 28 -1.82 24.23 18.71
CA ILE D 28 -1.54 23.97 17.31
C ILE D 28 -2.13 25.11 16.50
N LYS D 29 -1.29 25.83 15.76
CA LYS D 29 -1.77 26.90 14.89
C LYS D 29 -2.08 26.28 13.55
N ILE D 30 -3.37 26.12 13.24
CA ILE D 30 -3.80 25.54 11.95
C ILE D 30 -3.45 26.51 10.82
N THR D 31 -2.87 25.99 9.72
CA THR D 31 -2.48 26.81 8.58
C THR D 31 -3.68 26.99 7.64
N GLN D 32 -3.57 27.94 6.71
CA GLN D 32 -4.58 28.20 5.69
C GLN D 32 -4.78 26.96 4.81
N GLN D 33 -3.67 26.30 4.39
CA GLN D 33 -3.74 25.09 3.55
C GLN D 33 -4.55 24.00 4.25
N GLU D 34 -4.30 23.77 5.57
CA GLU D 34 -5.02 22.78 6.39
C GLU D 34 -6.51 23.13 6.49
N ARG D 35 -6.79 24.40 6.80
CA ARG D 35 -8.13 24.97 6.85
C ARG D 35 -8.88 24.69 5.51
N ASN D 36 -8.23 24.90 4.35
CA ASN D 36 -8.80 24.68 3.01
C ASN D 36 -9.09 23.21 2.74
N ILE D 37 -8.22 22.30 3.17
CA ILE D 37 -8.40 20.85 3.05
C ILE D 37 -9.64 20.46 3.87
N LEU D 38 -9.70 20.86 5.15
CA LEU D 38 -10.83 20.55 6.02
C LEU D 38 -12.17 21.00 5.42
N SER D 39 -12.19 22.20 4.86
CA SER D 39 -13.36 22.77 4.19
C SER D 39 -13.80 21.95 2.98
N ASN D 40 -12.86 21.62 2.06
CA ASN D 40 -13.15 20.83 0.87
C ASN D 40 -13.62 19.40 1.20
N VAL D 41 -12.98 18.78 2.19
CA VAL D 41 -13.30 17.44 2.70
C VAL D 41 -14.70 17.43 3.33
N GLY D 42 -14.96 18.47 4.13
CA GLY D 42 -16.26 18.67 4.77
C GLY D 42 -17.37 18.74 3.74
N ASN D 43 -17.15 19.55 2.67
CA ASN D 43 -18.10 19.71 1.54
C ASN D 43 -18.33 18.39 0.78
N LEU D 44 -17.26 17.63 0.52
CA LEU D 44 -17.33 16.34 -0.17
C LEU D 44 -18.15 15.30 0.62
N LEU D 45 -17.94 15.26 1.95
CA LEU D 45 -18.67 14.35 2.85
C LEU D 45 -20.17 14.69 2.94
N VAL D 46 -20.52 16.00 2.93
CA VAL D 46 -21.89 16.48 2.91
C VAL D 46 -22.58 15.94 1.64
N LYS D 47 -21.93 16.10 0.46
CA LYS D 47 -22.41 15.62 -0.84
C LYS D 47 -22.56 14.09 -0.87
N ALA D 48 -21.53 13.38 -0.38
CA ALA D 48 -21.49 11.92 -0.35
C ALA D 48 -22.48 11.25 0.63
N PHE D 49 -22.64 11.79 1.84
CA PHE D 49 -23.44 11.14 2.89
C PHE D 49 -24.64 11.92 3.42
N GLY D 50 -24.83 13.14 2.96
CA GLY D 50 -25.94 13.95 3.42
C GLY D 50 -25.70 14.58 4.78
N ASN D 51 -25.53 13.76 5.84
CA ASN D 51 -25.27 14.21 7.20
C ASN D 51 -24.33 13.25 7.97
N TYR D 52 -23.65 13.77 9.00
CA TYR D 52 -22.64 13.07 9.82
C TYR D 52 -23.21 11.94 10.70
N GLU D 53 -24.52 11.77 10.74
CA GLU D 53 -25.17 10.70 11.48
C GLU D 53 -25.58 9.54 10.57
N ASN D 54 -25.24 9.64 9.27
CA ASN D 54 -25.51 8.59 8.29
C ASN D 54 -24.80 7.31 8.74
N PRO D 55 -25.54 6.18 8.89
CA PRO D 55 -24.90 4.92 9.36
C PRO D 55 -23.76 4.41 8.48
N ASP D 56 -23.81 4.68 7.16
CA ASP D 56 -22.75 4.29 6.21
C ASP D 56 -21.48 5.09 6.47
N TYR D 57 -21.64 6.37 6.85
CA TYR D 57 -20.52 7.25 7.19
C TYR D 57 -19.89 6.83 8.51
N ILE D 58 -20.73 6.61 9.55
CA ILE D 58 -20.32 6.20 10.88
C ILE D 58 -19.56 4.86 10.84
N ALA D 59 -20.05 3.90 10.03
CA ALA D 59 -19.43 2.59 9.86
C ALA D 59 -18.02 2.66 9.23
N SER D 60 -17.75 3.71 8.43
CA SER D 60 -16.46 3.89 7.76
C SER D 60 -15.72 5.17 8.21
N LEU D 61 -16.07 5.69 9.42
CA LEU D 61 -15.49 6.92 10.00
C LEU D 61 -13.97 6.99 10.02
N HIS D 62 -13.32 5.94 10.53
CA HIS D 62 -11.86 5.90 10.67
C HIS D 62 -11.16 5.92 9.33
N LEU D 63 -11.77 5.27 8.33
CA LEU D 63 -11.24 5.24 6.98
C LEU D 63 -11.22 6.67 6.40
N HIS D 64 -12.32 7.42 6.56
CA HIS D 64 -12.40 8.80 6.09
C HIS D 64 -11.47 9.71 6.87
N ALA D 65 -11.37 9.50 8.19
CA ALA D 65 -10.49 10.32 9.05
C ALA D 65 -9.00 10.19 8.65
N PHE D 66 -8.48 8.95 8.59
CA PHE D 66 -7.07 8.73 8.22
C PHE D 66 -6.74 9.06 6.76
N GLN D 67 -7.71 8.95 5.85
CA GLN D 67 -7.43 9.25 4.45
C GLN D 67 -7.67 10.72 4.06
N LEU D 68 -8.69 11.37 4.66
CA LEU D 68 -9.08 12.72 4.25
C LEU D 68 -8.52 13.86 5.09
N LEU D 69 -8.12 13.62 6.35
CA LEU D 69 -7.64 14.74 7.16
C LEU D 69 -6.24 15.21 6.76
N PRO D 70 -5.91 16.54 6.97
CA PRO D 70 -4.52 16.98 6.79
C PRO D 70 -3.62 16.14 7.69
N GLU D 71 -2.58 15.54 7.09
CA GLU D 71 -1.66 14.60 7.75
C GLU D 71 -1.12 15.03 9.11
N ARG D 72 -0.82 16.34 9.29
CA ARG D 72 -0.31 16.86 10.57
C ARG D 72 -1.34 16.68 11.69
N ILE D 73 -2.64 16.94 11.39
CA ILE D 73 -3.75 16.76 12.37
C ILE D 73 -3.89 15.28 12.75
N THR D 74 -3.87 14.39 11.76
CA THR D 74 -3.94 12.94 11.95
C THR D 74 -2.83 12.45 12.89
N ARG D 75 -1.59 12.91 12.67
N ARG D 75 -1.59 12.93 12.67
CA ARG D 75 -0.42 12.53 13.48
CA ARG D 75 -0.37 12.62 13.43
C ARG D 75 -0.61 13.00 14.92
C ARG D 75 -0.53 13.04 14.88
N ILE D 76 -1.01 14.27 15.11
CA ILE D 76 -1.23 14.86 16.44
C ILE D 76 -2.30 14.08 17.20
N LEU D 77 -3.44 13.78 16.57
CA LEU D 77 -4.57 13.07 17.20
C LEU D 77 -4.29 11.61 17.52
N SER D 78 -3.57 10.90 16.64
N SER D 78 -3.59 10.88 16.64
CA SER D 78 -3.17 9.50 16.80
CA SER D 78 -3.25 9.48 16.87
C SER D 78 -2.16 9.35 17.94
C SER D 78 -2.16 9.34 17.97
N GLN D 79 -1.21 10.29 18.05
CA GLN D 79 -0.20 10.32 19.10
C GLN D 79 -0.92 10.62 20.44
N PHE D 80 -1.88 11.55 20.42
CA PHE D 80 -2.68 11.97 21.58
C PHE D 80 -3.57 10.85 22.14
N GLY D 81 -4.18 10.06 21.27
CA GLY D 81 -5.08 8.97 21.66
C GLY D 81 -4.49 7.90 22.57
N SER D 82 -3.20 7.63 22.43
CA SER D 82 -2.52 6.61 23.21
C SER D 82 -1.47 7.20 24.18
N ASP D 83 -1.50 8.53 24.41
CA ASP D 83 -0.54 9.20 25.26
C ASP D 83 -1.08 9.51 26.64
N PHE D 84 -0.65 8.72 27.63
CA PHE D 84 -1.10 8.92 29.01
C PHE D 84 0.11 9.15 29.94
N SER D 85 1.23 9.58 29.34
CA SER D 85 2.51 9.81 30.01
C SER D 85 2.47 11.02 30.95
N ALA D 86 3.52 11.14 31.77
CA ALA D 86 3.71 12.25 32.72
C ALA D 86 3.72 13.62 32.02
N GLU D 87 4.19 13.68 30.78
CA GLU D 87 4.32 14.92 29.99
C GLU D 87 3.03 15.36 29.29
N GLN D 88 2.02 14.47 29.19
CA GLN D 88 0.77 14.76 28.50
C GLN D 88 -0.23 15.54 29.34
N TYR D 89 -0.58 16.77 28.89
CA TYR D 89 -1.56 17.62 29.55
C TYR D 89 -3.01 17.00 29.44
N GLY D 90 -3.34 16.42 28.28
CA GLY D 90 -4.65 15.86 28.03
C GLY D 90 -5.59 16.79 27.30
N ALA D 91 -5.05 17.90 26.78
CA ALA D 91 -5.84 18.83 25.97
C ALA D 91 -4.97 19.40 24.87
N ILE D 92 -5.60 19.68 23.72
CA ILE D 92 -5.00 20.33 22.55
C ILE D 92 -5.91 21.44 22.09
N VAL D 93 -5.34 22.61 21.84
CA VAL D 93 -6.08 23.73 21.26
C VAL D 93 -5.68 23.78 19.78
N PHE D 94 -6.65 23.56 18.88
CA PHE D 94 -6.43 23.74 17.44
C PHE D 94 -6.93 25.15 17.10
N GLN D 95 -5.98 26.13 17.04
CA GLN D 95 -6.28 27.52 16.71
C GLN D 95 -6.60 27.66 15.21
N GLY D 96 -7.73 28.26 14.91
CA GLY D 96 -8.17 28.49 13.54
C GLY D 96 -8.37 27.23 12.74
N LEU D 97 -9.04 26.19 13.31
CA LEU D 97 -9.31 24.95 12.61
C LEU D 97 -10.25 25.18 11.44
N ILE D 98 -11.27 26.04 11.65
CA ILE D 98 -12.27 26.38 10.65
C ILE D 98 -12.43 27.88 10.54
N GLU D 99 -12.91 28.32 9.37
CA GLU D 99 -13.25 29.71 9.14
C GLU D 99 -14.76 29.78 9.30
N VAL D 100 -15.24 30.51 10.30
CA VAL D 100 -16.68 30.59 10.51
C VAL D 100 -17.28 31.74 9.72
N ASP D 101 -18.26 31.45 8.86
CA ASP D 101 -18.98 32.47 8.12
C ASP D 101 -20.10 32.94 9.07
N GLN D 102 -19.88 34.09 9.72
CA GLN D 102 -20.80 34.66 10.71
C GLN D 102 -22.19 34.98 10.17
N ASP D 103 -22.28 35.48 8.92
CA ASP D 103 -23.56 35.81 8.27
C ASP D 103 -24.40 34.57 7.98
N ASP D 104 -23.74 33.49 7.48
CA ASP D 104 -24.41 32.22 7.19
C ASP D 104 -24.90 31.56 8.47
N LEU D 105 -24.11 31.62 9.56
CA LEU D 105 -24.46 31.06 10.88
C LEU D 105 -25.74 31.73 11.43
N GLY D 106 -25.90 33.03 11.14
CA GLY D 106 -27.04 33.83 11.58
C GLY D 106 -27.06 34.06 13.08
N PRO D 107 -28.12 34.66 13.65
CA PRO D 107 -28.15 34.89 15.10
C PRO D 107 -28.16 33.59 15.92
N THR D 108 -27.59 33.65 17.14
CA THR D 108 -27.56 32.51 18.05
C THR D 108 -29.00 32.28 18.56
N PRO D 109 -29.54 31.04 18.47
CA PRO D 109 -30.92 30.80 18.97
C PRO D 109 -31.07 31.05 20.47
N PRO D 110 -32.30 31.26 21.02
CA PRO D 110 -32.40 31.52 22.48
C PRO D 110 -31.86 30.40 23.37
N ASN D 111 -31.98 29.15 22.91
CA ASN D 111 -31.49 27.96 23.61
C ASN D 111 -31.00 26.91 22.59
N TRP D 112 -30.51 25.75 23.08
CA TRP D 112 -30.04 24.67 22.20
C TRP D 112 -31.18 24.05 21.38
N GLN D 113 -32.45 24.12 21.89
CA GLN D 113 -33.67 23.59 21.24
C GLN D 113 -33.99 24.30 19.92
N GLY D 114 -33.56 25.56 19.82
CA GLY D 114 -33.76 26.40 18.65
C GLY D 114 -32.73 26.30 17.54
N ALA D 115 -31.68 25.47 17.74
CA ALA D 115 -30.60 25.26 16.78
C ALA D 115 -31.08 24.58 15.49
N ASP D 116 -30.68 25.13 14.34
CA ASP D 116 -30.97 24.50 13.06
C ASP D 116 -29.70 23.68 12.76
N TYR D 117 -29.78 22.34 12.93
CA TYR D 117 -28.66 21.42 12.68
C TYR D 117 -28.32 21.26 11.18
N GLY D 118 -29.10 21.88 10.31
CA GLY D 118 -28.85 21.93 8.88
C GLY D 118 -27.68 22.86 8.61
N LYS D 119 -27.53 23.89 9.48
CA LYS D 119 -26.45 24.87 9.44
C LYS D 119 -25.13 24.32 10.03
N LEU D 120 -25.18 23.30 10.91
CA LEU D 120 -23.95 22.77 11.52
C LEU D 120 -23.54 21.39 10.98
N ASN D 121 -24.01 21.05 9.76
CA ASN D 121 -23.81 19.75 9.12
C ASN D 121 -22.38 19.48 8.73
N LYS D 122 -21.74 20.44 8.03
CA LYS D 122 -20.34 20.39 7.63
C LYS D 122 -19.43 20.38 8.88
N TYR D 123 -19.78 21.18 9.92
CA TYR D 123 -19.03 21.21 11.18
C TYR D 123 -19.06 19.86 11.93
N GLY D 124 -20.20 19.17 11.89
CA GLY D 124 -20.36 17.85 12.48
C GLY D 124 -19.49 16.82 11.80
N PHE D 125 -19.31 16.95 10.46
CA PHE D 125 -18.42 16.06 9.70
C PHE D 125 -16.97 16.29 10.10
N ILE D 126 -16.54 17.56 10.19
CA ILE D 126 -15.17 17.94 10.58
C ILE D 126 -14.85 17.44 11.97
N CYS D 127 -15.74 17.67 12.96
CA CYS D 127 -15.57 17.20 14.33
C CYS D 127 -15.50 15.68 14.43
N SER D 128 -16.39 14.94 13.72
CA SER D 128 -16.39 13.47 13.75
C SER D 128 -15.11 12.90 13.18
N LEU D 129 -14.51 13.57 12.15
CA LEU D 129 -13.22 13.13 11.57
C LEU D 129 -12.12 13.24 12.59
N LEU D 130 -12.08 14.33 13.39
CA LEU D 130 -11.08 14.51 14.44
C LEU D 130 -11.15 13.37 15.47
N HIS D 131 -12.38 13.04 15.92
CA HIS D 131 -12.58 11.90 16.82
C HIS D 131 -12.16 10.60 16.12
N GLY D 132 -12.53 10.45 14.85
CA GLY D 132 -12.17 9.28 14.06
C GLY D 132 -10.68 8.97 13.97
N ALA D 133 -9.82 10.03 13.99
CA ALA D 133 -8.35 9.93 13.90
C ALA D 133 -7.66 9.47 15.19
N VAL D 134 -8.35 9.59 16.34
CA VAL D 134 -7.79 9.26 17.66
C VAL D 134 -7.22 7.79 17.72
N PRO D 135 -7.88 6.68 17.27
CA PRO D 135 -9.28 6.55 16.77
C PRO D 135 -10.30 6.45 17.89
N SER D 136 -11.47 7.05 17.69
CA SER D 136 -12.53 7.10 18.69
C SER D 136 -13.87 7.23 18.00
N LYS D 137 -14.95 6.71 18.62
CA LYS D 137 -16.27 6.69 17.99
C LYS D 137 -17.23 7.61 18.64
N PRO D 138 -17.79 8.59 17.86
CA PRO D 138 -18.80 9.50 18.44
C PRO D 138 -20.01 8.73 18.96
N VAL D 139 -20.44 9.12 20.15
CA VAL D 139 -21.54 8.50 20.86
C VAL D 139 -22.49 9.57 21.37
N GLN D 140 -23.67 9.15 21.82
CA GLN D 140 -24.61 10.04 22.48
C GLN D 140 -25.10 9.39 23.78
N TYR D 141 -25.53 10.23 24.72
CA TYR D 141 -25.97 9.83 26.05
C TYR D 141 -27.38 10.22 26.29
N TYR D 142 -28.18 9.30 26.84
CA TYR D 142 -29.54 9.61 27.24
C TYR D 142 -29.49 10.63 28.38
N ALA D 143 -28.43 10.56 29.24
CA ALA D 143 -28.20 11.48 30.36
C ALA D 143 -28.00 12.94 29.93
N GLN D 144 -27.60 13.15 28.67
CA GLN D 144 -27.43 14.49 28.10
C GLN D 144 -28.48 14.73 27.00
N ARG D 145 -29.56 15.47 27.34
CA ARG D 145 -30.70 15.87 26.48
C ARG D 145 -31.46 14.67 25.86
N LYS D 146 -31.46 13.49 26.53
CA LYS D 146 -32.08 12.25 26.03
C LYS D 146 -31.42 11.79 24.70
N GLY D 147 -30.10 12.01 24.62
CA GLY D 147 -29.30 11.72 23.44
C GLY D 147 -28.92 13.01 22.76
N GLY D 148 -29.89 13.62 22.08
CA GLY D 148 -29.76 14.90 21.39
C GLY D 148 -28.83 14.93 20.19
N GLY D 149 -28.45 13.76 19.69
CA GLY D 149 -27.56 13.65 18.55
C GLY D 149 -26.09 13.64 18.91
N LEU D 150 -25.24 13.32 17.91
CA LEU D 150 -23.78 13.25 18.06
C LEU D 150 -23.11 14.62 18.23
N LEU D 151 -23.77 15.69 17.78
CA LEU D 151 -23.23 17.05 17.87
C LEU D 151 -24.20 17.91 18.65
N HIS D 152 -23.73 18.54 19.74
CA HIS D 152 -24.58 19.38 20.59
C HIS D 152 -24.21 20.84 20.47
N ALA D 153 -25.22 21.66 20.19
CA ALA D 153 -25.13 23.11 20.18
C ALA D 153 -25.20 23.47 21.68
N VAL D 154 -24.13 24.09 22.22
CA VAL D 154 -24.04 24.52 23.62
C VAL D 154 -24.25 26.04 23.57
N ILE D 155 -25.44 26.51 24.03
CA ILE D 155 -25.86 27.91 23.94
C ILE D 155 -26.34 28.49 25.29
N PRO D 156 -25.90 29.72 25.68
CA PRO D 156 -26.38 30.31 26.95
C PRO D 156 -27.85 30.70 26.89
N ASP D 157 -28.66 30.07 27.76
CA ASP D 157 -30.09 30.32 27.88
C ASP D 157 -30.31 31.27 29.05
N GLU D 158 -31.10 32.34 28.83
CA GLU D 158 -31.44 33.37 29.83
C GLU D 158 -32.26 32.79 30.99
N LYS D 159 -33.09 31.76 30.70
CA LYS D 159 -33.91 31.01 31.66
C LYS D 159 -33.01 30.28 32.68
N MET D 160 -31.83 29.83 32.23
CA MET D 160 -30.85 29.10 33.05
C MET D 160 -29.53 29.87 33.17
N ALA D 161 -29.61 31.22 33.22
CA ALA D 161 -28.49 32.16 33.32
C ALA D 161 -27.51 31.89 34.46
N ALA D 162 -28.00 31.70 35.70
CA ALA D 162 -27.16 31.44 36.87
C ALA D 162 -27.01 29.95 37.26
N THR D 163 -27.37 29.02 36.35
CA THR D 163 -27.27 27.57 36.63
C THR D 163 -25.87 27.02 36.38
N GLN D 164 -25.50 25.94 37.08
CA GLN D 164 -24.21 25.26 36.93
C GLN D 164 -24.30 24.21 35.79
N THR D 165 -24.61 24.69 34.56
CA THR D 165 -24.72 23.85 33.36
C THR D 165 -24.20 24.62 32.10
N GLY D 166 -24.09 23.90 30.98
CA GLY D 166 -23.66 24.42 29.68
C GLY D 166 -24.55 25.51 29.13
N SER D 167 -25.83 25.56 29.60
CA SER D 167 -26.85 26.58 29.27
C SER D 167 -26.67 27.82 30.16
N GLY D 168 -25.83 27.71 31.18
CA GLY D 168 -25.50 28.77 32.13
C GLY D 168 -24.64 29.86 31.54
N SER D 169 -24.47 30.95 32.31
CA SER D 169 -23.73 32.14 31.88
C SER D 169 -23.13 32.92 33.05
N LYS D 170 -24.02 33.51 33.89
CA LYS D 170 -23.74 34.37 35.04
C LYS D 170 -22.80 33.79 36.11
N THR D 171 -22.76 32.46 36.29
CA THR D 171 -21.87 31.88 37.32
C THR D 171 -20.70 31.11 36.69
N ASP D 172 -19.55 31.15 37.39
CA ASP D 172 -18.32 30.45 37.01
C ASP D 172 -18.64 28.96 36.90
N LEU D 173 -18.35 28.35 35.73
CA LEU D 173 -18.55 26.92 35.56
C LEU D 173 -17.26 26.23 36.05
N PHE D 174 -17.29 25.75 37.34
CA PHE D 174 -16.19 25.07 38.05
C PHE D 174 -15.68 23.92 37.21
N VAL D 175 -14.36 23.64 37.29
CA VAL D 175 -13.78 22.56 36.49
C VAL D 175 -14.39 21.18 36.80
N HIS D 176 -14.58 20.41 35.73
CA HIS D 176 -15.12 19.06 35.77
C HIS D 176 -14.75 18.28 34.52
N THR D 177 -14.65 16.96 34.68
CA THR D 177 -14.53 16.05 33.56
C THR D 177 -16.02 15.81 33.18
N GLU D 178 -16.30 15.56 31.92
CA GLU D 178 -17.66 15.35 31.45
C GLU D 178 -18.27 14.06 32.02
N ASP D 179 -19.51 14.16 32.50
CA ASP D 179 -20.33 13.09 33.05
C ASP D 179 -19.62 12.23 34.08
N ALA D 180 -19.10 12.89 35.14
CA ALA D 180 -18.38 12.26 36.27
C ALA D 180 -19.25 11.22 37.02
N PHE D 181 -20.58 11.35 36.90
CA PHE D 181 -21.58 10.48 37.52
C PHE D 181 -21.82 9.18 36.70
N LEU D 182 -21.21 9.06 35.51
CA LEU D 182 -21.31 7.87 34.67
C LEU D 182 -20.05 7.02 34.72
N SER D 183 -20.18 5.69 34.84
CA SER D 183 -19.03 4.75 34.79
C SER D 183 -18.46 4.69 33.36
N ASN D 184 -19.30 5.02 32.35
CA ASN D 184 -18.95 4.98 30.91
C ASN D 184 -18.99 6.36 30.28
N GLN D 185 -18.44 7.36 30.98
CA GLN D 185 -18.33 8.76 30.55
C GLN D 185 -17.45 8.81 29.28
N ALA D 186 -17.60 9.86 28.46
CA ALA D 186 -16.81 10.03 27.23
C ALA D 186 -15.30 9.86 27.44
N ASP D 187 -14.62 9.31 26.45
CA ASP D 187 -13.18 9.18 26.49
C ASP D 187 -12.57 10.47 25.96
N PHE D 188 -13.14 11.02 24.85
CA PHE D 188 -12.66 12.23 24.19
C PHE D 188 -13.77 13.20 23.95
N LEU D 189 -13.44 14.49 24.07
CA LEU D 189 -14.38 15.59 23.87
C LEU D 189 -13.80 16.58 22.89
N SER D 190 -14.65 17.18 22.07
CA SER D 190 -14.23 18.30 21.23
C SER D 190 -15.18 19.46 21.49
N PHE D 191 -14.63 20.68 21.60
CA PHE D 191 -15.39 21.91 21.78
C PHE D 191 -15.00 22.85 20.65
N LEU D 192 -15.88 22.99 19.65
CA LEU D 192 -15.66 23.87 18.50
C LEU D 192 -16.33 25.22 18.79
N TYR D 193 -15.54 26.28 18.85
CA TYR D 193 -16.05 27.61 19.16
C TYR D 193 -16.49 28.36 17.90
N LEU D 194 -17.80 28.49 17.72
CA LEU D 194 -18.35 29.20 16.57
C LEU D 194 -18.34 30.71 16.84
N ARG D 195 -18.54 31.11 18.11
CA ARG D 195 -18.60 32.50 18.59
C ARG D 195 -18.19 32.64 20.07
N ASN D 196 -17.35 33.64 20.37
CA ASN D 196 -16.91 33.95 21.73
C ASN D 196 -16.57 35.44 21.84
N GLU D 197 -17.53 36.30 21.39
CA GLU D 197 -17.37 37.73 21.40
C GLU D 197 -17.42 38.31 22.83
N GLU D 198 -17.97 37.53 23.79
CA GLU D 198 -18.00 37.88 25.21
C GLU D 198 -16.58 37.72 25.81
N ARG D 199 -15.66 37.06 25.07
CA ARG D 199 -14.26 36.77 25.40
C ARG D 199 -14.12 35.93 26.70
N VAL D 200 -14.97 34.90 26.82
CA VAL D 200 -15.03 33.97 27.94
C VAL D 200 -13.80 33.01 27.94
N PRO D 201 -12.96 33.01 29.00
CA PRO D 201 -11.82 32.07 29.00
C PRO D 201 -12.30 30.63 29.14
N SER D 202 -11.61 29.71 28.47
CA SER D 202 -11.89 28.28 28.56
C SER D 202 -10.94 27.70 29.61
N THR D 203 -11.47 27.38 30.81
CA THR D 203 -10.60 26.90 31.88
C THR D 203 -10.35 25.39 31.74
N LEU D 204 -9.09 25.01 31.98
CA LEU D 204 -8.66 23.63 31.88
C LEU D 204 -7.88 23.25 33.12
N TYR D 205 -7.99 21.98 33.50
CA TYR D 205 -7.27 21.47 34.66
C TYR D 205 -6.83 20.03 34.38
N SER D 206 -5.52 19.77 34.44
CA SER D 206 -4.98 18.45 34.19
C SER D 206 -4.50 17.79 35.47
N ILE D 207 -4.83 16.49 35.62
CA ILE D 207 -4.32 15.67 36.73
C ILE D 207 -2.76 15.55 36.60
N ARG D 208 -2.23 15.69 35.37
CA ARG D 208 -0.78 15.65 35.13
C ARG D 208 -0.04 16.90 35.61
N SER D 209 -0.75 18.01 35.89
CA SER D 209 -0.18 19.25 36.41
C SER D 209 0.33 19.07 37.86
N HIS D 210 -0.10 17.99 38.57
CA HIS D 210 0.34 17.68 39.93
C HIS D 210 1.74 17.07 39.95
N GLY D 211 2.17 16.54 38.80
CA GLY D 211 3.46 15.87 38.70
C GLY D 211 3.36 14.49 39.34
N LYS D 212 4.38 14.13 40.10
CA LYS D 212 4.53 12.85 40.77
C LYS D 212 3.37 12.54 41.72
N MET D 213 2.89 11.30 41.72
CA MET D 213 1.86 10.80 42.63
C MET D 213 2.31 11.15 44.06
N ASN D 214 1.38 11.67 44.88
CA ASN D 214 1.65 12.10 46.24
C ASN D 214 0.55 11.59 47.21
N PRO D 215 0.73 11.68 48.55
CA PRO D 215 -0.29 11.15 49.50
C PRO D 215 -1.69 11.75 49.42
N VAL D 216 -1.82 13.01 48.98
CA VAL D 216 -3.11 13.68 48.85
C VAL D 216 -3.90 13.03 47.70
N MET D 217 -3.23 12.83 46.57
CA MET D 217 -3.78 12.18 45.40
C MET D 217 -4.09 10.71 45.66
N LYS D 218 -3.20 9.96 46.37
CA LYS D 218 -3.37 8.53 46.68
C LYS D 218 -4.73 8.18 47.33
N LYS D 219 -5.25 9.06 48.19
CA LYS D 219 -6.53 8.87 48.88
C LYS D 219 -7.72 8.83 47.93
N LEU D 220 -7.59 9.47 46.75
CA LEU D 220 -8.63 9.54 45.73
C LEU D 220 -8.86 8.23 44.96
N PHE D 221 -7.95 7.24 45.10
CA PHE D 221 -8.11 5.91 44.51
C PHE D 221 -9.17 5.08 45.26
N GLU D 222 -9.49 5.47 46.50
CA GLU D 222 -10.49 4.80 47.35
C GLU D 222 -11.89 4.98 46.76
N PRO D 223 -12.68 3.90 46.57
CA PRO D 223 -14.03 4.09 45.97
C PRO D 223 -15.08 4.55 46.99
N ILE D 224 -14.80 5.69 47.67
CA ILE D 224 -15.61 6.23 48.77
C ILE D 224 -16.30 7.58 48.49
N TYR D 225 -16.21 8.09 47.25
CA TYR D 225 -16.73 9.40 46.89
C TYR D 225 -18.07 9.37 46.17
N GLN D 226 -18.94 10.32 46.51
CA GLN D 226 -20.22 10.49 45.83
C GLN D 226 -19.95 11.22 44.52
N CYS D 227 -20.59 10.79 43.41
CA CYS D 227 -20.49 11.44 42.10
C CYS D 227 -21.91 11.80 41.69
N PRO D 228 -22.51 12.88 42.27
CA PRO D 228 -23.92 13.20 41.93
C PRO D 228 -24.16 13.63 40.48
N LYS D 229 -25.40 13.44 39.98
CA LYS D 229 -25.83 13.85 38.62
C LYS D 229 -25.86 15.40 38.58
N ASP D 230 -25.26 16.01 37.52
CA ASP D 230 -25.06 17.46 37.34
C ASP D 230 -26.33 18.34 37.53
N SER D 241 -28.07 8.05 50.23
CA SER D 241 -26.97 8.32 49.31
C SER D 241 -26.67 7.15 48.37
N GLY D 242 -26.53 7.49 47.09
CA GLY D 242 -26.29 6.56 46.00
C GLY D 242 -24.96 5.82 45.98
N PRO D 243 -24.57 5.26 44.81
CA PRO D 243 -23.31 4.50 44.74
C PRO D 243 -22.08 5.40 44.79
N THR D 244 -20.98 4.87 45.34
CA THR D 244 -19.74 5.62 45.45
C THR D 244 -18.75 5.16 44.39
N ALA D 245 -17.76 6.01 44.10
CA ALA D 245 -16.72 5.69 43.13
C ALA D 245 -15.38 6.36 43.53
N SER D 246 -14.30 5.96 42.85
CA SER D 246 -12.97 6.53 43.05
C SER D 246 -12.87 7.80 42.21
N VAL D 247 -12.14 8.80 42.69
CA VAL D 247 -11.89 10.02 41.89
C VAL D 247 -10.70 9.68 40.96
N LEU D 248 -9.71 8.94 41.47
CA LEU D 248 -8.55 8.51 40.66
C LEU D 248 -8.65 7.05 40.35
N TYR D 249 -8.23 6.65 39.13
CA TYR D 249 -8.29 5.25 38.69
C TYR D 249 -7.23 5.03 37.58
N GLY D 250 -7.20 3.85 36.99
CA GLY D 250 -6.21 3.53 35.98
C GLY D 250 -4.86 3.21 36.60
N ASN D 251 -3.78 3.68 36.00
CA ASN D 251 -2.44 3.44 36.51
C ASN D 251 -2.21 4.18 37.84
N ARG D 252 -1.60 3.48 38.82
CA ARG D 252 -1.32 3.98 40.17
C ARG D 252 -0.34 5.16 40.25
N GLU D 253 0.59 5.26 39.29
N GLU D 253 0.58 5.29 39.29
CA GLU D 253 1.63 6.30 39.21
CA GLU D 253 1.56 6.37 39.27
C GLU D 253 1.15 7.50 38.39
C GLU D 253 1.11 7.54 38.39
N LEU D 254 0.43 7.22 37.27
CA LEU D 254 -0.07 8.19 36.27
C LEU D 254 -1.55 7.93 36.07
N PRO D 255 -2.41 8.43 36.99
CA PRO D 255 -3.83 8.06 36.95
C PRO D 255 -4.69 8.81 35.96
N PHE D 256 -5.92 8.34 35.88
CA PHE D 256 -7.05 8.96 35.18
C PHE D 256 -7.93 9.56 36.28
N ILE D 257 -8.75 10.54 35.92
CA ILE D 257 -9.60 11.27 36.85
C ILE D 257 -11.06 11.39 36.41
N ARG D 258 -11.97 11.28 37.38
CA ARG D 258 -13.39 11.61 37.30
C ARG D 258 -13.62 12.61 38.43
N PHE D 259 -13.91 13.86 38.07
CA PHE D 259 -14.02 14.89 39.08
C PHE D 259 -14.95 16.01 38.67
N ASP D 260 -15.70 16.53 39.63
CA ASP D 260 -16.62 17.65 39.46
C ASP D 260 -16.57 18.44 40.76
N ALA D 261 -15.76 19.53 40.80
CA ALA D 261 -15.61 20.36 42.01
C ALA D 261 -16.95 20.86 42.54
N ALA D 262 -17.80 21.41 41.64
CA ALA D 262 -19.12 21.98 42.00
C ALA D 262 -20.07 20.91 42.57
N GLU D 263 -20.19 19.76 41.92
CA GLU D 263 -21.10 18.69 42.35
C GLU D 263 -20.57 17.81 43.47
N GLN D 264 -19.24 17.60 43.57
CA GLN D 264 -18.63 16.72 44.57
C GLN D 264 -18.21 17.42 45.84
N ILE D 265 -17.81 18.69 45.75
CA ILE D 265 -17.33 19.43 46.92
C ILE D 265 -18.28 20.54 47.37
N PHE D 266 -18.56 21.50 46.48
CA PHE D 266 -19.31 22.71 46.82
C PHE D 266 -20.83 22.58 46.70
N ASN D 267 -21.33 21.34 46.70
CA ASN D 267 -22.73 20.99 46.67
C ASN D 267 -23.08 20.56 48.10
N GLU D 268 -24.01 21.29 48.76
CA GLU D 268 -24.44 20.97 50.12
C GLU D 268 -25.09 19.60 50.22
N ASN D 269 -25.79 19.17 49.14
CA ASN D 269 -26.48 17.88 49.05
C ASN D 269 -25.66 16.76 48.41
N ALA D 270 -24.32 16.95 48.27
CA ALA D 270 -23.44 15.91 47.69
C ALA D 270 -23.44 14.64 48.53
N GLY D 271 -23.64 14.78 49.84
CA GLY D 271 -23.72 13.67 50.79
C GLY D 271 -22.43 12.91 51.02
N GLN D 272 -21.29 13.62 50.98
CA GLN D 272 -19.97 13.01 51.19
C GLN D 272 -19.80 12.69 52.67
N THR D 273 -19.00 11.66 53.00
CA THR D 273 -18.67 11.37 54.40
C THR D 273 -17.62 12.44 54.77
N SER D 274 -17.40 12.68 56.10
CA SER D 274 -16.41 13.65 56.54
C SER D 274 -14.99 13.27 56.07
N GLU D 275 -14.68 11.97 56.04
CA GLU D 275 -13.42 11.43 55.56
C GLU D 275 -13.27 11.77 54.06
N ALA D 276 -14.33 11.48 53.24
CA ALA D 276 -14.29 11.74 51.79
C ALA D 276 -14.22 13.22 51.48
N LEU D 277 -15.02 14.05 52.16
CA LEU D 277 -15.00 15.50 51.98
C LEU D 277 -13.63 16.11 52.32
N GLY D 278 -13.02 15.64 53.44
CA GLY D 278 -11.69 16.06 53.85
C GLY D 278 -10.64 15.77 52.79
N ASN D 279 -10.70 14.54 52.19
CA ASN D 279 -9.81 14.11 51.12
C ASN D 279 -9.97 14.98 49.87
N LEU D 280 -11.22 15.33 49.52
CA LEU D 280 -11.55 16.17 48.35
C LEU D 280 -11.09 17.61 48.54
N MET D 281 -11.20 18.13 49.76
CA MET D 281 -10.78 19.48 50.13
C MET D 281 -9.24 19.60 50.08
N ASP D 282 -8.54 18.58 50.59
CA ASP D 282 -7.06 18.52 50.52
C ASP D 282 -6.61 18.49 49.06
N PHE D 283 -7.34 17.72 48.22
CA PHE D 283 -7.08 17.62 46.79
C PHE D 283 -7.35 18.96 46.09
N TRP D 284 -8.52 19.57 46.39
CA TRP D 284 -8.92 20.84 45.81
C TRP D 284 -7.94 21.97 46.14
N ASP D 285 -7.36 21.97 47.38
CA ASP D 285 -6.36 22.94 47.77
C ASP D 285 -5.13 22.93 46.86
N GLU D 286 -4.72 21.72 46.46
CA GLU D 286 -3.59 21.47 45.59
C GLU D 286 -3.99 21.76 44.13
N ALA D 287 -5.18 21.28 43.68
CA ALA D 287 -5.66 21.41 42.30
C ALA D 287 -6.05 22.84 41.86
N LYS D 288 -6.63 23.64 42.76
CA LYS D 288 -7.06 24.99 42.39
C LYS D 288 -5.95 25.90 41.90
N THR D 289 -4.71 25.71 42.39
CA THR D 289 -3.54 26.52 41.98
C THR D 289 -3.04 26.10 40.58
N LEU D 290 -3.50 24.92 40.11
CA LEU D 290 -3.07 24.33 38.83
C LEU D 290 -4.04 24.59 37.68
N ILE D 291 -5.21 25.19 37.96
CA ILE D 291 -6.23 25.53 36.94
C ILE D 291 -5.66 26.58 35.97
N ASN D 292 -5.80 26.32 34.66
CA ASN D 292 -5.30 27.20 33.61
C ASN D 292 -6.48 27.89 32.90
N SER D 293 -6.57 29.20 33.03
CA SER D 293 -7.61 30.05 32.44
C SER D 293 -7.03 31.04 31.44
N ASP D 294 -5.79 30.79 30.97
CA ASP D 294 -5.09 31.67 30.03
C ASP D 294 -5.72 31.72 28.64
N TYR D 295 -6.26 30.60 28.15
CA TYR D 295 -6.78 30.55 26.80
C TYR D 295 -8.21 31.10 26.65
N ILE D 296 -8.36 32.10 25.76
CA ILE D 296 -9.64 32.69 25.40
C ILE D 296 -9.91 32.30 23.94
N PRO D 297 -10.81 31.33 23.70
CA PRO D 297 -11.06 30.90 22.31
C PRO D 297 -11.61 31.96 21.37
N ASN D 298 -11.20 31.87 20.10
CA ASN D 298 -11.70 32.72 19.02
C ASN D 298 -12.59 31.84 18.16
N SER D 299 -13.39 32.47 17.31
CA SER D 299 -14.27 31.81 16.35
C SER D 299 -13.40 30.91 15.46
N GLY D 300 -13.75 29.62 15.38
CA GLY D 300 -13.04 28.65 14.58
C GLY D 300 -12.02 27.83 15.34
N ASP D 301 -11.81 28.13 16.65
CA ASP D 301 -10.90 27.32 17.48
C ASP D 301 -11.62 26.06 17.95
N LEU D 302 -10.87 24.99 18.11
CA LEU D 302 -11.41 23.74 18.63
C LEU D 302 -10.49 23.24 19.74
N ILE D 303 -11.06 22.93 20.89
CA ILE D 303 -10.32 22.33 22.02
C ILE D 303 -10.66 20.82 22.03
N PHE D 304 -9.62 19.97 21.96
CA PHE D 304 -9.77 18.54 21.94
C PHE D 304 -9.21 18.02 23.28
N VAL D 305 -10.04 17.28 24.04
CA VAL D 305 -9.74 16.85 25.40
C VAL D 305 -9.83 15.35 25.60
N ASN D 306 -8.85 14.80 26.33
CA ASN D 306 -8.86 13.44 26.85
C ASN D 306 -9.61 13.62 28.18
N ASN D 307 -10.90 13.23 28.17
CA ASN D 307 -11.81 13.35 29.31
C ASN D 307 -11.39 12.55 30.57
N HIS D 308 -10.36 11.70 30.46
CA HIS D 308 -9.80 10.93 31.58
C HIS D 308 -8.61 11.65 32.21
N LEU D 309 -8.08 12.71 31.56
CA LEU D 309 -6.92 13.44 32.05
C LEU D 309 -7.18 14.89 32.43
N CYS D 310 -8.06 15.54 31.70
CA CYS D 310 -8.25 16.96 31.77
C CYS D 310 -9.68 17.34 31.99
N ALA D 311 -9.92 18.12 33.05
CA ALA D 311 -11.22 18.70 33.40
C ALA D 311 -11.34 20.04 32.66
N HIS D 312 -12.55 20.48 32.42
CA HIS D 312 -12.79 21.75 31.75
C HIS D 312 -13.83 22.58 32.49
N GLY D 313 -13.93 23.85 32.11
CA GLY D 313 -14.89 24.81 32.62
C GLY D 313 -14.74 26.13 31.88
N ARG D 314 -15.41 27.17 32.39
CA ARG D 314 -15.38 28.54 31.83
C ARG D 314 -15.78 29.53 32.89
N SER D 315 -15.19 30.73 32.85
CA SER D 315 -15.49 31.81 33.79
C SER D 315 -16.92 32.35 33.58
N ALA D 316 -17.42 33.13 34.56
CA ALA D 316 -18.75 33.73 34.51
C ALA D 316 -18.78 34.77 33.40
N PHE D 317 -19.95 34.98 32.78
CA PHE D 317 -20.14 35.98 31.72
C PHE D 317 -21.59 36.39 31.52
N ILE D 318 -21.80 37.56 30.91
CA ILE D 318 -23.13 38.03 30.55
C ILE D 318 -23.22 37.70 29.06
N ALA D 319 -24.17 36.83 28.66
CA ALA D 319 -24.32 36.43 27.26
C ALA D 319 -24.68 37.62 26.36
N GLY D 320 -23.94 37.76 25.26
CA GLY D 320 -24.10 38.85 24.29
C GLY D 320 -23.47 40.18 24.68
N GLN D 321 -22.53 40.19 25.68
CA GLN D 321 -21.85 41.40 26.21
C GLN D 321 -20.46 41.15 26.82
N ARG D 322 -19.54 42.15 26.71
CA ARG D 322 -18.18 42.14 27.28
C ARG D 322 -17.75 43.55 27.80
N ILE D 323 -16.82 43.60 28.80
CA ILE D 323 -16.35 44.84 29.42
C ILE D 323 -14.80 44.97 29.41
N GLU D 324 -14.29 46.17 29.07
CA GLU D 324 -12.87 46.54 29.04
C GLU D 324 -12.65 47.74 29.98
N ASN D 325 -13.09 47.60 31.26
CA ASN D 325 -13.06 48.61 32.34
C ASN D 325 -13.77 49.94 32.00
N GLY D 326 -14.39 49.97 30.82
CA GLY D 326 -15.13 51.10 30.30
C GLY D 326 -16.54 50.72 29.89
N GLU D 327 -16.92 51.11 28.65
CA GLU D 327 -18.25 50.87 28.08
C GLU D 327 -18.55 49.39 27.78
N ILE D 328 -19.81 48.99 27.99
CA ILE D 328 -20.36 47.66 27.69
C ILE D 328 -20.42 47.57 26.17
N ILE D 329 -19.83 46.51 25.61
CA ILE D 329 -19.83 46.27 24.18
C ILE D 329 -20.79 45.11 23.89
N LYS D 330 -21.90 45.43 23.19
CA LYS D 330 -22.91 44.43 22.79
C LYS D 330 -22.29 43.53 21.73
N CYS D 331 -22.48 42.21 21.90
CA CYS D 331 -21.95 41.16 21.05
C CYS D 331 -23.06 40.18 20.67
N GLU D 332 -22.76 39.29 19.72
CA GLU D 332 -23.66 38.18 19.38
C GLU D 332 -23.35 37.11 20.48
N ARG D 333 -24.33 36.23 20.80
CA ARG D 333 -24.21 35.28 21.90
C ARG D 333 -23.31 34.09 21.57
N ARG D 334 -22.58 33.62 22.60
CA ARG D 334 -21.65 32.50 22.60
C ARG D 334 -22.29 31.26 22.02
N GLN D 335 -21.58 30.62 21.10
CA GLN D 335 -22.02 29.40 20.46
C GLN D 335 -20.85 28.47 20.28
N MET D 336 -20.97 27.29 20.87
CA MET D 336 -19.95 26.27 20.85
C MET D 336 -20.62 24.94 20.50
N LEU D 337 -19.91 24.07 19.77
CA LEU D 337 -20.39 22.74 19.40
C LEU D 337 -19.60 21.66 20.13
N ARG D 338 -20.31 20.72 20.79
CA ARG D 338 -19.69 19.64 21.56
C ARG D 338 -19.95 18.26 20.94
N MET D 339 -18.90 17.47 20.84
CA MET D 339 -18.95 16.09 20.37
C MET D 339 -18.16 15.24 21.37
N MET D 340 -18.71 14.07 21.69
CA MET D 340 -18.17 13.10 22.64
C MET D 340 -17.97 11.77 21.94
N SER D 341 -16.91 11.08 22.31
CA SER D 341 -16.60 9.79 21.73
C SER D 341 -16.05 8.77 22.72
N LYS D 342 -16.20 7.48 22.36
CA LYS D 342 -15.70 6.32 23.11
C LYS D 342 -14.79 5.49 22.19
N THR D 343 -13.65 5.04 22.72
CA THR D 343 -12.65 4.27 21.94
C THR D 343 -13.07 2.81 21.76
N SER D 344 -13.99 2.31 22.61
CA SER D 344 -14.49 0.96 22.53
C SER D 344 -16.02 0.84 22.68
N LEU D 345 -16.66 0.27 21.65
CA LEU D 345 -18.10 -0.05 21.71
C LEU D 345 -18.34 -1.34 22.51
N ILE D 346 -17.31 -2.17 22.66
CA ILE D 346 -17.38 -3.45 23.38
C ILE D 346 -17.64 -3.25 24.90
N HIS D 347 -16.79 -2.45 25.58
CA HIS D 347 -16.85 -2.27 27.04
C HIS D 347 -18.07 -1.48 27.51
N ILE D 348 -18.74 -0.74 26.60
CA ILE D 348 -19.99 0.00 26.93
C ILE D 348 -21.24 -0.78 26.53
N ARG D 349 -21.08 -1.97 25.93
CA ARG D 349 -22.18 -2.73 25.38
C ARG D 349 -23.30 -3.07 26.39
N SER D 350 -22.97 -3.28 27.68
N SER D 350 -22.96 -3.26 27.68
CA SER D 350 -24.00 -3.58 28.69
CA SER D 350 -23.91 -3.55 28.76
C SER D 350 -24.93 -2.38 28.97
C SER D 350 -24.86 -2.37 29.04
N VAL D 351 -24.53 -1.15 28.56
CA VAL D 351 -25.32 0.08 28.81
C VAL D 351 -25.85 0.76 27.52
N THR D 352 -25.62 0.17 26.34
CA THR D 352 -26.11 0.79 25.12
C THR D 352 -27.43 0.18 24.65
N ARG D 353 -28.15 0.89 23.76
CA ARG D 353 -29.40 0.42 23.18
C ARG D 353 -29.10 -0.82 22.35
N THR D 354 -29.98 -1.83 22.42
CA THR D 354 -29.85 -3.10 21.68
C THR D 354 -29.63 -2.85 20.19
N ASP D 355 -30.43 -1.96 19.59
CA ASP D 355 -30.36 -1.62 18.17
C ASP D 355 -29.43 -0.45 17.83
N ASP D 356 -28.76 0.15 18.84
CA ASP D 356 -27.79 1.24 18.62
C ASP D 356 -26.60 1.17 19.61
N PRO D 357 -25.48 0.53 19.21
CA PRO D 357 -24.33 0.41 20.13
C PRO D 357 -23.57 1.72 20.38
N TYR D 358 -24.02 2.84 19.79
CA TYR D 358 -23.43 4.18 19.96
C TYR D 358 -24.28 5.04 20.92
N PHE D 359 -25.39 4.49 21.43
CA PHE D 359 -26.32 5.23 22.28
C PHE D 359 -26.31 4.71 23.71
N ILE D 360 -25.66 5.47 24.61
CA ILE D 360 -25.49 5.12 26.02
C ILE D 360 -26.73 5.50 26.85
N MET D 361 -27.31 4.46 27.48
CA MET D 361 -28.52 4.51 28.31
C MET D 361 -28.23 4.56 29.80
N GLU D 362 -26.95 4.68 30.18
CA GLU D 362 -26.54 4.74 31.58
C GLU D 362 -27.04 6.03 32.25
N GLU D 363 -27.53 5.90 33.49
CA GLU D 363 -28.05 6.98 34.31
C GLU D 363 -27.08 7.42 35.40
N HIS D 364 -26.54 6.48 36.19
CA HIS D 364 -25.68 6.81 37.32
C HIS D 364 -24.85 5.62 37.76
N LEU D 365 -23.53 5.73 37.64
CA LEU D 365 -22.50 4.75 38.02
C LEU D 365 -22.94 3.26 37.89
N GLY D 366 -23.31 2.87 36.67
CA GLY D 366 -23.71 1.50 36.37
C GLY D 366 -25.19 1.30 36.16
N LYS D 367 -26.01 2.09 36.88
CA LYS D 367 -27.46 2.03 36.80
C LYS D 367 -27.91 2.64 35.47
N ILE D 368 -28.79 1.94 34.77
CA ILE D 368 -29.37 2.30 33.49
C ILE D 368 -30.71 3.01 33.70
N PHE D 369 -31.02 4.01 32.86
CA PHE D 369 -32.28 4.74 32.90
C PHE D 369 -33.44 3.76 32.78
N ASP D 370 -34.37 3.82 33.73
CA ASP D 370 -35.53 2.94 33.71
C ASP D 370 -36.54 3.56 32.74
N LEU D 371 -36.56 3.05 31.50
CA LEU D 371 -37.45 3.49 30.42
C LEU D 371 -38.74 2.67 30.39
N ASP D 372 -39.75 3.14 31.14
CA ASP D 372 -41.04 2.47 31.29
C ASP D 372 -41.99 2.68 30.08
FE FE E . 15.54 -18.84 -32.74
N LYS F . 12.94 -22.76 -31.73
CA LYS F . 13.50 -24.11 -31.64
C LYS F . 12.96 -25.02 -32.75
O LYS F . 11.94 -25.70 -32.55
CB LYS F . 13.28 -24.73 -30.24
CG LYS F . 13.72 -23.88 -29.05
CD LYS F . 15.12 -24.16 -28.57
CE LYS F . 15.70 -22.93 -27.94
NZ LYS F . 16.80 -23.25 -26.99
OXT LYS F . 13.57 -25.05 -33.84
N LYS G . 8.99 -21.57 -36.71
CA LYS G . 9.47 -20.20 -36.77
C LYS G . 9.10 -19.54 -38.13
O LYS G . 9.04 -18.28 -38.20
CB LYS G . 10.98 -20.14 -36.40
CG LYS G . 11.85 -18.99 -36.97
CD LYS G . 12.94 -18.47 -36.00
CE LYS G . 14.11 -19.40 -35.72
NZ LYS G . 15.06 -19.50 -36.87
OXT LYS G . 8.76 -20.27 -39.09
FE FE H . 13.98 22.86 -20.69
N LYS I . 17.88 22.12 -19.70
CA LYS I . 18.00 23.53 -19.33
C LYS I . 17.83 23.69 -17.80
O LYS I . 16.68 23.77 -17.30
CB LYS I . 16.98 24.37 -20.13
CG LYS I . 17.51 25.74 -20.54
CD LYS I . 17.06 26.11 -21.97
CE LYS I . 18.19 26.14 -22.96
NZ LYS I . 17.74 25.87 -24.36
OXT LYS I . 18.87 23.66 -17.09
FE FE J . -6.76 -20.50 22.19
N LYS K . -0.34 -19.99 24.86
CA LYS K . -0.82 -21.25 24.29
C LYS K . -0.11 -21.57 22.95
O LYS K . -0.63 -21.22 21.87
CB LYS K . -2.35 -21.27 24.14
CG LYS K . -3.09 -21.22 25.47
CD LYS K . -4.60 -21.42 25.31
CE LYS K . -5.04 -22.85 25.53
NZ LYS K . -6.51 -23.00 25.40
OXT LYS K . 1.00 -22.16 22.99
C1 GOL L . 11.83 -26.81 4.21
O1 GOL L . 11.72 -27.04 5.60
C2 GOL L . 10.52 -26.33 3.62
O2 GOL L . 10.74 -25.84 2.30
C3 GOL L . 9.49 -27.44 3.57
O3 GOL L . 8.25 -26.95 3.09
FE FE M . -18.88 19.98 30.75
N LYS N . -21.91 18.92 31.15
CA LYS N . -22.86 19.79 31.85
C LYS N . -23.93 20.26 30.86
O LYS N . -25.12 19.98 31.11
CB LYS N . -22.12 20.97 32.50
CG LYS N . -22.23 21.06 34.04
CD LYS N . -21.18 20.24 34.81
CE LYS N . -21.09 20.60 36.28
NZ LYS N . -20.10 21.69 36.58
OXT LYS N . -23.57 20.82 29.80
C1 GOL O . -16.28 11.03 -0.32
O1 GOL O . -15.32 11.81 0.37
C2 GOL O . -16.31 9.62 0.22
O2 GOL O . -15.06 8.98 0.02
C3 GOL O . -17.41 8.80 -0.44
O3 GOL O . -17.53 7.54 0.18
#